data_1AIW
#
_entry.id   1AIW
#
_cell.length_a   1.000
_cell.length_b   1.000
_cell.length_c   1.000
_cell.angle_alpha   90.00
_cell.angle_beta   90.00
_cell.angle_gamma   90.00
#
_symmetry.space_group_name_H-M   'P 1'
#
_entity_poly.entity_id   1
_entity_poly.type   'polypeptide(L)'
_entity_poly.pdbx_seq_one_letter_code
;MGDCANANVYPNWVSKDWAGGQPTHNEAGQSIVYKGNLYTANWYTASVPGSDSSWTQVGSCN
;
_entity_poly.pdbx_strand_id   A
#
# COMPACT_ATOMS: atom_id res chain seq x y z
N MET A 1 -10.36 8.09 -12.35
CA MET A 1 -11.43 7.91 -11.38
C MET A 1 -10.88 7.22 -10.14
N GLY A 2 -10.39 5.98 -10.31
CA GLY A 2 -9.82 5.21 -9.22
C GLY A 2 -8.47 5.80 -8.78
N ASP A 3 -8.04 5.48 -7.55
CA ASP A 3 -6.80 5.97 -6.97
C ASP A 3 -5.57 5.74 -7.86
N CYS A 4 -5.59 4.67 -8.68
CA CYS A 4 -4.52 4.35 -9.62
C CYS A 4 -5.09 4.18 -11.03
N ALA A 5 -6.01 3.21 -11.12
CA ALA A 5 -6.73 2.74 -12.30
C ALA A 5 -7.25 1.36 -11.90
N ASN A 6 -6.33 0.41 -11.71
CA ASN A 6 -6.63 -0.95 -11.34
C ASN A 6 -5.47 -1.61 -10.60
N ALA A 7 -4.60 -0.82 -9.93
CA ALA A 7 -3.48 -1.37 -9.18
C ALA A 7 -3.90 -1.63 -7.73
N ASN A 8 -2.95 -1.85 -6.82
CA ASN A 8 -3.27 -2.07 -5.42
C ASN A 8 -3.68 -0.75 -4.77
N VAL A 9 -4.98 -0.45 -4.84
CA VAL A 9 -5.57 0.74 -4.27
C VAL A 9 -5.85 0.47 -2.79
N TYR A 10 -5.26 1.19 -1.84
CA TYR A 10 -5.57 1.00 -0.43
C TYR A 10 -7.09 0.90 -0.21
N PRO A 11 -7.59 -0.05 0.60
CA PRO A 11 -6.88 -1.05 1.38
C PRO A 11 -6.61 -2.39 0.68
N ASN A 12 -6.37 -2.41 -0.64
CA ASN A 12 -6.01 -3.64 -1.36
C ASN A 12 -4.55 -3.99 -1.02
N TRP A 13 -4.28 -4.27 0.26
CA TRP A 13 -2.98 -4.66 0.77
C TRP A 13 -2.38 -5.83 -0.03
N VAL A 14 -1.08 -5.99 0.08
CA VAL A 14 -0.38 -7.08 -0.59
C VAL A 14 -0.45 -8.38 0.21
N SER A 15 -0.50 -8.34 1.54
CA SER A 15 -0.52 -9.58 2.32
C SER A 15 -1.20 -9.49 3.69
N LYS A 16 -1.44 -10.69 4.25
CA LYS A 16 -1.95 -11.03 5.54
C LYS A 16 -0.84 -11.22 6.55
N ASP A 17 0.31 -11.66 6.02
CA ASP A 17 1.54 -12.07 6.65
C ASP A 17 2.16 -13.02 5.62
N TRP A 18 1.31 -13.89 5.06
CA TRP A 18 1.62 -14.86 4.03
C TRP A 18 0.78 -14.54 2.78
N ALA A 19 1.05 -15.25 1.68
CA ALA A 19 0.41 -15.00 0.40
C ALA A 19 -1.08 -15.38 0.36
N GLY A 20 -1.39 -16.64 0.65
CA GLY A 20 -2.76 -17.15 0.55
C GLY A 20 -3.76 -16.51 1.51
N GLY A 21 -3.33 -16.00 2.67
CA GLY A 21 -4.26 -15.40 3.60
C GLY A 21 -4.89 -14.12 3.04
N GLN A 22 -6.17 -13.87 3.31
CA GLN A 22 -6.81 -12.63 2.90
C GLN A 22 -6.03 -11.51 3.59
N PRO A 23 -5.62 -10.43 2.90
CA PRO A 23 -4.74 -9.43 3.50
C PRO A 23 -5.13 -8.80 4.82
N THR A 24 -4.13 -8.13 5.39
CA THR A 24 -4.23 -7.42 6.64
C THR A 24 -3.26 -6.22 6.67
N HIS A 25 -2.30 -6.10 5.73
CA HIS A 25 -1.30 -5.04 5.78
C HIS A 25 -0.29 -5.10 4.63
N ASN A 26 0.57 -4.09 4.57
CA ASN A 26 1.68 -4.02 3.62
C ASN A 26 2.95 -4.14 4.44
N GLU A 27 3.86 -5.01 3.99
CA GLU A 27 5.15 -5.27 4.63
C GLU A 27 6.25 -4.51 3.90
N ALA A 28 7.43 -4.49 4.50
CA ALA A 28 8.62 -3.82 4.01
C ALA A 28 8.82 -4.07 2.52
N GLY A 29 8.92 -3.00 1.73
CA GLY A 29 9.13 -3.07 0.29
C GLY A 29 7.85 -3.31 -0.51
N GLN A 30 6.72 -3.62 0.14
CA GLN A 30 5.46 -3.85 -0.55
C GLN A 30 4.81 -2.49 -0.78
N SER A 31 4.49 -2.20 -2.05
CA SER A 31 3.90 -0.94 -2.47
C SER A 31 2.37 -0.98 -2.50
N ILE A 32 1.77 0.21 -2.58
CA ILE A 32 0.32 0.41 -2.65
C ILE A 32 0.08 1.82 -3.20
N VAL A 33 -1.13 2.11 -3.67
CA VAL A 33 -1.52 3.42 -4.16
C VAL A 33 -2.60 3.95 -3.22
N TYR A 34 -2.61 5.27 -3.03
CA TYR A 34 -3.57 5.98 -2.20
C TYR A 34 -3.73 7.35 -2.85
N LYS A 35 -4.90 7.56 -3.46
CA LYS A 35 -5.29 8.77 -4.18
C LYS A 35 -4.14 9.33 -5.01
N GLY A 36 -3.95 8.74 -6.18
CA GLY A 36 -2.93 9.11 -7.16
C GLY A 36 -1.52 8.70 -6.72
N ASN A 37 -1.12 9.03 -5.49
CA ASN A 37 0.23 8.76 -5.00
C ASN A 37 0.45 7.28 -4.71
N LEU A 38 1.65 6.83 -5.02
CA LEU A 38 2.19 5.50 -4.85
C LEU A 38 3.10 5.54 -3.63
N TYR A 39 2.97 4.59 -2.70
CA TYR A 39 3.80 4.49 -1.51
C TYR A 39 4.28 3.06 -1.33
N THR A 40 5.29 2.89 -0.47
CA THR A 40 5.84 1.62 -0.09
C THR A 40 6.01 1.60 1.41
N ALA A 41 5.77 0.44 2.01
CA ALA A 41 5.92 0.27 3.45
C ALA A 41 7.38 0.04 3.76
N ASN A 42 7.80 0.61 4.89
CA ASN A 42 9.17 0.54 5.37
C ASN A 42 9.41 -0.73 6.16
N TRP A 43 8.40 -1.21 6.89
CA TRP A 43 8.51 -2.39 7.72
C TRP A 43 7.23 -3.23 7.71
N TYR A 44 6.18 -2.72 8.33
CA TYR A 44 4.90 -3.37 8.49
C TYR A 44 3.87 -2.29 8.83
N THR A 45 2.76 -2.17 8.09
CA THR A 45 1.74 -1.19 8.42
C THR A 45 0.44 -1.44 7.65
N ALA A 46 -0.65 -0.98 8.24
CA ALA A 46 -2.00 -1.07 7.71
C ALA A 46 -2.78 0.21 8.05
N SER A 47 -2.09 1.36 8.11
CA SER A 47 -2.71 2.62 8.47
C SER A 47 -3.36 3.29 7.25
N VAL A 48 -2.70 4.32 6.72
CA VAL A 48 -3.12 5.10 5.57
C VAL A 48 -1.83 5.46 4.82
N PRO A 49 -1.62 4.98 3.59
CA PRO A 49 -0.41 5.25 2.84
C PRO A 49 -0.11 6.75 2.73
N GLY A 50 0.97 7.17 3.39
CA GLY A 50 1.44 8.55 3.43
C GLY A 50 1.34 9.13 4.84
N SER A 51 0.42 8.62 5.68
CA SER A 51 0.23 9.13 7.03
C SER A 51 1.33 8.56 7.95
N ASP A 52 2.56 9.01 7.75
CA ASP A 52 3.75 8.61 8.50
C ASP A 52 3.73 7.09 8.70
N SER A 53 3.53 6.61 9.93
CA SER A 53 3.40 5.21 10.31
C SER A 53 4.62 4.37 9.93
N SER A 54 4.80 4.10 8.64
CA SER A 54 5.86 3.32 8.02
C SER A 54 5.70 3.46 6.51
N TRP A 55 5.34 4.65 6.04
CA TRP A 55 5.12 4.91 4.62
C TRP A 55 6.18 5.83 4.06
N THR A 56 6.38 5.70 2.77
CA THR A 56 7.36 6.42 2.00
C THR A 56 6.83 6.47 0.58
N GLN A 57 6.63 7.69 0.05
CA GLN A 57 6.08 7.90 -1.28
C GLN A 57 7.11 7.49 -2.34
N VAL A 58 6.71 6.58 -3.23
CA VAL A 58 7.58 6.11 -4.32
C VAL A 58 7.22 6.77 -5.66
N GLY A 59 6.07 7.43 -5.79
CA GLY A 59 5.69 8.06 -7.04
C GLY A 59 4.20 8.36 -7.06
N SER A 60 3.62 8.32 -8.26
CA SER A 60 2.19 8.54 -8.45
C SER A 60 1.73 7.83 -9.72
N CYS A 61 0.59 7.13 -9.65
CA CYS A 61 -0.02 6.46 -10.79
C CYS A 61 -0.61 7.50 -11.71
N ASN A 62 -1.33 8.43 -11.08
CA ASN A 62 -2.11 9.45 -11.71
C ASN A 62 -2.27 10.58 -10.69
N MET A 1 -7.40 11.73 -5.32
CA MET A 1 -7.35 11.77 -6.78
C MET A 1 -7.59 10.37 -7.34
N GLY A 2 -8.66 9.69 -6.88
CA GLY A 2 -8.96 8.35 -7.34
C GLY A 2 -7.95 7.35 -6.80
N ASP A 3 -7.70 6.30 -7.56
CA ASP A 3 -6.78 5.23 -7.23
C ASP A 3 -6.35 4.57 -8.54
N CYS A 4 -5.06 4.22 -8.65
CA CYS A 4 -4.52 3.59 -9.84
C CYS A 4 -4.92 2.12 -9.92
N ALA A 5 -6.19 1.94 -10.26
CA ALA A 5 -6.98 0.73 -10.43
C ALA A 5 -6.17 -0.55 -10.67
N ASN A 6 -5.25 -0.50 -11.63
CA ASN A 6 -4.40 -1.62 -12.05
C ASN A 6 -3.46 -2.12 -10.95
N ALA A 7 -3.35 -1.43 -9.81
CA ALA A 7 -2.51 -1.82 -8.70
C ALA A 7 -3.33 -1.75 -7.41
N ASN A 8 -3.09 -2.72 -6.52
CA ASN A 8 -3.72 -2.92 -5.21
C ASN A 8 -4.17 -1.61 -4.54
N VAL A 9 -5.47 -1.31 -4.53
CA VAL A 9 -6.00 -0.11 -3.91
C VAL A 9 -6.21 -0.38 -2.41
N TYR A 10 -5.80 0.52 -1.51
CA TYR A 10 -6.02 0.34 -0.08
C TYR A 10 -7.46 -0.14 0.21
N PRO A 11 -7.72 -1.17 1.05
CA PRO A 11 -6.79 -2.02 1.80
C PRO A 11 -6.50 -3.37 1.13
N ASN A 12 -6.29 -3.47 -0.18
CA ASN A 12 -5.95 -4.70 -0.83
C ASN A 12 -4.48 -4.99 -0.54
N TRP A 13 -4.14 -5.20 0.73
CA TRP A 13 -2.77 -5.42 1.14
C TRP A 13 -2.15 -6.57 0.37
N VAL A 14 -0.83 -6.55 0.28
CA VAL A 14 -0.09 -7.59 -0.43
C VAL A 14 0.03 -8.84 0.44
N SER A 15 -0.10 -8.70 1.76
CA SER A 15 0.02 -9.82 2.69
C SER A 15 -0.93 -9.71 3.88
N LYS A 16 -1.06 -10.85 4.56
CA LYS A 16 -1.75 -11.14 5.77
C LYS A 16 -0.77 -11.09 6.94
N ASP A 17 0.45 -11.50 6.62
CA ASP A 17 1.64 -11.75 7.40
C ASP A 17 2.49 -12.60 6.45
N TRP A 18 1.82 -13.56 5.79
CA TRP A 18 2.38 -14.40 4.76
C TRP A 18 1.63 -14.11 3.46
N ALA A 19 2.31 -14.39 2.35
CA ALA A 19 1.86 -14.12 0.99
C ALA A 19 0.48 -14.67 0.64
N GLY A 20 0.29 -15.99 0.72
CA GLY A 20 -0.96 -16.62 0.33
C GLY A 20 -2.12 -16.40 1.30
N GLY A 21 -1.91 -15.74 2.44
CA GLY A 21 -2.99 -15.50 3.37
C GLY A 21 -3.89 -14.38 2.84
N GLN A 22 -5.18 -14.36 3.20
CA GLN A 22 -6.03 -13.25 2.77
C GLN A 22 -5.42 -12.00 3.43
N PRO A 23 -5.42 -10.83 2.80
CA PRO A 23 -4.64 -9.70 3.29
C PRO A 23 -5.07 -9.10 4.62
N THR A 24 -4.15 -8.40 5.28
CA THR A 24 -4.36 -7.73 6.57
C THR A 24 -3.45 -6.50 6.75
N HIS A 25 -2.36 -6.37 5.98
CA HIS A 25 -1.39 -5.27 6.12
C HIS A 25 -0.24 -5.44 5.13
N ASN A 26 0.36 -4.34 4.68
CA ASN A 26 1.48 -4.41 3.77
C ASN A 26 2.75 -4.64 4.59
N GLU A 27 3.63 -5.48 4.02
CA GLU A 27 4.92 -5.82 4.59
C GLU A 27 5.95 -4.82 4.09
N ALA A 28 7.12 -4.81 4.74
CA ALA A 28 8.19 -3.90 4.40
C ALA A 28 8.55 -4.06 2.92
N GLY A 29 8.63 -2.95 2.18
CA GLY A 29 8.95 -2.95 0.77
C GLY A 29 7.75 -3.24 -0.12
N GLN A 30 6.58 -3.61 0.41
CA GLN A 30 5.42 -3.87 -0.42
C GLN A 30 4.69 -2.57 -0.72
N SER A 31 4.16 -2.47 -1.94
CA SER A 31 3.48 -1.26 -2.42
C SER A 31 1.96 -1.38 -2.42
N ILE A 32 1.30 -0.22 -2.54
CA ILE A 32 -0.14 -0.09 -2.58
C ILE A 32 -0.52 1.27 -3.17
N VAL A 33 -1.74 1.38 -3.71
CA VAL A 33 -2.33 2.58 -4.28
C VAL A 33 -3.33 3.18 -3.29
N TYR A 34 -3.59 4.47 -3.51
CA TYR A 34 -4.52 5.34 -2.81
C TYR A 34 -4.34 6.76 -3.37
N LYS A 35 -5.40 7.58 -3.44
CA LYS A 35 -5.41 8.95 -3.96
C LYS A 35 -4.56 9.13 -5.23
N GLY A 36 -4.73 8.16 -6.11
CA GLY A 36 -4.09 8.03 -7.42
C GLY A 36 -2.57 8.11 -7.36
N ASN A 37 -2.00 7.78 -6.20
CA ASN A 37 -0.58 7.76 -5.93
C ASN A 37 -0.21 6.33 -5.55
N LEU A 38 1.06 5.98 -5.73
CA LEU A 38 1.65 4.70 -5.45
C LEU A 38 2.59 4.87 -4.25
N TYR A 39 2.37 4.12 -3.17
CA TYR A 39 3.22 4.21 -1.99
C TYR A 39 3.73 2.83 -1.63
N THR A 40 4.92 2.79 -1.02
CA THR A 40 5.56 1.58 -0.54
C THR A 40 5.71 1.69 0.96
N ALA A 41 5.45 0.56 1.63
CA ALA A 41 5.55 0.47 3.07
C ALA A 41 7.01 0.32 3.46
N ASN A 42 7.35 0.97 4.56
CA ASN A 42 8.69 1.01 5.10
C ASN A 42 8.93 -0.19 6.03
N TRP A 43 7.87 -0.65 6.68
CA TRP A 43 7.86 -1.77 7.58
C TRP A 43 6.51 -2.49 7.43
N TYR A 44 5.96 -2.96 8.55
CA TYR A 44 4.74 -3.70 8.72
C TYR A 44 3.66 -2.67 8.98
N THR A 45 2.66 -2.54 8.11
CA THR A 45 1.69 -1.47 8.34
C THR A 45 0.40 -1.64 7.54
N ALA A 46 -0.68 -1.16 8.16
CA ALA A 46 -2.02 -1.08 7.60
C ALA A 46 -2.47 0.39 7.68
N SER A 47 -1.55 1.32 7.95
CA SER A 47 -1.90 2.72 8.06
C SER A 47 -2.26 3.27 6.68
N VAL A 48 -2.95 4.40 6.65
CA VAL A 48 -3.42 5.02 5.41
C VAL A 48 -2.22 5.54 4.59
N PRO A 49 -2.00 5.03 3.37
CA PRO A 49 -0.91 5.42 2.48
C PRO A 49 -0.65 6.93 2.44
N GLY A 50 0.58 7.31 2.76
CA GLY A 50 1.08 8.68 2.78
C GLY A 50 0.19 9.67 3.53
N SER A 51 -0.66 9.19 4.45
CA SER A 51 -1.55 10.04 5.22
C SER A 51 -1.32 9.86 6.72
N ASP A 52 -0.11 9.46 7.11
CA ASP A 52 0.26 9.23 8.50
C ASP A 52 1.77 9.03 8.62
N SER A 53 2.25 7.82 8.31
CA SER A 53 3.65 7.42 8.44
C SER A 53 3.79 6.02 7.86
N SER A 54 5.01 5.50 7.84
CA SER A 54 5.44 4.19 7.38
C SER A 54 5.22 3.99 5.88
N TRP A 55 4.99 5.09 5.16
CA TRP A 55 4.75 5.10 3.74
C TRP A 55 5.70 6.05 3.05
N THR A 56 6.13 5.63 1.86
CA THR A 56 7.09 6.30 1.03
C THR A 56 6.56 6.25 -0.42
N GLN A 57 6.23 7.41 -1.00
CA GLN A 57 5.71 7.46 -2.38
C GLN A 57 6.76 6.93 -3.34
N VAL A 58 6.29 6.19 -4.34
CA VAL A 58 7.10 5.50 -5.31
C VAL A 58 6.61 5.73 -6.75
N GLY A 59 5.59 6.57 -6.94
CA GLY A 59 5.05 6.92 -8.25
C GLY A 59 3.62 7.42 -8.09
N SER A 60 2.93 7.59 -9.22
CA SER A 60 1.55 8.02 -9.24
C SER A 60 0.93 7.68 -10.59
N CYS A 61 -0.40 7.79 -10.66
CA CYS A 61 -1.18 7.55 -11.86
C CYS A 61 -0.72 8.43 -13.00
N ASN A 62 -0.42 9.68 -12.64
CA ASN A 62 -0.09 10.75 -13.53
C ASN A 62 0.84 11.68 -12.77
N MET A 1 -9.27 8.22 -5.42
CA MET A 1 -9.18 9.39 -6.28
C MET A 1 -8.11 9.14 -7.33
N GLY A 2 -8.53 8.71 -8.54
CA GLY A 2 -7.64 8.43 -9.66
C GLY A 2 -6.52 7.44 -9.30
N ASP A 3 -6.84 6.49 -8.44
CA ASP A 3 -5.93 5.46 -7.96
C ASP A 3 -5.74 4.36 -9.02
N CYS A 4 -4.50 3.87 -9.14
CA CYS A 4 -4.15 2.77 -10.04
C CYS A 4 -4.76 1.45 -9.56
N ALA A 5 -6.03 1.29 -9.89
CA ALA A 5 -6.88 0.15 -9.59
C ALA A 5 -6.24 -1.17 -10.01
N ASN A 6 -5.44 -1.12 -11.09
CA ASN A 6 -4.69 -2.26 -11.62
C ASN A 6 -3.75 -2.85 -10.56
N ALA A 7 -3.24 -2.03 -9.64
CA ALA A 7 -2.36 -2.45 -8.56
C ALA A 7 -3.15 -2.44 -7.25
N ASN A 8 -2.65 -3.14 -6.23
CA ASN A 8 -3.28 -3.21 -4.91
C ASN A 8 -3.61 -1.80 -4.42
N VAL A 9 -4.88 -1.52 -4.14
CA VAL A 9 -5.34 -0.22 -3.65
C VAL A 9 -5.66 -0.35 -2.17
N TYR A 10 -5.25 0.59 -1.31
CA TYR A 10 -5.60 0.55 0.10
C TYR A 10 -7.10 0.25 0.30
N PRO A 11 -7.53 -0.67 1.20
CA PRO A 11 -6.74 -1.51 2.11
C PRO A 11 -6.49 -2.92 1.58
N ASN A 12 -6.34 -3.11 0.27
CA ASN A 12 -6.04 -4.40 -0.32
C ASN A 12 -4.56 -4.71 -0.03
N TRP A 13 -4.22 -4.93 1.24
CA TRP A 13 -2.86 -5.23 1.66
C TRP A 13 -2.23 -6.37 0.85
N VAL A 14 -0.91 -6.54 1.01
CA VAL A 14 -0.13 -7.49 0.23
C VAL A 14 0.58 -8.56 1.08
N SER A 15 0.75 -8.34 2.39
CA SER A 15 1.57 -9.24 3.19
C SER A 15 0.86 -10.40 3.87
N LYS A 16 0.07 -10.12 4.91
CA LYS A 16 -0.53 -11.13 5.74
C LYS A 16 0.48 -12.18 6.20
N ASP A 17 -0.08 -13.33 6.54
CA ASP A 17 0.67 -14.53 6.88
C ASP A 17 1.52 -14.90 5.67
N TRP A 18 0.93 -14.78 4.47
CA TRP A 18 1.53 -15.03 3.19
C TRP A 18 0.73 -14.23 2.16
N ALA A 19 1.37 -13.92 1.03
CA ALA A 19 0.84 -13.12 -0.07
C ALA A 19 -0.64 -13.37 -0.40
N GLY A 20 -0.99 -14.60 -0.74
CA GLY A 20 -2.35 -14.95 -1.12
C GLY A 20 -3.32 -15.06 0.07
N GLY A 21 -2.83 -15.03 1.31
CA GLY A 21 -3.72 -15.07 2.46
C GLY A 21 -4.58 -13.81 2.50
N GLN A 22 -5.76 -13.86 3.12
CA GLN A 22 -6.69 -12.71 3.23
C GLN A 22 -5.92 -11.56 3.89
N PRO A 23 -5.50 -10.54 3.12
CA PRO A 23 -4.61 -9.49 3.59
C PRO A 23 -4.97 -8.76 4.89
N THR A 24 -3.94 -8.40 5.68
CA THR A 24 -4.08 -7.70 6.96
C THR A 24 -3.14 -6.51 7.14
N HIS A 25 -2.13 -6.35 6.29
CA HIS A 25 -1.12 -5.29 6.43
C HIS A 25 -0.07 -5.29 5.32
N ASN A 26 0.63 -4.16 5.22
CA ASN A 26 1.69 -3.88 4.27
C ASN A 26 3.02 -3.87 5.02
N GLU A 27 3.88 -4.85 4.70
CA GLU A 27 5.19 -5.00 5.29
C GLU A 27 6.23 -4.27 4.44
N ALA A 28 7.43 -4.09 5.01
CA ALA A 28 8.55 -3.40 4.39
C ALA A 28 8.72 -3.80 2.92
N GLY A 29 8.76 -2.81 2.03
CA GLY A 29 8.96 -3.03 0.62
C GLY A 29 7.69 -3.43 -0.15
N GLN A 30 6.53 -3.60 0.50
CA GLN A 30 5.33 -3.99 -0.22
C GLN A 30 4.66 -2.71 -0.73
N SER A 31 4.45 -2.56 -2.04
CA SER A 31 3.81 -1.36 -2.58
C SER A 31 2.28 -1.46 -2.52
N ILE A 32 1.60 -0.32 -2.59
CA ILE A 32 0.14 -0.19 -2.58
C ILE A 32 -0.22 1.20 -3.12
N VAL A 33 -1.42 1.37 -3.68
CA VAL A 33 -1.90 2.66 -4.20
C VAL A 33 -2.86 3.29 -3.19
N TYR A 34 -2.95 4.62 -3.24
CA TYR A 34 -3.88 5.44 -2.50
C TYR A 34 -3.93 6.80 -3.18
N LYS A 35 -5.15 7.26 -3.52
CA LYS A 35 -5.46 8.53 -4.17
C LYS A 35 -4.34 9.02 -5.10
N GLY A 36 -4.34 8.51 -6.32
CA GLY A 36 -3.37 8.87 -7.35
C GLY A 36 -1.94 8.37 -7.10
N ASN A 37 -1.45 8.35 -5.85
CA ASN A 37 -0.07 7.99 -5.57
C ASN A 37 0.09 6.51 -5.22
N LEU A 38 1.30 6.03 -5.48
CA LEU A 38 1.80 4.71 -5.22
C LEU A 38 2.77 4.86 -4.04
N TYR A 39 2.57 4.11 -2.96
CA TYR A 39 3.42 4.13 -1.79
C TYR A 39 3.91 2.73 -1.46
N THR A 40 4.97 2.66 -0.66
CA THR A 40 5.57 1.44 -0.17
C THR A 40 5.89 1.66 1.30
N ALA A 41 5.74 0.60 2.10
CA ALA A 41 6.03 0.67 3.52
C ALA A 41 7.52 0.48 3.79
N ASN A 42 7.96 1.11 4.87
CA ASN A 42 9.33 1.09 5.33
C ASN A 42 9.58 -0.08 6.27
N TRP A 43 8.56 -0.45 7.07
CA TRP A 43 8.70 -1.52 8.05
C TRP A 43 7.44 -2.39 8.11
N TYR A 44 6.36 -1.85 8.68
CA TYR A 44 5.10 -2.51 8.89
C TYR A 44 4.03 -1.44 9.07
N THR A 45 2.89 -1.57 8.40
CA THR A 45 1.80 -0.61 8.58
C THR A 45 0.53 -1.20 7.95
N ALA A 46 -0.62 -0.81 8.49
CA ALA A 46 -1.93 -1.21 8.03
C ALA A 46 -2.86 0.00 8.18
N SER A 47 -2.33 1.18 7.85
CA SER A 47 -3.05 2.44 7.93
C SER A 47 -2.86 3.18 6.60
N VAL A 48 -3.80 4.07 6.30
CA VAL A 48 -3.92 4.86 5.09
C VAL A 48 -2.56 5.30 4.51
N PRO A 49 -2.13 4.76 3.36
CA PRO A 49 -0.88 5.12 2.72
C PRO A 49 -0.74 6.61 2.49
N GLY A 50 0.45 7.16 2.82
CA GLY A 50 0.74 8.57 2.71
C GLY A 50 0.09 9.33 3.86
N SER A 51 -1.22 9.15 4.04
CA SER A 51 -2.00 9.82 5.08
C SER A 51 -1.82 9.11 6.43
N ASP A 52 -0.58 8.81 6.81
CA ASP A 52 -0.26 8.13 8.06
C ASP A 52 1.23 8.29 8.35
N SER A 53 2.01 7.21 8.39
CA SER A 53 3.44 7.19 8.68
C SER A 53 3.97 5.84 8.23
N SER A 54 5.30 5.68 8.19
CA SER A 54 5.98 4.46 7.77
C SER A 54 5.77 4.16 6.30
N TRP A 55 5.29 5.14 5.53
CA TRP A 55 5.03 5.07 4.12
C TRP A 55 6.00 5.97 3.39
N THR A 56 6.23 5.65 2.13
CA THR A 56 7.17 6.35 1.28
C THR A 56 6.67 6.20 -0.16
N GLN A 57 6.49 7.32 -0.85
CA GLN A 57 5.99 7.33 -2.22
C GLN A 57 7.02 6.74 -3.17
N VAL A 58 6.55 5.91 -4.11
CA VAL A 58 7.36 5.25 -5.13
C VAL A 58 6.96 5.75 -6.54
N GLY A 59 5.82 6.42 -6.68
CA GLY A 59 5.37 6.93 -7.96
C GLY A 59 3.91 7.36 -7.86
N SER A 60 3.25 7.50 -9.01
CA SER A 60 1.85 7.87 -9.09
C SER A 60 1.28 7.32 -10.39
N CYS A 61 -0.05 7.26 -10.45
CA CYS A 61 -0.87 6.79 -11.54
C CYS A 61 -1.17 7.92 -12.52
N ASN A 62 -0.98 9.15 -12.06
CA ASN A 62 -1.31 10.38 -12.72
C ASN A 62 -0.34 11.42 -12.18
N MET A 1 -11.42 10.95 -8.41
CA MET A 1 -11.45 9.51 -8.64
C MET A 1 -10.26 9.10 -9.53
N GLY A 2 -10.26 7.85 -10.00
CA GLY A 2 -9.19 7.33 -10.85
C GLY A 2 -7.85 7.35 -10.12
N ASP A 3 -7.87 7.07 -8.82
CA ASP A 3 -6.71 7.03 -7.95
C ASP A 3 -5.93 5.74 -8.21
N CYS A 4 -5.38 5.58 -9.43
CA CYS A 4 -4.55 4.46 -9.89
C CYS A 4 -5.11 3.07 -9.51
N ALA A 5 -6.44 3.00 -9.38
CA ALA A 5 -7.25 1.84 -9.01
C ALA A 5 -6.93 0.58 -9.82
N ASN A 6 -6.31 0.73 -11.00
CA ASN A 6 -5.90 -0.39 -11.83
C ASN A 6 -4.97 -1.32 -11.04
N ALA A 7 -4.10 -0.73 -10.22
CA ALA A 7 -3.15 -1.45 -9.39
C ALA A 7 -3.70 -1.57 -7.96
N ASN A 8 -2.98 -2.29 -7.08
CA ASN A 8 -3.35 -2.49 -5.69
C ASN A 8 -3.58 -1.16 -5.00
N VAL A 9 -4.85 -0.74 -4.89
CA VAL A 9 -5.26 0.50 -4.26
C VAL A 9 -5.69 0.22 -2.83
N TYR A 10 -5.15 0.95 -1.86
CA TYR A 10 -5.48 0.80 -0.46
C TYR A 10 -7.01 0.63 -0.27
N PRO A 11 -7.50 -0.32 0.54
CA PRO A 11 -6.76 -1.29 1.34
C PRO A 11 -6.48 -2.62 0.64
N ASN A 12 -6.31 -2.66 -0.68
CA ASN A 12 -6.00 -3.89 -1.41
C ASN A 12 -4.53 -4.26 -1.16
N TRP A 13 -4.19 -4.51 0.10
CA TRP A 13 -2.85 -4.88 0.55
C TRP A 13 -2.24 -6.03 -0.24
N VAL A 14 -0.92 -6.19 -0.07
CA VAL A 14 -0.18 -7.26 -0.71
C VAL A 14 -0.36 -8.57 0.09
N SER A 15 -0.42 -8.51 1.43
CA SER A 15 -0.59 -9.74 2.23
C SER A 15 -1.19 -9.43 3.61
N LYS A 16 -1.20 -10.48 4.44
CA LYS A 16 -1.63 -10.63 5.77
C LYS A 16 -0.42 -10.77 6.71
N ASP A 17 0.49 -11.62 6.23
CA ASP A 17 1.72 -12.15 6.81
C ASP A 17 2.13 -13.30 5.88
N TRP A 18 1.09 -14.07 5.57
CA TRP A 18 1.02 -15.26 4.75
C TRP A 18 1.50 -15.15 3.30
N ALA A 19 1.41 -16.31 2.65
CA ALA A 19 1.64 -16.59 1.24
C ALA A 19 0.35 -17.24 0.71
N GLY A 20 -0.80 -16.76 1.20
CA GLY A 20 -2.12 -17.28 0.87
C GLY A 20 -3.10 -17.09 2.03
N GLY A 21 -3.14 -15.88 2.62
CA GLY A 21 -4.01 -15.51 3.74
C GLY A 21 -4.75 -14.24 3.32
N GLN A 22 -5.96 -14.00 3.87
CA GLN A 22 -6.73 -12.80 3.56
C GLN A 22 -5.92 -11.59 4.04
N PRO A 23 -5.52 -10.66 3.17
CA PRO A 23 -4.66 -9.56 3.55
C PRO A 23 -5.10 -8.71 4.73
N THR A 24 -4.09 -8.10 5.35
CA THR A 24 -4.21 -7.17 6.45
C THR A 24 -3.04 -6.17 6.45
N HIS A 25 -2.13 -6.17 5.46
CA HIS A 25 -0.98 -5.26 5.50
C HIS A 25 -0.04 -5.28 4.28
N ASN A 26 0.83 -4.28 4.25
CA ASN A 26 1.91 -4.12 3.28
C ASN A 26 3.21 -4.17 4.08
N GLU A 27 4.13 -5.06 3.69
CA GLU A 27 5.43 -5.26 4.32
C GLU A 27 6.47 -4.32 3.72
N ALA A 28 7.63 -4.24 4.38
CA ALA A 28 8.76 -3.43 3.98
C ALA A 28 9.03 -3.60 2.48
N GLY A 29 9.11 -2.51 1.73
CA GLY A 29 9.39 -2.55 0.31
C GLY A 29 8.16 -2.86 -0.53
N GLN A 30 7.06 -3.37 0.05
CA GLN A 30 5.86 -3.65 -0.73
C GLN A 30 5.12 -2.36 -0.99
N SER A 31 4.76 -2.17 -2.25
CA SER A 31 4.11 -0.97 -2.75
C SER A 31 2.59 -1.07 -2.75
N ILE A 32 1.92 0.08 -2.84
CA ILE A 32 0.47 0.18 -2.91
C ILE A 32 0.11 1.56 -3.45
N VAL A 33 -1.06 1.70 -4.06
CA VAL A 33 -1.60 2.96 -4.56
C VAL A 33 -2.52 3.54 -3.49
N TYR A 34 -2.69 4.85 -3.57
CA TYR A 34 -3.58 5.66 -2.75
C TYR A 34 -3.57 7.07 -3.35
N LYS A 35 -4.73 7.74 -3.37
CA LYS A 35 -4.96 9.08 -3.92
C LYS A 35 -3.94 9.46 -5.00
N GLY A 36 -4.14 8.81 -6.14
CA GLY A 36 -3.41 8.89 -7.39
C GLY A 36 -1.89 9.00 -7.22
N ASN A 37 -1.33 8.29 -6.23
CA ASN A 37 0.11 8.23 -6.00
C ASN A 37 0.45 6.83 -5.54
N LEU A 38 1.72 6.50 -5.72
CA LEU A 38 2.36 5.26 -5.40
C LEU A 38 3.08 5.43 -4.06
N TYR A 39 2.82 4.53 -3.12
CA TYR A 39 3.45 4.51 -1.81
C TYR A 39 4.05 3.13 -1.58
N THR A 40 4.89 3.03 -0.54
CA THR A 40 5.53 1.79 -0.14
C THR A 40 5.77 1.83 1.35
N ALA A 41 5.71 0.65 1.97
CA ALA A 41 5.88 0.47 3.40
C ALA A 41 7.34 0.34 3.78
N ASN A 42 7.62 0.81 5.00
CA ASN A 42 8.94 0.86 5.60
C ASN A 42 9.24 -0.41 6.40
N TRP A 43 8.21 -1.02 7.01
CA TRP A 43 8.41 -2.21 7.83
C TRP A 43 7.25 -3.20 7.68
N TYR A 44 6.10 -2.89 8.26
CA TYR A 44 4.90 -3.67 8.30
C TYR A 44 3.79 -2.67 8.63
N THR A 45 2.79 -2.47 7.78
CA THR A 45 1.76 -1.50 8.13
C THR A 45 0.47 -1.74 7.37
N ALA A 46 -0.62 -1.32 8.01
CA ALA A 46 -1.99 -1.38 7.54
C ALA A 46 -2.64 0.00 7.70
N SER A 47 -1.87 1.04 8.06
CA SER A 47 -2.40 2.39 8.18
C SER A 47 -2.55 2.95 6.76
N VAL A 48 -3.44 3.91 6.52
CA VAL A 48 -3.59 4.45 5.17
C VAL A 48 -2.24 4.99 4.68
N PRO A 49 -1.85 4.78 3.40
CA PRO A 49 -0.59 5.30 2.89
C PRO A 49 -0.38 6.77 3.22
N GLY A 50 0.67 7.05 4.00
CA GLY A 50 1.03 8.39 4.43
C GLY A 50 0.08 8.91 5.51
N SER A 51 -0.56 8.02 6.30
CA SER A 51 -1.47 8.42 7.35
C SER A 51 -0.74 9.29 8.38
N ASP A 52 0.33 8.71 8.93
CA ASP A 52 1.14 9.30 9.98
C ASP A 52 2.62 8.93 9.82
N SER A 53 2.89 7.66 9.50
CA SER A 53 4.23 7.11 9.40
C SER A 53 4.15 5.76 8.71
N SER A 54 5.27 5.03 8.69
CA SER A 54 5.54 3.70 8.19
C SER A 54 5.40 3.58 6.67
N TRP A 55 5.18 4.71 6.00
CA TRP A 55 4.99 4.80 4.58
C TRP A 55 5.94 5.80 3.97
N THR A 56 6.15 5.66 2.67
CA THR A 56 7.01 6.52 1.89
C THR A 56 6.41 6.59 0.49
N GLN A 57 6.29 7.80 -0.07
CA GLN A 57 5.76 7.99 -1.41
C GLN A 57 6.88 7.64 -2.38
N VAL A 58 6.61 6.80 -3.38
CA VAL A 58 7.60 6.37 -4.37
C VAL A 58 7.36 7.04 -5.73
N GLY A 59 6.21 7.67 -5.97
CA GLY A 59 5.98 8.38 -7.22
C GLY A 59 4.50 8.58 -7.51
N SER A 60 4.21 9.06 -8.72
CA SER A 60 2.86 9.28 -9.22
C SER A 60 2.58 8.21 -10.27
N CYS A 61 2.08 7.06 -9.79
CA CYS A 61 1.70 5.87 -10.54
C CYS A 61 1.16 6.17 -11.93
N ASN A 62 0.12 6.99 -12.01
CA ASN A 62 -0.61 7.31 -13.21
C ASN A 62 -1.38 8.59 -12.88
N MET A 1 -5.97 11.91 -7.46
CA MET A 1 -6.97 11.45 -6.51
C MET A 1 -7.53 10.07 -6.86
N GLY A 2 -7.07 9.42 -7.95
CA GLY A 2 -7.52 8.11 -8.36
C GLY A 2 -6.46 7.07 -8.04
N ASP A 3 -6.85 5.83 -7.80
CA ASP A 3 -5.92 4.76 -7.50
C ASP A 3 -5.42 4.15 -8.81
N CYS A 4 -4.27 3.49 -8.77
CA CYS A 4 -3.72 2.83 -9.94
C CYS A 4 -4.35 1.45 -9.95
N ALA A 5 -5.39 1.36 -10.74
CA ALA A 5 -6.23 0.19 -10.97
C ALA A 5 -5.41 -1.08 -11.21
N ASN A 6 -4.29 -0.92 -11.93
CA ASN A 6 -3.36 -1.97 -12.28
C ASN A 6 -2.50 -2.46 -11.11
N ALA A 7 -2.62 -1.85 -9.92
CA ALA A 7 -1.85 -2.23 -8.75
C ALA A 7 -2.76 -2.31 -7.51
N ASN A 8 -2.21 -2.83 -6.41
CA ASN A 8 -2.92 -2.98 -5.15
C ASN A 8 -3.41 -1.62 -4.66
N VAL A 9 -4.72 -1.45 -4.47
CA VAL A 9 -5.33 -0.24 -3.97
C VAL A 9 -5.82 -0.49 -2.55
N TYR A 10 -5.50 0.39 -1.60
CA TYR A 10 -5.96 0.29 -0.22
C TYR A 10 -7.46 -0.09 -0.14
N PRO A 11 -7.88 -1.04 0.71
CA PRO A 11 -7.09 -1.84 1.64
C PRO A 11 -6.70 -3.21 1.07
N ASN A 12 -6.53 -3.33 -0.26
CA ASN A 12 -6.13 -4.58 -0.88
C ASN A 12 -4.64 -4.79 -0.64
N TRP A 13 -4.25 -4.94 0.64
CA TRP A 13 -2.86 -5.12 1.02
C TRP A 13 -2.16 -6.22 0.23
N VAL A 14 -0.82 -6.15 0.22
CA VAL A 14 0.01 -7.12 -0.47
C VAL A 14 0.34 -8.28 0.48
N SER A 15 0.68 -7.96 1.75
CA SER A 15 1.09 -8.95 2.72
C SER A 15 -0.11 -9.49 3.50
N LYS A 16 -0.09 -10.81 3.73
CA LYS A 16 -1.10 -11.59 4.42
C LYS A 16 -0.55 -12.08 5.75
N ASP A 17 -1.43 -12.58 6.63
CA ASP A 17 -1.00 -13.16 7.90
C ASP A 17 -0.21 -14.44 7.63
N TRP A 18 -0.61 -15.19 6.58
CA TRP A 18 0.01 -16.42 6.13
C TRP A 18 -0.29 -16.53 4.64
N ALA A 19 0.44 -17.39 3.93
CA ALA A 19 0.34 -17.60 2.48
C ALA A 19 -1.10 -17.61 1.95
N GLY A 20 -1.97 -18.46 2.50
CA GLY A 20 -3.36 -18.59 2.09
C GLY A 20 -4.32 -17.70 2.89
N GLY A 21 -3.81 -16.85 3.77
CA GLY A 21 -4.63 -15.96 4.57
C GLY A 21 -5.07 -14.74 3.75
N GLN A 22 -5.98 -13.93 4.30
CA GLN A 22 -6.41 -12.72 3.63
C GLN A 22 -5.32 -11.66 3.77
N PRO A 23 -5.36 -10.57 3.00
CA PRO A 23 -4.41 -9.48 3.16
C PRO A 23 -4.67 -8.81 4.51
N THR A 24 -3.61 -8.35 5.16
CA THR A 24 -3.72 -7.73 6.48
C THR A 24 -2.78 -6.53 6.64
N HIS A 25 -1.87 -6.28 5.69
CA HIS A 25 -0.89 -5.20 5.81
C HIS A 25 0.09 -5.19 4.64
N ASN A 26 0.89 -4.13 4.58
CA ASN A 26 1.93 -3.92 3.59
C ASN A 26 3.27 -3.98 4.31
N GLU A 27 4.06 -5.03 4.04
CA GLU A 27 5.39 -5.18 4.64
C GLU A 27 6.41 -4.38 3.83
N ALA A 28 7.57 -4.14 4.44
CA ALA A 28 8.69 -3.38 3.89
C ALA A 28 8.90 -3.66 2.40
N GLY A 29 8.97 -2.59 1.61
CA GLY A 29 9.23 -2.67 0.18
C GLY A 29 7.99 -3.04 -0.65
N GLN A 30 6.86 -3.42 -0.06
CA GLN A 30 5.69 -3.75 -0.86
C GLN A 30 5.01 -2.43 -1.22
N SER A 31 4.57 -2.26 -2.46
CA SER A 31 3.94 -1.01 -2.91
C SER A 31 2.41 -1.13 -2.92
N ILE A 32 1.72 0.02 -2.88
CA ILE A 32 0.26 0.11 -2.89
C ILE A 32 -0.13 1.52 -3.34
N VAL A 33 -1.38 1.72 -3.73
CA VAL A 33 -1.95 3.02 -4.06
C VAL A 33 -3.13 3.22 -3.11
N TYR A 34 -3.64 4.45 -3.02
CA TYR A 34 -4.87 4.70 -2.28
C TYR A 34 -5.66 5.70 -3.13
N LYS A 35 -5.11 6.90 -3.33
CA LYS A 35 -5.68 7.91 -4.15
C LYS A 35 -4.54 8.82 -4.58
N GLY A 36 -4.45 8.97 -5.89
CA GLY A 36 -3.50 9.78 -6.64
C GLY A 36 -2.04 9.33 -6.55
N ASN A 37 -1.57 8.95 -5.35
CA ASN A 37 -0.17 8.63 -5.09
C ASN A 37 0.03 7.14 -4.83
N LEU A 38 1.20 6.68 -5.28
CA LEU A 38 1.75 5.35 -5.15
C LEU A 38 2.69 5.41 -3.94
N TYR A 39 2.54 4.51 -2.98
CA TYR A 39 3.36 4.46 -1.78
C TYR A 39 3.94 3.06 -1.58
N THR A 40 4.98 2.98 -0.76
CA THR A 40 5.66 1.76 -0.38
C THR A 40 5.97 1.88 1.11
N ALA A 41 5.91 0.75 1.81
CA ALA A 41 6.19 0.72 3.25
C ALA A 41 7.68 0.59 3.52
N ASN A 42 8.08 1.20 4.63
CA ASN A 42 9.45 1.22 5.12
C ASN A 42 9.72 -0.02 5.96
N TRP A 43 8.71 -0.48 6.71
CA TRP A 43 8.85 -1.64 7.59
C TRP A 43 7.57 -2.49 7.60
N TYR A 44 6.49 -1.97 8.19
CA TYR A 44 5.22 -2.62 8.33
C TYR A 44 4.15 -1.57 8.55
N THR A 45 2.98 -1.71 7.92
CA THR A 45 1.87 -0.81 8.12
C THR A 45 0.63 -1.33 7.39
N ALA A 46 -0.52 -1.03 7.99
CA ALA A 46 -1.85 -1.28 7.46
C ALA A 46 -2.61 0.05 7.63
N SER A 47 -1.86 1.16 7.63
CA SER A 47 -2.35 2.51 7.80
C SER A 47 -2.63 3.09 6.43
N VAL A 48 -3.56 4.04 6.33
CA VAL A 48 -3.92 4.70 5.08
C VAL A 48 -2.65 5.17 4.35
N PRO A 49 -2.35 4.65 3.15
CA PRO A 49 -1.18 5.04 2.38
C PRO A 49 -1.02 6.56 2.30
N GLY A 50 0.11 7.06 2.79
CA GLY A 50 0.42 8.49 2.81
C GLY A 50 0.28 9.08 4.22
N SER A 51 -0.50 8.45 5.10
CA SER A 51 -0.69 8.93 6.46
C SER A 51 0.52 8.57 7.33
N ASP A 52 1.71 9.06 6.95
CA ASP A 52 2.99 8.86 7.61
C ASP A 52 3.10 7.40 8.07
N SER A 53 3.03 7.14 9.38
CA SER A 53 3.09 5.82 9.99
C SER A 53 4.39 5.08 9.62
N SER A 54 4.43 4.46 8.44
CA SER A 54 5.56 3.73 7.94
C SER A 54 5.57 3.77 6.41
N TRP A 55 5.02 4.82 5.79
CA TRP A 55 4.96 4.95 4.34
C TRP A 55 6.04 5.87 3.78
N THR A 56 6.12 5.87 2.45
CA THR A 56 7.04 6.63 1.64
C THR A 56 6.45 6.62 0.23
N GLN A 57 6.33 7.78 -0.42
CA GLN A 57 5.76 7.88 -1.76
C GLN A 57 6.81 7.46 -2.79
N VAL A 58 6.37 6.72 -3.81
CA VAL A 58 7.20 6.24 -4.92
C VAL A 58 6.76 6.85 -6.24
N GLY A 59 5.55 7.43 -6.34
CA GLY A 59 5.10 8.03 -7.58
C GLY A 59 3.65 8.47 -7.46
N SER A 60 3.02 8.80 -8.59
CA SER A 60 1.64 9.21 -8.69
C SER A 60 1.07 8.68 -9.99
N CYS A 61 -0.26 8.51 -10.07
CA CYS A 61 -0.92 7.99 -11.26
C CYS A 61 -1.82 9.04 -11.88
N ASN A 62 -2.90 9.39 -11.19
CA ASN A 62 -3.91 10.29 -11.72
C ASN A 62 -4.77 10.72 -10.54
N MET A 1 -10.49 -1.81 -9.86
CA MET A 1 -10.87 -0.42 -9.68
C MET A 1 -10.26 0.11 -8.38
N GLY A 2 -9.63 1.28 -8.42
CA GLY A 2 -9.04 1.90 -7.25
C GLY A 2 -8.65 3.33 -7.57
N ASP A 3 -8.40 4.17 -6.56
CA ASP A 3 -8.05 5.58 -6.74
C ASP A 3 -6.91 5.79 -7.75
N CYS A 4 -5.99 4.83 -7.86
CA CYS A 4 -4.93 4.89 -8.89
C CYS A 4 -5.57 4.93 -10.28
N ALA A 5 -6.45 3.94 -10.48
CA ALA A 5 -7.22 3.58 -11.65
C ALA A 5 -7.75 2.19 -11.32
N ASN A 6 -6.84 1.23 -11.17
CA ASN A 6 -7.15 -0.15 -10.85
C ASN A 6 -5.94 -0.86 -10.22
N ALA A 7 -5.05 -0.12 -9.55
CA ALA A 7 -3.87 -0.71 -8.92
C ALA A 7 -4.15 -0.96 -7.42
N ASN A 8 -3.17 -1.51 -6.70
CA ASN A 8 -3.30 -1.78 -5.28
C ASN A 8 -3.48 -0.48 -4.52
N VAL A 9 -4.73 -0.15 -4.21
CA VAL A 9 -5.09 1.02 -3.43
C VAL A 9 -5.50 0.53 -2.05
N TYR A 10 -5.08 1.21 -0.98
CA TYR A 10 -5.47 0.84 0.37
C TYR A 10 -6.98 0.56 0.45
N PRO A 11 -7.44 -0.53 1.10
CA PRO A 11 -6.69 -1.53 1.84
C PRO A 11 -6.31 -2.79 1.05
N ASN A 12 -6.09 -2.73 -0.26
CA ASN A 12 -5.71 -3.86 -1.05
C ASN A 12 -4.22 -4.12 -0.82
N TRP A 13 -3.85 -4.39 0.43
CA TRP A 13 -2.47 -4.62 0.83
C TRP A 13 -1.81 -5.73 0.04
N VAL A 14 -0.47 -5.68 0.02
CA VAL A 14 0.35 -6.65 -0.67
C VAL A 14 0.50 -7.91 0.21
N SER A 15 0.83 -7.77 1.49
CA SER A 15 0.97 -8.94 2.36
C SER A 15 -0.40 -9.33 2.91
N LYS A 16 -0.49 -10.61 3.23
CA LYS A 16 -1.65 -11.30 3.75
C LYS A 16 -1.29 -12.01 5.04
N ASP A 17 -2.31 -12.48 5.75
CA ASP A 17 -2.15 -13.28 6.96
C ASP A 17 -1.50 -14.61 6.57
N TRP A 18 -1.77 -15.10 5.36
CA TRP A 18 -1.24 -16.33 4.81
C TRP A 18 -1.40 -16.26 3.29
N ALA A 19 -0.62 -17.08 2.57
CA ALA A 19 -0.58 -17.16 1.11
C ALA A 19 -1.94 -16.99 0.43
N GLY A 20 -2.89 -17.89 0.69
CA GLY A 20 -4.21 -17.86 0.08
C GLY A 20 -5.23 -17.04 0.88
N GLY A 21 -4.77 -16.22 1.83
CA GLY A 21 -5.65 -15.39 2.65
C GLY A 21 -5.99 -14.09 1.93
N GLN A 22 -6.61 -13.16 2.67
CA GLN A 22 -6.97 -11.84 2.20
C GLN A 22 -5.88 -10.85 2.62
N PRO A 23 -5.77 -9.67 1.99
CA PRO A 23 -4.81 -8.66 2.37
C PRO A 23 -4.87 -8.34 3.86
N THR A 24 -3.71 -8.04 4.46
CA THR A 24 -3.59 -7.76 5.87
C THR A 24 -2.74 -6.52 6.16
N HIS A 25 -1.76 -6.22 5.29
CA HIS A 25 -0.80 -5.13 5.52
C HIS A 25 0.30 -5.11 4.44
N ASN A 26 1.14 -4.08 4.43
CA ASN A 26 2.28 -3.97 3.54
C ASN A 26 3.54 -4.09 4.39
N GLU A 27 4.54 -4.80 3.87
CA GLU A 27 5.82 -5.01 4.54
C GLU A 27 6.90 -4.23 3.81
N ALA A 28 8.08 -4.09 4.42
CA ALA A 28 9.21 -3.35 3.89
C ALA A 28 9.41 -3.60 2.40
N GLY A 29 9.36 -2.52 1.59
CA GLY A 29 9.52 -2.54 0.16
C GLY A 29 8.22 -2.73 -0.62
N GLN A 30 7.11 -3.10 0.05
CA GLN A 30 5.83 -3.30 -0.59
C GLN A 30 5.14 -1.95 -0.81
N SER A 31 4.81 -1.67 -2.07
CA SER A 31 4.17 -0.44 -2.52
C SER A 31 2.64 -0.53 -2.47
N ILE A 32 1.97 0.62 -2.51
CA ILE A 32 0.51 0.75 -2.52
C ILE A 32 0.15 2.19 -2.88
N VAL A 33 -1.11 2.44 -3.22
CA VAL A 33 -1.66 3.77 -3.52
C VAL A 33 -2.76 4.07 -2.50
N TYR A 34 -3.17 5.34 -2.37
CA TYR A 34 -4.30 5.70 -1.52
C TYR A 34 -5.19 6.61 -2.35
N LYS A 35 -4.67 7.75 -2.80
CA LYS A 35 -5.35 8.66 -3.69
C LYS A 35 -4.29 9.40 -4.46
N GLY A 36 -4.16 9.03 -5.73
CA GLY A 36 -3.21 9.57 -6.69
C GLY A 36 -1.74 9.19 -6.39
N ASN A 37 -1.30 9.32 -5.13
CA ASN A 37 0.07 9.09 -4.72
C ASN A 37 0.33 7.64 -4.37
N LEU A 38 1.53 7.21 -4.70
CA LEU A 38 2.16 5.93 -4.51
C LEU A 38 3.04 6.02 -3.26
N TYR A 39 2.96 5.04 -2.36
CA TYR A 39 3.76 4.97 -1.15
C TYR A 39 4.31 3.56 -0.99
N THR A 40 5.45 3.43 -0.30
CA THR A 40 6.09 2.16 0.00
C THR A 40 6.30 2.02 1.49
N ALA A 41 5.99 0.83 1.99
CA ALA A 41 6.16 0.49 3.38
C ALA A 41 7.64 0.33 3.67
N ASN A 42 8.03 0.88 4.81
CA ASN A 42 9.41 0.92 5.28
C ASN A 42 9.78 -0.31 6.09
N TRP A 43 8.83 -0.83 6.88
CA TRP A 43 9.04 -1.97 7.76
C TRP A 43 7.85 -2.92 7.70
N TYR A 44 6.73 -2.48 8.26
CA TYR A 44 5.47 -3.16 8.39
C TYR A 44 4.42 -2.08 8.64
N THR A 45 3.32 -2.06 7.91
CA THR A 45 2.30 -1.04 8.15
C THR A 45 0.98 -1.40 7.47
N ALA A 46 -0.09 -0.91 8.08
CA ALA A 46 -1.46 -1.04 7.64
C ALA A 46 -2.19 0.29 7.89
N SER A 47 -1.45 1.39 8.07
CA SER A 47 -2.05 2.70 8.28
C SER A 47 -2.36 3.32 6.92
N VAL A 48 -3.18 4.37 6.88
CA VAL A 48 -3.53 5.03 5.63
C VAL A 48 -2.22 5.51 4.95
N PRO A 49 -1.90 5.03 3.74
CA PRO A 49 -0.69 5.41 3.02
C PRO A 49 -0.49 6.93 3.02
N GLY A 50 0.67 7.38 3.47
CA GLY A 50 1.01 8.80 3.54
C GLY A 50 0.78 9.38 4.93
N SER A 51 0.09 8.66 5.83
CA SER A 51 -0.16 9.14 7.19
C SER A 51 1.13 8.98 8.02
N ASP A 52 2.14 9.80 7.69
CA ASP A 52 3.47 9.83 8.31
C ASP A 52 3.97 8.39 8.51
N SER A 53 4.35 8.03 9.74
CA SER A 53 4.81 6.68 10.06
C SER A 53 5.95 6.28 9.11
N SER A 54 5.83 5.08 8.56
CA SER A 54 6.67 4.41 7.61
C SER A 54 6.56 5.11 6.26
N TRP A 55 5.48 4.76 5.56
CA TRP A 55 5.09 5.16 4.22
C TRP A 55 5.92 6.27 3.57
N THR A 56 6.84 5.81 2.75
CA THR A 56 7.74 6.60 1.96
C THR A 56 7.05 6.87 0.62
N GLN A 57 6.72 8.14 0.32
CA GLN A 57 6.06 8.47 -0.94
C GLN A 57 7.06 8.23 -2.09
N VAL A 58 6.62 7.55 -3.15
CA VAL A 58 7.46 7.20 -4.29
C VAL A 58 6.98 7.84 -5.60
N GLY A 59 6.03 8.78 -5.53
CA GLY A 59 5.51 9.51 -6.69
C GLY A 59 4.01 9.29 -6.80
N SER A 60 3.50 9.44 -8.02
CA SER A 60 2.11 9.18 -8.37
C SER A 60 1.98 7.69 -8.67
N CYS A 61 0.75 7.15 -8.77
CA CYS A 61 0.57 5.74 -9.08
C CYS A 61 1.36 5.33 -10.32
N ASN A 62 1.32 6.21 -11.30
CA ASN A 62 1.89 6.12 -12.62
C ASN A 62 2.21 7.56 -13.00
N MET A 1 -11.06 10.35 -10.96
CA MET A 1 -11.66 9.36 -11.85
C MET A 1 -11.51 7.98 -11.20
N GLY A 2 -10.27 7.55 -10.97
CA GLY A 2 -9.94 6.27 -10.37
C GLY A 2 -8.58 6.38 -9.69
N ASP A 3 -8.54 6.27 -8.35
CA ASP A 3 -7.33 6.36 -7.55
C ASP A 3 -6.52 5.08 -7.67
N CYS A 4 -6.21 4.62 -8.91
CA CYS A 4 -5.44 3.41 -9.20
C CYS A 4 -5.99 2.15 -8.52
N ALA A 5 -7.27 2.19 -8.13
CA ALA A 5 -8.03 1.17 -7.43
C ALA A 5 -7.89 -0.23 -8.04
N ASN A 6 -7.59 -0.31 -9.34
CA ASN A 6 -7.40 -1.57 -10.05
C ASN A 6 -6.28 -2.41 -9.41
N ALA A 7 -5.23 -1.72 -8.92
CA ALA A 7 -4.09 -2.36 -8.31
C ALA A 7 -4.29 -2.50 -6.80
N ASN A 8 -3.25 -2.91 -6.06
CA ASN A 8 -3.35 -3.06 -4.61
C ASN A 8 -3.54 -1.69 -3.96
N VAL A 9 -4.80 -1.34 -3.71
CA VAL A 9 -5.22 -0.11 -3.06
C VAL A 9 -5.59 -0.43 -1.63
N TYR A 10 -5.17 0.38 -0.66
CA TYR A 10 -5.51 0.18 0.74
C TYR A 10 -7.01 -0.17 0.91
N PRO A 11 -7.39 -1.21 1.68
CA PRO A 11 -6.57 -2.12 2.47
C PRO A 11 -6.21 -3.44 1.77
N ASN A 12 -6.02 -3.47 0.44
CA ASN A 12 -5.63 -4.67 -0.29
C ASN A 12 -4.14 -4.92 -0.07
N TRP A 13 -3.73 -5.05 1.19
CA TRP A 13 -2.35 -5.27 1.59
C TRP A 13 -1.70 -6.44 0.86
N VAL A 14 -0.43 -6.24 0.52
CA VAL A 14 0.38 -7.19 -0.23
C VAL A 14 0.86 -8.35 0.64
N SER A 15 1.07 -8.16 1.94
CA SER A 15 1.62 -9.22 2.78
C SER A 15 0.70 -10.43 2.95
N LYS A 16 -0.61 -10.31 2.67
CA LYS A 16 -1.62 -11.33 2.82
C LYS A 16 -1.69 -11.84 4.26
N ASP A 17 -0.76 -12.73 4.59
CA ASP A 17 -0.50 -13.48 5.82
C ASP A 17 0.13 -14.79 5.36
N TRP A 18 -0.48 -15.39 4.33
CA TRP A 18 -0.05 -16.61 3.66
C TRP A 18 -0.48 -16.54 2.20
N ALA A 19 -0.03 -17.49 1.38
CA ALA A 19 -0.30 -17.60 -0.06
C ALA A 19 -1.70 -17.13 -0.49
N GLY A 20 -2.75 -17.69 0.13
CA GLY A 20 -4.14 -17.36 -0.16
C GLY A 20 -4.82 -16.62 1.01
N GLY A 21 -4.03 -16.06 1.93
CA GLY A 21 -4.55 -15.33 3.07
C GLY A 21 -5.12 -13.97 2.70
N GLN A 22 -6.19 -13.56 3.40
CA GLN A 22 -6.78 -12.25 3.19
C GLN A 22 -5.83 -11.20 3.77
N PRO A 23 -5.58 -10.08 3.07
CA PRO A 23 -4.67 -9.02 3.47
C PRO A 23 -4.68 -8.63 4.94
N THR A 24 -3.50 -8.39 5.51
CA THR A 24 -3.32 -8.01 6.90
C THR A 24 -2.57 -6.69 7.09
N HIS A 25 -1.64 -6.32 6.19
CA HIS A 25 -0.80 -5.12 6.36
C HIS A 25 0.28 -5.07 5.27
N ASN A 26 0.90 -3.90 5.11
CA ASN A 26 1.98 -3.65 4.17
C ASN A 26 3.29 -3.76 4.94
N GLU A 27 4.27 -4.48 4.38
CA GLU A 27 5.59 -4.69 4.95
C GLU A 27 6.64 -3.88 4.18
N ALA A 28 7.81 -3.72 4.81
CA ALA A 28 8.94 -2.98 4.26
C ALA A 28 9.13 -3.25 2.77
N GLY A 29 9.11 -2.19 1.96
CA GLY A 29 9.32 -2.27 0.53
C GLY A 29 8.09 -2.72 -0.27
N GLN A 30 6.97 -3.07 0.35
CA GLN A 30 5.79 -3.48 -0.41
C GLN A 30 5.08 -2.20 -0.83
N SER A 31 4.96 -1.96 -2.13
CA SER A 31 4.28 -0.76 -2.59
C SER A 31 2.76 -0.93 -2.51
N ILE A 32 2.01 0.16 -2.59
CA ILE A 32 0.55 0.16 -2.54
C ILE A 32 0.04 1.47 -3.12
N VAL A 33 -1.22 1.46 -3.54
CA VAL A 33 -1.96 2.61 -4.07
C VAL A 33 -2.81 3.20 -2.94
N TYR A 34 -3.10 4.49 -3.12
CA TYR A 34 -3.99 5.31 -2.32
C TYR A 34 -4.04 6.70 -2.98
N LYS A 35 -5.24 7.28 -3.11
CA LYS A 35 -5.52 8.60 -3.70
C LYS A 35 -4.78 8.89 -5.01
N GLY A 36 -4.56 7.85 -5.79
CA GLY A 36 -3.91 7.92 -7.08
C GLY A 36 -2.42 8.22 -6.99
N ASN A 37 -1.80 7.91 -5.84
CA ASN A 37 -0.39 8.07 -5.58
C ASN A 37 0.16 6.70 -5.20
N LEU A 38 1.46 6.51 -5.42
CA LEU A 38 2.20 5.31 -5.15
C LEU A 38 2.92 5.51 -3.81
N TYR A 39 2.65 4.63 -2.84
CA TYR A 39 3.30 4.65 -1.53
C TYR A 39 3.95 3.30 -1.28
N THR A 40 4.91 3.27 -0.35
CA THR A 40 5.60 2.07 0.06
C THR A 40 5.90 2.20 1.54
N ALA A 41 5.81 1.08 2.26
CA ALA A 41 6.10 1.08 3.69
C ALA A 41 7.59 0.90 3.90
N ASN A 42 8.06 1.50 4.99
CA ASN A 42 9.46 1.47 5.41
C ASN A 42 9.75 0.23 6.23
N TRP A 43 8.74 -0.25 6.96
CA TRP A 43 8.93 -1.30 7.97
C TRP A 43 7.75 -2.23 7.99
N TYR A 44 6.64 -1.72 8.52
CA TYR A 44 5.41 -2.45 8.70
C TYR A 44 4.29 -1.46 9.02
N THR A 45 3.10 -1.61 8.41
CA THR A 45 1.96 -0.74 8.73
C THR A 45 0.71 -1.17 7.98
N ALA A 46 -0.43 -0.81 8.55
CA ALA A 46 -1.76 -0.99 8.00
C ALA A 46 -2.50 0.34 8.07
N SER A 47 -1.77 1.46 8.22
CA SER A 47 -2.37 2.78 8.27
C SER A 47 -2.59 3.29 6.84
N VAL A 48 -3.29 4.41 6.69
CA VAL A 48 -3.55 5.01 5.39
C VAL A 48 -2.22 5.23 4.66
N PRO A 49 -2.00 4.65 3.47
CA PRO A 49 -0.77 4.83 2.73
C PRO A 49 -0.47 6.31 2.53
N GLY A 50 0.64 6.76 3.12
CA GLY A 50 1.08 8.15 3.07
C GLY A 50 0.91 8.84 4.42
N SER A 51 0.43 8.18 5.48
CA SER A 51 0.26 8.79 6.79
C SER A 51 1.60 8.96 7.51
N ASP A 52 2.61 9.52 6.84
CA ASP A 52 3.96 9.75 7.33
C ASP A 52 4.44 8.49 8.07
N SER A 53 5.16 8.65 9.18
CA SER A 53 5.62 7.57 10.05
C SER A 53 6.19 6.39 9.25
N SER A 54 5.45 5.28 9.21
CA SER A 54 5.81 4.03 8.59
C SER A 54 5.72 4.03 7.06
N TRP A 55 5.23 5.09 6.42
CA TRP A 55 5.11 5.20 4.97
C TRP A 55 6.13 6.14 4.35
N THR A 56 6.11 6.16 3.02
CA THR A 56 6.96 6.95 2.16
C THR A 56 6.29 6.94 0.78
N GLN A 57 6.22 8.10 0.14
CA GLN A 57 5.61 8.25 -1.19
C GLN A 57 6.71 7.99 -2.21
N VAL A 58 6.47 7.10 -3.17
CA VAL A 58 7.44 6.77 -4.20
C VAL A 58 7.13 7.49 -5.52
N GLY A 59 5.92 8.04 -5.69
CA GLY A 59 5.57 8.78 -6.90
C GLY A 59 4.09 8.68 -7.22
N SER A 60 3.78 8.88 -8.49
CA SER A 60 2.43 8.75 -9.03
C SER A 60 2.27 7.30 -9.46
N CYS A 61 1.14 6.67 -9.15
CA CYS A 61 0.92 5.34 -9.69
C CYS A 61 0.50 5.58 -11.10
N ASN A 62 1.44 5.43 -12.01
CA ASN A 62 1.14 5.55 -13.42
C ASN A 62 0.75 7.01 -13.73
N MET A 1 -12.41 7.05 -9.31
CA MET A 1 -11.06 6.70 -8.90
C MET A 1 -10.20 7.96 -8.73
N GLY A 2 -9.21 7.88 -7.85
CA GLY A 2 -8.26 8.95 -7.56
C GLY A 2 -7.05 8.27 -6.95
N ASP A 3 -6.58 7.25 -7.68
CA ASP A 3 -5.54 6.30 -7.37
C ASP A 3 -5.22 5.58 -8.68
N CYS A 4 -4.22 4.69 -8.70
CA CYS A 4 -3.89 3.94 -9.90
C CYS A 4 -4.72 2.66 -9.84
N ALA A 5 -5.93 2.75 -10.35
CA ALA A 5 -6.94 1.69 -10.36
C ALA A 5 -6.39 0.36 -10.88
N ASN A 6 -5.47 0.42 -11.84
CA ASN A 6 -4.84 -0.74 -12.46
C ASN A 6 -3.86 -1.45 -11.52
N ALA A 7 -3.40 -0.79 -10.45
CA ALA A 7 -2.46 -1.33 -9.47
C ALA A 7 -3.17 -1.56 -8.14
N ASN A 8 -2.41 -1.98 -7.12
CA ASN A 8 -2.95 -2.22 -5.79
C ASN A 8 -3.45 -0.91 -5.18
N VAL A 9 -4.76 -0.71 -5.19
CA VAL A 9 -5.40 0.45 -4.62
C VAL A 9 -5.80 0.10 -3.19
N TYR A 10 -5.38 0.87 -2.20
CA TYR A 10 -5.73 0.61 -0.81
C TYR A 10 -7.24 0.34 -0.67
N PRO A 11 -7.66 -0.66 0.13
CA PRO A 11 -6.84 -1.54 0.96
C PRO A 11 -6.47 -2.87 0.31
N ASN A 12 -6.22 -2.96 -1.00
CA ASN A 12 -5.82 -4.16 -1.65
C ASN A 12 -4.35 -4.47 -1.33
N TRP A 13 -4.06 -4.74 -0.05
CA TRP A 13 -2.73 -5.05 0.43
C TRP A 13 -2.04 -6.13 -0.39
N VAL A 14 -0.71 -6.11 -0.39
CA VAL A 14 0.11 -7.05 -1.11
C VAL A 14 0.31 -8.34 -0.29
N SER A 15 0.54 -8.24 1.02
CA SER A 15 0.77 -9.42 1.86
C SER A 15 -0.42 -9.78 2.76
N LYS A 16 -0.46 -11.06 3.11
CA LYS A 16 -1.41 -11.69 4.00
C LYS A 16 -0.68 -11.91 5.33
N ASP A 17 -1.40 -11.89 6.45
CA ASP A 17 -0.75 -12.13 7.73
C ASP A 17 -0.23 -13.56 7.81
N TRP A 18 -0.96 -14.51 7.20
CA TRP A 18 -0.61 -15.92 7.16
C TRP A 18 -0.96 -16.46 5.78
N ALA A 19 -0.31 -17.57 5.41
CA ALA A 19 -0.42 -18.26 4.13
C ALA A 19 -1.84 -18.27 3.54
N GLY A 20 -2.79 -18.89 4.25
CA GLY A 20 -4.17 -18.99 3.80
C GLY A 20 -5.05 -17.82 4.24
N GLY A 21 -4.46 -16.75 4.77
CA GLY A 21 -5.22 -15.59 5.20
C GLY A 21 -5.53 -14.68 4.03
N GLN A 22 -6.37 -13.67 4.26
CA GLN A 22 -6.71 -12.68 3.26
C GLN A 22 -5.63 -11.59 3.31
N PRO A 23 -5.54 -10.66 2.35
CA PRO A 23 -4.56 -9.60 2.44
C PRO A 23 -4.76 -8.86 3.75
N THR A 24 -3.68 -8.62 4.48
CA THR A 24 -3.75 -8.00 5.79
C THR A 24 -2.82 -6.79 5.90
N HIS A 25 -1.88 -6.60 4.96
CA HIS A 25 -0.89 -5.52 5.11
C HIS A 25 0.13 -5.50 3.97
N ASN A 26 0.90 -4.40 3.91
CA ASN A 26 2.01 -4.22 2.99
C ASN A 26 3.29 -4.32 3.81
N GLU A 27 4.31 -4.99 3.28
CA GLU A 27 5.60 -5.16 3.93
C GLU A 27 6.62 -4.23 3.28
N ALA A 28 7.80 -4.09 3.90
CA ALA A 28 8.87 -3.25 3.44
C ALA A 28 9.09 -3.37 1.93
N GLY A 29 8.98 -2.26 1.20
CA GLY A 29 9.18 -2.20 -0.23
C GLY A 29 7.89 -2.47 -1.03
N GLN A 30 6.85 -3.02 -0.41
CA GLN A 30 5.60 -3.30 -1.09
C GLN A 30 4.83 -1.99 -1.25
N SER A 31 4.53 -1.65 -2.50
CA SER A 31 3.83 -0.45 -2.90
C SER A 31 2.31 -0.62 -2.89
N ILE A 32 1.59 0.50 -2.92
CA ILE A 32 0.14 0.59 -2.95
C ILE A 32 -0.20 2.02 -3.36
N VAL A 33 -1.37 2.27 -3.97
CA VAL A 33 -1.80 3.63 -4.27
C VAL A 33 -2.94 3.96 -3.32
N TYR A 34 -3.16 5.24 -3.07
CA TYR A 34 -4.26 5.67 -2.23
C TYR A 34 -4.66 7.07 -2.69
N LYS A 35 -4.37 8.11 -1.90
CA LYS A 35 -4.71 9.46 -2.26
C LYS A 35 -3.77 9.93 -3.37
N GLY A 36 -4.21 9.62 -4.59
CA GLY A 36 -3.65 9.95 -5.89
C GLY A 36 -2.27 9.40 -6.21
N ASN A 37 -1.36 9.42 -5.24
CA ASN A 37 0.03 9.05 -5.43
C ASN A 37 0.32 7.65 -4.91
N LEU A 38 1.46 7.12 -5.35
CA LEU A 38 2.01 5.83 -5.03
C LEU A 38 2.70 5.94 -3.67
N TYR A 39 2.43 5.00 -2.77
CA TYR A 39 3.02 4.92 -1.44
C TYR A 39 3.60 3.53 -1.25
N THR A 40 4.62 3.40 -0.40
CA THR A 40 5.26 2.13 -0.11
C THR A 40 5.53 2.03 1.39
N ALA A 41 5.43 0.79 1.87
CA ALA A 41 5.65 0.45 3.26
C ALA A 41 7.14 0.35 3.55
N ASN A 42 7.48 0.78 4.76
CA ASN A 42 8.84 0.85 5.25
C ASN A 42 9.23 -0.43 6.01
N TRP A 43 8.27 -1.09 6.64
CA TRP A 43 8.53 -2.30 7.41
C TRP A 43 7.41 -3.33 7.26
N TYR A 44 6.27 -3.08 7.88
CA TYR A 44 5.08 -3.88 7.95
C TYR A 44 3.96 -2.93 8.36
N THR A 45 2.91 -2.74 7.55
CA THR A 45 1.85 -1.83 7.96
C THR A 45 0.57 -2.05 7.15
N ALA A 46 -0.54 -1.74 7.82
CA ALA A 46 -1.89 -1.75 7.31
C ALA A 46 -2.53 -0.41 7.67
N SER A 47 -1.73 0.58 8.09
CA SER A 47 -2.27 1.90 8.43
C SER A 47 -2.60 2.62 7.13
N VAL A 48 -3.25 3.78 7.23
CA VAL A 48 -3.65 4.57 6.08
C VAL A 48 -2.40 5.03 5.29
N PRO A 49 -2.23 4.63 4.01
CA PRO A 49 -1.11 5.06 3.19
C PRO A 49 -0.94 6.57 3.22
N GLY A 50 0.32 7.02 3.27
CA GLY A 50 0.63 8.43 3.32
C GLY A 50 0.58 8.99 4.74
N SER A 51 0.06 8.25 5.73
CA SER A 51 -0.01 8.72 7.11
C SER A 51 1.35 8.57 7.80
N ASP A 52 2.39 9.16 7.19
CA ASP A 52 3.78 9.19 7.64
C ASP A 52 4.24 7.82 8.19
N SER A 53 5.11 7.83 9.19
CA SER A 53 5.66 6.68 9.89
C SER A 53 6.03 5.52 8.96
N SER A 54 5.17 4.48 8.88
CA SER A 54 5.44 3.30 8.09
C SER A 54 5.19 3.46 6.60
N TRP A 55 4.70 4.61 6.14
CA TRP A 55 4.46 4.87 4.74
C TRP A 55 5.33 6.00 4.25
N THR A 56 5.84 5.79 3.03
CA THR A 56 6.74 6.68 2.33
C THR A 56 6.20 6.81 0.91
N GLN A 57 5.93 8.04 0.46
CA GLN A 57 5.43 8.27 -0.89
C GLN A 57 6.56 7.96 -1.88
N VAL A 58 6.25 7.29 -2.99
CA VAL A 58 7.22 6.85 -3.99
C VAL A 58 6.98 7.41 -5.40
N GLY A 59 5.83 8.01 -5.69
CA GLY A 59 5.59 8.53 -7.03
C GLY A 59 4.11 8.81 -7.24
N SER A 60 3.71 8.87 -8.52
CA SER A 60 2.33 9.09 -8.91
C SER A 60 2.11 8.39 -10.26
N CYS A 61 0.91 8.55 -10.80
CA CYS A 61 0.50 7.96 -12.08
C CYS A 61 0.06 9.03 -13.05
N ASN A 62 -1.09 9.62 -12.76
CA ASN A 62 -1.76 10.57 -13.61
C ASN A 62 -2.82 11.24 -12.74
N MET A 1 -12.68 5.66 -6.09
CA MET A 1 -12.25 4.40 -6.69
C MET A 1 -11.26 4.67 -7.85
N GLY A 2 -10.42 3.67 -8.15
CA GLY A 2 -9.43 3.77 -9.21
C GLY A 2 -8.52 4.98 -9.04
N ASP A 3 -8.06 5.19 -7.80
CA ASP A 3 -7.16 6.30 -7.44
C ASP A 3 -5.92 6.29 -8.34
N CYS A 4 -5.36 5.09 -8.58
CA CYS A 4 -4.23 4.89 -9.46
C CYS A 4 -4.72 4.89 -10.90
N ALA A 5 -5.66 3.97 -11.12
CA ALA A 5 -6.37 3.62 -12.34
C ALA A 5 -6.99 2.25 -12.05
N ASN A 6 -6.14 1.26 -11.80
CA ASN A 6 -6.53 -0.12 -11.50
C ASN A 6 -5.53 -0.85 -10.59
N ALA A 7 -4.49 -0.18 -10.10
CA ALA A 7 -3.49 -0.83 -9.25
C ALA A 7 -3.98 -1.00 -7.81
N ASN A 8 -3.14 -1.63 -6.97
CA ASN A 8 -3.41 -1.87 -5.56
C ASN A 8 -3.69 -0.55 -4.82
N VAL A 9 -4.96 -0.26 -4.60
CA VAL A 9 -5.42 0.91 -3.89
C VAL A 9 -5.75 0.50 -2.46
N TYR A 10 -5.25 1.21 -1.44
CA TYR A 10 -5.56 0.90 -0.05
C TYR A 10 -7.07 0.64 0.15
N PRO A 11 -7.51 -0.43 0.87
CA PRO A 11 -6.75 -1.46 1.56
C PRO A 11 -6.52 -2.74 0.73
N ASN A 12 -6.40 -2.67 -0.59
CA ASN A 12 -6.10 -3.84 -1.42
C ASN A 12 -4.62 -4.17 -1.23
N TRP A 13 -4.28 -4.57 -0.01
CA TRP A 13 -2.92 -4.87 0.41
C TRP A 13 -2.30 -6.00 -0.40
N VAL A 14 -0.98 -6.06 -0.34
CA VAL A 14 -0.19 -7.07 -1.01
C VAL A 14 -0.17 -8.35 -0.18
N SER A 15 -0.35 -8.29 1.14
CA SER A 15 -0.31 -9.46 1.99
C SER A 15 -1.15 -9.28 3.26
N LYS A 16 -1.24 -10.36 4.05
CA LYS A 16 -1.87 -10.52 5.32
C LYS A 16 -0.82 -10.73 6.40
N ASP A 17 0.10 -11.62 6.05
CA ASP A 17 1.20 -12.24 6.79
C ASP A 17 1.51 -13.50 5.97
N TRP A 18 0.42 -14.18 5.62
CA TRP A 18 0.34 -15.38 4.81
C TRP A 18 0.88 -15.21 3.40
N ALA A 19 1.02 -16.36 2.74
CA ALA A 19 1.38 -16.54 1.34
C ALA A 19 0.15 -17.15 0.63
N GLY A 20 -1.04 -16.68 1.00
CA GLY A 20 -2.33 -17.17 0.50
C GLY A 20 -3.42 -17.00 1.56
N GLY A 21 -3.51 -15.80 2.16
CA GLY A 21 -4.48 -15.43 3.18
C GLY A 21 -5.11 -14.10 2.76
N GLN A 22 -6.32 -13.78 3.25
CA GLN A 22 -6.98 -12.52 2.90
C GLN A 22 -6.08 -11.33 3.29
N PRO A 23 -5.74 -10.42 2.37
CA PRO A 23 -4.82 -9.33 2.66
C PRO A 23 -5.25 -8.48 3.86
N THR A 24 -4.28 -7.99 4.62
CA THR A 24 -4.55 -7.15 5.80
C THR A 24 -3.42 -6.15 6.08
N HIS A 25 -2.38 -6.09 5.24
CA HIS A 25 -1.24 -5.18 5.46
C HIS A 25 -0.20 -5.16 4.34
N ASN A 26 0.68 -4.16 4.41
CA ASN A 26 1.80 -3.95 3.51
C ASN A 26 3.09 -4.10 4.31
N GLU A 27 3.95 -5.01 3.89
CA GLU A 27 5.25 -5.28 4.48
C GLU A 27 6.35 -4.51 3.74
N ALA A 28 7.47 -4.30 4.44
CA ALA A 28 8.65 -3.59 3.97
C ALA A 28 8.91 -3.83 2.48
N GLY A 29 9.00 -2.75 1.71
CA GLY A 29 9.28 -2.80 0.30
C GLY A 29 8.07 -3.06 -0.60
N GLN A 30 6.91 -3.47 -0.08
CA GLN A 30 5.76 -3.67 -0.96
C GLN A 30 5.14 -2.30 -1.22
N SER A 31 4.66 -2.08 -2.43
CA SER A 31 4.09 -0.80 -2.85
C SER A 31 2.56 -0.82 -2.88
N ILE A 32 1.95 0.36 -2.78
CA ILE A 32 0.49 0.53 -2.81
C ILE A 32 0.20 1.97 -3.25
N VAL A 33 -1.05 2.26 -3.63
CA VAL A 33 -1.46 3.61 -4.02
C VAL A 33 -2.57 4.11 -3.11
N TYR A 34 -2.62 5.43 -2.95
CA TYR A 34 -3.68 6.12 -2.21
C TYR A 34 -3.74 7.53 -2.79
N LYS A 35 -4.92 7.94 -3.25
CA LYS A 35 -5.20 9.22 -3.87
C LYS A 35 -4.04 9.70 -4.73
N GLY A 36 -3.91 9.04 -5.87
CA GLY A 36 -2.91 9.28 -6.89
C GLY A 36 -1.48 8.87 -6.48
N ASN A 37 -1.05 9.24 -5.27
CA ASN A 37 0.31 8.97 -4.82
C ASN A 37 0.54 7.48 -4.60
N LEU A 38 1.74 7.05 -4.98
CA LEU A 38 2.32 5.74 -4.87
C LEU A 38 3.19 5.74 -3.63
N TYR A 39 2.95 4.83 -2.69
CA TYR A 39 3.70 4.69 -1.46
C TYR A 39 4.25 3.27 -1.36
N THR A 40 5.14 3.06 -0.39
CA THR A 40 5.74 1.79 -0.08
C THR A 40 6.05 1.77 1.40
N ALA A 41 6.02 0.57 1.98
CA ALA A 41 6.25 0.40 3.41
C ALA A 41 7.72 0.28 3.75
N ASN A 42 8.03 0.77 4.95
CA ASN A 42 9.36 0.83 5.54
C ASN A 42 9.62 -0.43 6.36
N TRP A 43 8.57 -0.96 7.03
CA TRP A 43 8.67 -2.15 7.86
C TRP A 43 7.38 -2.97 7.76
N TYR A 44 6.30 -2.49 8.38
CA TYR A 44 5.02 -3.13 8.44
C TYR A 44 3.95 -2.07 8.69
N THR A 45 2.83 -2.10 7.96
CA THR A 45 1.76 -1.15 8.19
C THR A 45 0.50 -1.53 7.42
N ALA A 46 -0.64 -1.13 8.00
CA ALA A 46 -1.97 -1.24 7.44
C ALA A 46 -2.66 0.12 7.63
N SER A 47 -1.89 1.18 7.88
CA SER A 47 -2.42 2.52 8.06
C SER A 47 -2.57 3.17 6.69
N VAL A 48 -3.29 4.29 6.60
CA VAL A 48 -3.52 4.99 5.35
C VAL A 48 -2.16 5.35 4.72
N PRO A 49 -1.86 4.87 3.50
CA PRO A 49 -0.62 5.17 2.81
C PRO A 49 -0.30 6.67 2.80
N GLY A 50 0.81 7.04 3.43
CA GLY A 50 1.25 8.42 3.56
C GLY A 50 1.14 8.92 4.99
N SER A 51 0.23 8.34 5.80
CA SER A 51 0.01 8.74 7.18
C SER A 51 1.12 8.21 8.10
N ASP A 52 2.37 8.61 7.85
CA ASP A 52 3.56 8.22 8.61
C ASP A 52 3.51 6.70 8.83
N SER A 53 3.48 6.24 10.09
CA SER A 53 3.36 4.83 10.50
C SER A 53 4.59 3.99 10.11
N SER A 54 4.83 3.85 8.80
CA SER A 54 5.87 3.10 8.12
C SER A 54 5.70 3.32 6.63
N TRP A 55 5.22 4.50 6.19
CA TRP A 55 5.04 4.79 4.78
C TRP A 55 6.05 5.80 4.30
N THR A 56 6.40 5.65 3.03
CA THR A 56 7.36 6.44 2.31
C THR A 56 6.81 6.53 0.88
N GLN A 57 6.70 7.75 0.34
CA GLN A 57 6.18 7.96 -1.01
C GLN A 57 7.26 7.61 -2.02
N VAL A 58 6.88 6.91 -3.09
CA VAL A 58 7.76 6.50 -4.17
C VAL A 58 7.39 7.21 -5.49
N GLY A 59 6.20 7.79 -5.60
CA GLY A 59 5.81 8.48 -6.83
C GLY A 59 4.33 8.80 -6.84
N SER A 60 3.79 8.86 -8.05
CA SER A 60 2.39 9.10 -8.35
C SER A 60 2.00 8.22 -9.52
N CYS A 61 0.81 7.61 -9.48
CA CYS A 61 0.35 6.88 -10.64
C CYS A 61 -0.06 7.96 -11.59
N ASN A 62 0.83 8.26 -12.51
CA ASN A 62 0.51 9.22 -13.54
C ASN A 62 0.26 10.59 -12.90
N MET A 1 -7.71 8.95 -13.18
CA MET A 1 -7.76 9.75 -11.96
C MET A 1 -8.10 8.90 -10.72
N GLY A 2 -8.55 7.66 -10.90
CA GLY A 2 -8.87 6.77 -9.80
C GLY A 2 -7.61 6.36 -9.04
N ASP A 3 -7.78 5.69 -7.90
CA ASP A 3 -6.68 5.23 -7.05
C ASP A 3 -6.01 4.01 -7.68
N CYS A 4 -5.28 4.27 -8.78
CA CYS A 4 -4.52 3.38 -9.66
C CYS A 4 -4.84 1.90 -9.52
N ALA A 5 -6.06 1.59 -9.96
CA ALA A 5 -6.71 0.28 -9.94
C ALA A 5 -5.83 -0.84 -10.49
N ASN A 6 -4.89 -0.52 -11.38
CA ASN A 6 -3.96 -1.48 -11.96
C ASN A 6 -3.18 -2.22 -10.86
N ALA A 7 -2.89 -1.54 -9.75
CA ALA A 7 -2.15 -2.07 -8.62
C ALA A 7 -3.04 -2.10 -7.38
N ASN A 8 -2.56 -2.77 -6.32
CA ASN A 8 -3.26 -2.89 -5.04
C ASN A 8 -3.74 -1.52 -4.58
N VAL A 9 -5.06 -1.36 -4.39
CA VAL A 9 -5.65 -0.10 -3.96
C VAL A 9 -6.07 -0.25 -2.50
N TYR A 10 -5.64 0.66 -1.63
CA TYR A 10 -5.95 0.62 -0.21
C TYR A 10 -7.46 0.41 0.04
N PRO A 11 -7.88 -0.46 0.97
CA PRO A 11 -7.06 -1.30 1.86
C PRO A 11 -6.78 -2.70 1.31
N ASN A 12 -6.73 -2.89 -0.01
CA ASN A 12 -6.42 -4.20 -0.58
C ASN A 12 -4.93 -4.46 -0.43
N TRP A 13 -4.46 -4.65 0.82
CA TRP A 13 -3.07 -4.93 1.13
C TRP A 13 -2.51 -6.03 0.26
N VAL A 14 -1.19 -6.09 0.18
CA VAL A 14 -0.56 -7.13 -0.61
C VAL A 14 -0.73 -8.48 0.09
N SER A 15 -0.72 -8.52 1.43
CA SER A 15 -0.81 -9.80 2.14
C SER A 15 -1.02 -9.64 3.65
N LYS A 16 -0.85 -10.76 4.34
CA LYS A 16 -0.76 -11.02 5.76
C LYS A 16 0.71 -11.18 6.14
N ASP A 17 1.43 -11.75 5.18
CA ASP A 17 2.81 -12.21 5.20
C ASP A 17 2.94 -13.20 4.06
N TRP A 18 1.90 -14.02 3.89
CA TRP A 18 1.91 -15.10 2.91
C TRP A 18 0.85 -14.95 1.83
N ALA A 19 1.13 -15.55 0.66
CA ALA A 19 0.33 -15.51 -0.55
C ALA A 19 -1.16 -15.75 -0.32
N GLY A 20 -1.53 -16.94 0.16
CA GLY A 20 -2.92 -17.28 0.39
C GLY A 20 -3.51 -16.60 1.62
N GLY A 21 -2.74 -15.78 2.35
CA GLY A 21 -3.24 -15.11 3.53
C GLY A 21 -4.15 -13.97 3.10
N GLN A 22 -5.37 -13.92 3.65
CA GLN A 22 -6.31 -12.83 3.37
C GLN A 22 -5.61 -11.53 3.79
N PRO A 23 -5.33 -10.62 2.86
CA PRO A 23 -4.55 -9.43 3.14
C PRO A 23 -4.92 -8.74 4.44
N THR A 24 -3.91 -8.43 5.25
CA THR A 24 -4.10 -7.79 6.55
C THR A 24 -3.21 -6.55 6.69
N HIS A 25 -2.20 -6.36 5.82
CA HIS A 25 -1.29 -5.21 5.94
C HIS A 25 -0.20 -5.26 4.88
N ASN A 26 0.48 -4.13 4.67
CA ASN A 26 1.59 -4.05 3.75
C ASN A 26 2.86 -4.17 4.57
N GLU A 27 3.70 -5.13 4.19
CA GLU A 27 4.98 -5.40 4.83
C GLU A 27 6.08 -4.63 4.10
N ALA A 28 7.28 -4.61 4.69
CA ALA A 28 8.43 -3.92 4.15
C ALA A 28 8.60 -4.18 2.66
N GLY A 29 8.71 -3.11 1.87
CA GLY A 29 8.89 -3.16 0.44
C GLY A 29 7.58 -3.34 -0.34
N GLN A 30 6.45 -3.66 0.33
CA GLN A 30 5.18 -3.82 -0.37
C GLN A 30 4.55 -2.46 -0.62
N SER A 31 4.03 -2.30 -1.83
CA SER A 31 3.43 -1.07 -2.32
C SER A 31 1.90 -1.12 -2.36
N ILE A 32 1.27 0.04 -2.45
CA ILE A 32 -0.18 0.19 -2.53
C ILE A 32 -0.51 1.58 -3.05
N VAL A 33 -1.68 1.75 -3.66
CA VAL A 33 -2.17 3.03 -4.14
C VAL A 33 -3.20 3.55 -3.14
N TYR A 34 -3.31 4.87 -3.05
CA TYR A 34 -4.31 5.55 -2.25
C TYR A 34 -4.83 6.73 -3.07
N LYS A 35 -5.04 7.92 -2.51
CA LYS A 35 -5.56 9.08 -3.25
C LYS A 35 -4.59 9.53 -4.33
N GLY A 36 -4.69 8.87 -5.48
CA GLY A 36 -3.93 9.04 -6.70
C GLY A 36 -2.44 8.67 -6.59
N ASN A 37 -1.86 8.78 -5.39
CA ASN A 37 -0.47 8.50 -5.08
C ASN A 37 -0.26 7.02 -4.75
N LEU A 38 0.96 6.58 -5.04
CA LEU A 38 1.52 5.27 -4.83
C LEU A 38 2.47 5.36 -3.64
N TYR A 39 2.32 4.47 -2.64
CA TYR A 39 3.16 4.45 -1.45
C TYR A 39 3.68 3.03 -1.20
N THR A 40 4.79 2.93 -0.45
CA THR A 40 5.41 1.66 -0.09
C THR A 40 5.71 1.67 1.41
N ALA A 41 5.48 0.52 2.03
CA ALA A 41 5.70 0.27 3.44
C ALA A 41 7.16 -0.02 3.68
N ASN A 42 7.64 0.53 4.80
CA ASN A 42 9.02 0.43 5.23
C ASN A 42 9.28 -0.79 6.10
N TRP A 43 8.28 -1.19 6.90
CA TRP A 43 8.42 -2.31 7.82
C TRP A 43 7.16 -3.19 7.85
N TYR A 44 6.09 -2.66 8.41
CA TYR A 44 4.82 -3.31 8.61
C TYR A 44 3.79 -2.23 8.86
N THR A 45 2.70 -2.15 8.09
CA THR A 45 1.70 -1.13 8.33
C THR A 45 0.38 -1.44 7.62
N ALA A 46 -0.70 -1.09 8.31
CA ALA A 46 -2.08 -1.12 7.84
C ALA A 46 -2.65 0.29 8.02
N SER A 47 -1.76 1.27 8.26
CA SER A 47 -2.12 2.66 8.47
C SER A 47 -2.51 3.27 7.13
N VAL A 48 -3.21 4.40 7.12
CA VAL A 48 -3.60 5.05 5.88
C VAL A 48 -2.33 5.47 5.11
N PRO A 49 -2.12 4.99 3.87
CA PRO A 49 -0.97 5.35 3.07
C PRO A 49 -0.73 6.87 3.05
N GLY A 50 0.52 7.28 3.30
CA GLY A 50 0.89 8.68 3.31
C GLY A 50 0.66 9.35 4.66
N SER A 51 -0.03 8.70 5.61
CA SER A 51 -0.29 9.29 6.93
C SER A 51 0.97 9.20 7.80
N ASP A 52 2.06 9.85 7.38
CA ASP A 52 3.35 9.85 8.06
C ASP A 52 3.77 8.40 8.34
N SER A 53 4.31 8.10 9.53
CA SER A 53 4.72 6.76 9.90
C SER A 53 5.75 6.21 8.89
N SER A 54 5.60 4.94 8.55
CA SER A 54 6.39 4.16 7.63
C SER A 54 6.27 4.73 6.22
N TRP A 55 5.10 4.47 5.64
CA TRP A 55 4.68 4.82 4.30
C TRP A 55 5.47 5.95 3.66
N THR A 56 6.18 5.55 2.61
CA THR A 56 7.06 6.36 1.83
C THR A 56 6.51 6.39 0.40
N GLN A 57 6.28 7.59 -0.16
CA GLN A 57 5.70 7.72 -1.48
C GLN A 57 6.70 7.24 -2.54
N VAL A 58 6.20 6.54 -3.56
CA VAL A 58 6.98 6.00 -4.68
C VAL A 58 6.50 6.60 -6.01
N GLY A 59 5.31 7.21 -6.07
CA GLY A 59 4.84 7.78 -7.32
C GLY A 59 3.37 8.16 -7.21
N SER A 60 2.72 8.19 -8.37
CA SER A 60 1.30 8.48 -8.55
C SER A 60 0.91 7.92 -9.90
N CYS A 61 -0.41 7.85 -10.18
CA CYS A 61 -0.93 7.33 -11.45
C CYS A 61 -0.26 7.94 -12.66
N ASN A 62 -0.51 9.25 -12.81
CA ASN A 62 -0.15 10.08 -13.92
C ASN A 62 -0.19 11.50 -13.39
N MET A 1 -10.88 -1.01 -12.12
CA MET A 1 -10.91 0.38 -11.69
C MET A 1 -10.62 0.47 -10.19
N GLY A 2 -9.95 1.54 -9.76
CA GLY A 2 -9.61 1.80 -8.38
C GLY A 2 -8.98 3.18 -8.29
N ASP A 3 -8.69 3.66 -7.08
CA ASP A 3 -8.10 4.97 -6.84
C ASP A 3 -6.81 5.14 -7.67
N CYS A 4 -6.01 4.08 -7.83
CA CYS A 4 -4.82 4.12 -8.68
C CYS A 4 -5.27 4.15 -10.14
N ALA A 5 -5.98 3.08 -10.49
CA ALA A 5 -6.54 2.72 -11.78
C ALA A 5 -6.57 1.20 -11.82
N ASN A 6 -5.39 0.57 -11.72
CA ASN A 6 -5.26 -0.87 -11.79
C ASN A 6 -4.07 -1.42 -11.00
N ALA A 7 -3.68 -0.77 -9.89
CA ALA A 7 -2.58 -1.28 -9.06
C ALA A 7 -3.06 -1.59 -7.64
N ASN A 8 -2.17 -2.08 -6.78
CA ASN A 8 -2.48 -2.37 -5.38
C ASN A 8 -2.91 -1.08 -4.71
N VAL A 9 -4.23 -0.89 -4.62
CA VAL A 9 -4.86 0.28 -4.09
C VAL A 9 -5.50 -0.04 -2.75
N TYR A 10 -5.14 0.71 -1.71
CA TYR A 10 -5.69 0.60 -0.37
C TYR A 10 -7.21 0.35 -0.41
N PRO A 11 -7.77 -0.62 0.34
CA PRO A 11 -7.11 -1.53 1.28
C PRO A 11 -6.54 -2.81 0.65
N ASN A 12 -6.33 -2.87 -0.68
CA ASN A 12 -5.79 -4.05 -1.36
C ASN A 12 -4.29 -4.17 -1.08
N TRP A 13 -3.94 -4.40 0.18
CA TRP A 13 -2.56 -4.54 0.61
C TRP A 13 -1.84 -5.62 -0.18
N VAL A 14 -0.52 -5.47 -0.29
CA VAL A 14 0.32 -6.42 -1.01
C VAL A 14 0.41 -7.73 -0.22
N SER A 15 0.59 -7.68 1.10
CA SER A 15 0.69 -8.91 1.90
C SER A 15 -0.62 -9.22 2.60
N LYS A 16 -0.81 -10.52 2.78
CA LYS A 16 -1.91 -11.15 3.46
C LYS A 16 -1.44 -11.54 4.85
N ASP A 17 -2.38 -11.94 5.72
CA ASP A 17 -2.04 -12.43 7.05
C ASP A 17 -1.30 -13.77 6.91
N TRP A 18 -1.76 -14.60 5.95
CA TRP A 18 -1.20 -15.89 5.63
C TRP A 18 -1.38 -16.10 4.13
N ALA A 19 -0.63 -17.04 3.55
CA ALA A 19 -0.61 -17.37 2.13
C ALA A 19 -2.00 -17.38 1.48
N GLY A 20 -2.90 -18.24 1.97
CA GLY A 20 -4.26 -18.36 1.44
C GLY A 20 -5.24 -17.39 2.08
N GLY A 21 -4.75 -16.39 2.82
CA GLY A 21 -5.59 -15.39 3.48
C GLY A 21 -6.01 -14.29 2.51
N GLN A 22 -6.39 -13.14 3.07
CA GLN A 22 -6.81 -11.95 2.35
C GLN A 22 -5.84 -10.82 2.72
N PRO A 23 -5.72 -9.75 1.92
CA PRO A 23 -4.82 -8.65 2.21
C PRO A 23 -4.99 -8.19 3.66
N THR A 24 -3.86 -7.95 4.34
CA THR A 24 -3.87 -7.58 5.74
C THR A 24 -2.91 -6.43 6.03
N HIS A 25 -1.94 -6.16 5.15
CA HIS A 25 -0.92 -5.14 5.41
C HIS A 25 0.09 -5.04 4.27
N ASN A 26 0.74 -3.88 4.17
CA ASN A 26 1.76 -3.63 3.19
C ASN A 26 3.08 -4.16 3.78
N GLU A 27 3.73 -5.06 3.06
CA GLU A 27 5.00 -5.63 3.49
C GLU A 27 6.09 -4.57 3.32
N ALA A 28 7.16 -4.68 4.12
CA ALA A 28 8.27 -3.74 4.04
C ALA A 28 8.81 -3.68 2.61
N GLY A 29 9.02 -2.47 2.11
CA GLY A 29 9.53 -2.24 0.78
C GLY A 29 8.49 -2.46 -0.32
N GLN A 30 7.25 -2.88 0.00
CA GLN A 30 6.26 -3.08 -1.04
C GLN A 30 5.50 -1.78 -1.22
N SER A 31 5.06 -1.50 -2.44
CA SER A 31 4.34 -0.26 -2.71
C SER A 31 2.85 -0.44 -2.54
N ILE A 32 2.12 0.67 -2.38
CA ILE A 32 0.68 0.68 -2.21
C ILE A 32 0.18 2.08 -2.60
N VAL A 33 -0.95 2.16 -3.31
CA VAL A 33 -1.53 3.43 -3.75
C VAL A 33 -2.77 3.71 -2.91
N TYR A 34 -3.19 4.98 -2.81
CA TYR A 34 -4.43 5.29 -2.13
C TYR A 34 -5.00 6.56 -2.76
N LYS A 35 -4.68 7.73 -2.20
CA LYS A 35 -5.14 9.04 -2.64
C LYS A 35 -4.36 9.49 -3.90
N GLY A 36 -4.35 8.63 -4.90
CA GLY A 36 -3.70 8.76 -6.18
C GLY A 36 -2.19 8.53 -6.07
N ASN A 37 -1.60 8.97 -4.95
CA ASN A 37 -0.18 8.84 -4.69
C ASN A 37 0.17 7.39 -4.41
N LEU A 38 1.34 7.01 -4.90
CA LEU A 38 2.02 5.75 -4.79
C LEU A 38 2.96 5.88 -3.60
N TYR A 39 2.71 5.09 -2.56
CA TYR A 39 3.53 5.06 -1.37
C TYR A 39 4.22 3.70 -1.26
N THR A 40 5.12 3.59 -0.30
CA THR A 40 5.85 2.37 0.02
C THR A 40 6.18 2.50 1.51
N ALA A 41 6.19 1.35 2.17
CA ALA A 41 6.42 1.26 3.61
C ALA A 41 7.83 0.84 3.97
N ASN A 42 8.39 1.51 4.98
CA ASN A 42 9.68 1.12 5.54
C ASN A 42 9.64 -0.30 6.09
N TRP A 43 8.51 -0.67 6.69
CA TRP A 43 8.23 -1.93 7.34
C TRP A 43 6.76 -2.35 7.19
N TYR A 44 6.29 -2.91 8.29
CA TYR A 44 4.99 -3.50 8.55
C TYR A 44 3.90 -2.49 8.80
N THR A 45 2.87 -2.38 7.95
CA THR A 45 1.84 -1.39 8.25
C THR A 45 0.58 -1.62 7.43
N ALA A 46 -0.55 -1.35 8.09
CA ALA A 46 -1.90 -1.38 7.55
C ALA A 46 -2.58 -0.09 8.02
N SER A 47 -1.80 0.98 8.18
CA SER A 47 -2.27 2.28 8.65
C SER A 47 -2.84 3.05 7.45
N VAL A 48 -2.49 4.33 7.30
CA VAL A 48 -2.96 5.17 6.20
C VAL A 48 -1.79 5.49 5.27
N PRO A 49 -1.75 4.94 4.05
CA PRO A 49 -0.70 5.19 3.08
C PRO A 49 -0.42 6.68 2.93
N GLY A 50 0.78 7.10 3.34
CA GLY A 50 1.22 8.49 3.27
C GLY A 50 1.25 9.18 4.62
N SER A 51 0.88 8.52 5.73
CA SER A 51 0.90 9.16 7.05
C SER A 51 2.33 9.26 7.62
N ASP A 52 3.30 9.66 6.78
CA ASP A 52 4.71 9.83 7.10
C ASP A 52 5.24 8.67 7.97
N SER A 53 6.24 8.94 8.82
CA SER A 53 6.86 8.04 9.78
C SER A 53 7.33 6.72 9.17
N SER A 54 6.40 5.80 8.95
CA SER A 54 6.62 4.48 8.41
C SER A 54 6.68 4.54 6.87
N TRP A 55 5.63 5.13 6.31
CA TRP A 55 5.41 5.34 4.90
C TRP A 55 6.37 6.35 4.29
N THR A 56 6.43 6.33 2.96
CA THR A 56 7.25 7.18 2.13
C THR A 56 6.60 7.18 0.74
N GLN A 57 6.53 8.33 0.07
CA GLN A 57 5.93 8.44 -1.26
C GLN A 57 6.99 8.15 -2.32
N VAL A 58 6.59 7.40 -3.36
CA VAL A 58 7.45 7.04 -4.49
C VAL A 58 6.94 7.63 -5.80
N GLY A 59 5.69 8.13 -5.86
CA GLY A 59 5.13 8.71 -7.08
C GLY A 59 3.64 8.87 -6.93
N SER A 60 2.93 8.82 -8.06
CA SER A 60 1.48 8.89 -8.14
C SER A 60 1.02 8.15 -9.39
N CYS A 61 -0.08 7.40 -9.30
CA CYS A 61 -0.64 6.67 -10.43
C CYS A 61 -1.32 7.64 -11.38
N ASN A 62 -2.22 8.42 -10.79
CA ASN A 62 -3.10 9.33 -11.45
C ASN A 62 -3.49 10.37 -10.40
N MET A 1 -12.63 3.00 -5.23
CA MET A 1 -11.19 3.01 -4.99
C MET A 1 -10.44 2.60 -6.25
N GLY A 2 -10.17 3.56 -7.14
CA GLY A 2 -9.43 3.36 -8.37
C GLY A 2 -8.41 4.47 -8.55
N ASP A 3 -7.83 4.90 -7.42
CA ASP A 3 -6.86 5.98 -7.32
C ASP A 3 -5.72 5.77 -8.32
N CYS A 4 -5.13 4.58 -8.35
CA CYS A 4 -4.06 4.27 -9.29
C CYS A 4 -4.63 4.18 -10.71
N ALA A 5 -5.63 3.30 -10.81
CA ALA A 5 -6.41 2.90 -11.97
C ALA A 5 -7.03 1.58 -11.55
N ASN A 6 -6.19 0.55 -11.37
CA ASN A 6 -6.60 -0.78 -10.97
C ASN A 6 -5.45 -1.55 -10.31
N ALA A 7 -4.49 -0.86 -9.70
CA ALA A 7 -3.38 -1.54 -9.02
C ALA A 7 -3.71 -1.77 -7.54
N ASN A 8 -2.71 -2.11 -6.72
CA ASN A 8 -2.93 -2.28 -5.28
C ASN A 8 -3.16 -0.91 -4.68
N VAL A 9 -4.41 -0.48 -4.76
CA VAL A 9 -4.89 0.80 -4.28
C VAL A 9 -5.54 0.61 -2.92
N TYR A 10 -5.07 1.36 -1.92
CA TYR A 10 -5.57 1.34 -0.56
C TYR A 10 -7.11 1.21 -0.52
N PRO A 11 -7.70 0.30 0.28
CA PRO A 11 -7.07 -0.64 1.20
C PRO A 11 -6.73 -2.01 0.58
N ASN A 12 -6.56 -2.11 -0.74
CA ASN A 12 -6.22 -3.36 -1.42
C ASN A 12 -4.76 -3.70 -1.17
N TRP A 13 -4.42 -4.00 0.10
CA TRP A 13 -3.08 -4.35 0.50
C TRP A 13 -2.50 -5.47 -0.35
N VAL A 14 -1.18 -5.54 -0.40
CA VAL A 14 -0.48 -6.54 -1.19
C VAL A 14 -0.63 -7.94 -0.58
N SER A 15 -0.73 -8.07 0.75
CA SER A 15 -0.81 -9.39 1.36
C SER A 15 -1.59 -9.42 2.68
N LYS A 16 -1.89 -10.65 3.12
CA LYS A 16 -2.57 -10.99 4.33
C LYS A 16 -1.65 -11.04 5.54
N ASP A 17 -0.46 -11.56 5.25
CA ASP A 17 0.68 -11.93 6.06
C ASP A 17 1.53 -12.75 5.09
N TRP A 18 0.83 -13.69 4.46
CA TRP A 18 1.27 -14.59 3.43
C TRP A 18 0.55 -14.18 2.14
N ALA A 19 0.89 -14.85 1.03
CA ALA A 19 0.37 -14.53 -0.29
C ALA A 19 -1.09 -14.95 -0.51
N GLY A 20 -1.40 -16.24 -0.31
CA GLY A 20 -2.73 -16.78 -0.57
C GLY A 20 -3.86 -16.20 0.27
N GLY A 21 -3.57 -15.66 1.46
CA GLY A 21 -4.61 -15.09 2.30
C GLY A 21 -5.24 -13.83 1.66
N GLN A 22 -6.41 -13.37 2.14
CA GLN A 22 -7.00 -12.14 1.62
C GLN A 22 -6.13 -11.00 2.14
N PRO A 23 -6.16 -9.75 1.66
CA PRO A 23 -5.23 -8.77 2.22
C PRO A 23 -5.56 -8.34 3.65
N THR A 24 -4.53 -7.85 4.37
CA THR A 24 -4.63 -7.36 5.74
C THR A 24 -3.76 -6.13 5.97
N HIS A 25 -2.66 -5.97 5.23
CA HIS A 25 -1.69 -4.91 5.47
C HIS A 25 -0.55 -4.95 4.45
N ASN A 26 0.28 -3.91 4.46
CA ASN A 26 1.44 -3.79 3.60
C ASN A 26 2.68 -4.03 4.47
N GLU A 27 3.52 -4.97 4.02
CA GLU A 27 4.76 -5.34 4.69
C GLU A 27 5.94 -4.65 4.01
N ALA A 28 7.06 -4.57 4.72
CA ALA A 28 8.29 -3.93 4.26
C ALA A 28 8.58 -4.26 2.80
N GLY A 29 8.77 -3.23 1.98
CA GLY A 29 9.09 -3.34 0.57
C GLY A 29 7.86 -3.51 -0.32
N GLN A 30 6.66 -3.80 0.22
CA GLN A 30 5.50 -3.94 -0.64
C GLN A 30 4.99 -2.54 -0.97
N SER A 31 4.48 -2.34 -2.17
CA SER A 31 4.00 -1.05 -2.64
C SER A 31 2.48 -0.95 -2.51
N ILE A 32 1.94 0.27 -2.46
CA ILE A 32 0.51 0.52 -2.34
C ILE A 32 0.24 1.93 -2.84
N VAL A 33 -0.90 2.16 -3.50
CA VAL A 33 -1.24 3.47 -4.05
C VAL A 33 -2.40 4.09 -3.27
N TYR A 34 -2.44 5.43 -3.21
CA TYR A 34 -3.50 6.19 -2.57
C TYR A 34 -3.51 7.58 -3.21
N LYS A 35 -4.69 8.09 -3.57
CA LYS A 35 -4.92 9.38 -4.22
C LYS A 35 -3.97 9.66 -5.38
N GLY A 36 -3.61 8.58 -6.08
CA GLY A 36 -2.74 8.54 -7.22
C GLY A 36 -1.28 8.36 -6.85
N ASN A 37 -0.87 8.77 -5.65
CA ASN A 37 0.53 8.64 -5.24
C ASN A 37 0.81 7.21 -4.82
N LEU A 38 1.98 6.74 -5.23
CA LEU A 38 2.58 5.46 -4.99
C LEU A 38 3.39 5.55 -3.70
N TYR A 39 3.16 4.62 -2.78
CA TYR A 39 3.88 4.53 -1.52
C TYR A 39 4.39 3.10 -1.36
N THR A 40 5.27 2.92 -0.40
CA THR A 40 5.83 1.64 -0.04
C THR A 40 6.11 1.70 1.46
N ALA A 41 5.97 0.55 2.12
CA ALA A 41 6.19 0.46 3.55
C ALA A 41 7.61 0.03 3.84
N ASN A 42 8.08 0.52 4.98
CA ASN A 42 9.40 0.30 5.54
C ASN A 42 9.42 -0.93 6.44
N TRP A 43 8.33 -1.15 7.19
CA TRP A 43 8.23 -2.27 8.13
C TRP A 43 6.93 -3.04 7.96
N TYR A 44 5.85 -2.51 8.53
CA TYR A 44 4.52 -3.07 8.55
C TYR A 44 3.54 -1.94 8.77
N THR A 45 2.46 -1.85 8.00
CA THR A 45 1.46 -0.82 8.23
C THR A 45 0.19 -1.13 7.44
N ALA A 46 -0.92 -0.61 7.94
CA ALA A 46 -2.25 -0.74 7.37
C ALA A 46 -3.07 0.50 7.74
N SER A 47 -2.42 1.67 7.83
CA SER A 47 -3.07 2.91 8.24
C SER A 47 -3.66 3.65 7.04
N VAL A 48 -2.94 4.66 6.55
CA VAL A 48 -3.29 5.50 5.43
C VAL A 48 -1.96 5.88 4.74
N PRO A 49 -1.68 5.36 3.54
CA PRO A 49 -0.45 5.65 2.81
C PRO A 49 -0.09 7.14 2.77
N GLY A 50 1.00 7.51 3.47
CA GLY A 50 1.50 8.87 3.56
C GLY A 50 1.35 9.43 4.97
N SER A 51 0.35 8.97 5.74
CA SER A 51 0.08 9.46 7.09
C SER A 51 1.10 8.88 8.09
N ASP A 52 2.38 9.24 7.95
CA ASP A 52 3.46 8.75 8.81
C ASP A 52 3.36 7.23 8.85
N SER A 53 3.34 6.60 10.03
CA SER A 53 3.17 5.15 10.23
C SER A 53 4.43 4.35 9.82
N SER A 54 4.96 4.65 8.64
CA SER A 54 6.10 4.05 7.98
C SER A 54 6.23 4.76 6.64
N TRP A 55 5.19 4.54 5.85
CA TRP A 55 4.99 4.95 4.48
C TRP A 55 5.96 5.98 3.92
N THR A 56 6.60 5.54 2.85
CA THR A 56 7.59 6.26 2.10
C THR A 56 7.05 6.37 0.67
N GLN A 57 6.83 7.60 0.20
CA GLN A 57 6.31 7.85 -1.14
C GLN A 57 7.39 7.50 -2.16
N VAL A 58 7.01 6.90 -3.28
CA VAL A 58 7.93 6.48 -4.34
C VAL A 58 7.54 7.02 -5.72
N GLY A 59 6.43 7.75 -5.87
CA GLY A 59 6.01 8.29 -7.15
C GLY A 59 4.50 8.44 -7.18
N SER A 60 3.93 8.37 -8.39
CA SER A 60 2.50 8.44 -8.63
C SER A 60 2.16 7.57 -9.84
N CYS A 61 1.01 6.88 -9.79
CA CYS A 61 0.54 6.04 -10.89
C CYS A 61 0.16 6.92 -12.07
N ASN A 62 -0.58 7.97 -11.73
CA ASN A 62 -1.17 8.91 -12.63
C ASN A 62 -1.26 10.21 -11.85
N MET A 1 -12.67 5.16 -6.08
CA MET A 1 -11.94 3.92 -5.81
C MET A 1 -10.98 3.61 -6.96
N GLY A 2 -10.10 2.63 -6.75
CA GLY A 2 -9.11 2.22 -7.75
C GLY A 2 -8.17 3.36 -8.09
N ASP A 3 -7.82 4.15 -7.08
CA ASP A 3 -6.97 5.34 -7.07
C ASP A 3 -5.84 5.30 -8.11
N CYS A 4 -5.13 4.16 -8.21
CA CYS A 4 -4.05 4.00 -9.17
C CYS A 4 -4.57 3.98 -10.61
N ALA A 5 -5.54 3.09 -10.82
CA ALA A 5 -6.24 2.72 -12.03
C ALA A 5 -6.80 1.32 -11.80
N ASN A 6 -5.89 0.37 -11.49
CA ASN A 6 -6.21 -1.01 -11.24
C ASN A 6 -5.25 -1.69 -10.25
N ALA A 7 -4.18 -1.02 -9.82
CA ALA A 7 -3.21 -1.64 -8.92
C ALA A 7 -3.69 -1.65 -7.46
N ASN A 8 -2.92 -2.31 -6.58
CA ASN A 8 -3.20 -2.42 -5.16
C ASN A 8 -3.40 -1.03 -4.55
N VAL A 9 -4.66 -0.68 -4.29
CA VAL A 9 -5.07 0.58 -3.72
C VAL A 9 -5.43 0.36 -2.26
N TYR A 10 -4.99 1.24 -1.36
CA TYR A 10 -5.33 1.16 0.06
C TYR A 10 -6.83 0.86 0.26
N PRO A 11 -7.24 -0.10 1.11
CA PRO A 11 -6.44 -0.99 1.96
C PRO A 11 -6.22 -2.38 1.36
N ASN A 12 -6.05 -2.51 0.06
CA ASN A 12 -5.79 -3.79 -0.60
C ASN A 12 -4.33 -4.18 -0.34
N TRP A 13 -3.98 -4.37 0.93
CA TRP A 13 -2.65 -4.72 1.37
C TRP A 13 -2.08 -5.94 0.65
N VAL A 14 -0.76 -5.96 0.53
CA VAL A 14 -0.02 -6.99 -0.17
C VAL A 14 0.49 -8.10 0.74
N SER A 15 0.79 -7.82 2.02
CA SER A 15 1.36 -8.87 2.87
C SER A 15 0.38 -10.02 3.08
N LYS A 16 -0.90 -9.70 3.28
CA LYS A 16 -1.97 -10.63 3.49
C LYS A 16 -1.74 -11.57 4.67
N ASP A 17 -2.69 -12.47 4.90
CA ASP A 17 -2.56 -13.47 5.95
C ASP A 17 -1.51 -14.51 5.52
N TRP A 18 -1.18 -14.59 4.23
CA TRP A 18 -0.18 -15.52 3.73
C TRP A 18 0.39 -15.05 2.38
N ALA A 19 -0.39 -15.19 1.30
CA ALA A 19 0.04 -14.81 -0.04
C ALA A 19 -1.16 -14.65 -0.97
N GLY A 20 -2.01 -15.67 -1.03
CA GLY A 20 -3.23 -15.67 -1.84
C GLY A 20 -4.46 -15.26 -1.02
N GLY A 21 -4.32 -15.21 0.32
CA GLY A 21 -5.41 -14.87 1.21
C GLY A 21 -5.79 -13.39 1.20
N GLN A 22 -6.74 -13.04 2.07
CA GLN A 22 -7.23 -11.69 2.24
C GLN A 22 -6.10 -10.77 2.74
N PRO A 23 -6.21 -9.44 2.56
CA PRO A 23 -5.20 -8.51 3.04
C PRO A 23 -5.13 -8.54 4.56
N THR A 24 -4.08 -7.90 5.08
CA THR A 24 -3.85 -7.79 6.51
C THR A 24 -3.01 -6.56 6.86
N HIS A 25 -2.13 -6.12 5.95
CA HIS A 25 -1.18 -5.02 6.16
C HIS A 25 -0.09 -5.04 5.08
N ASN A 26 0.71 -3.97 5.04
CA ASN A 26 1.83 -3.80 4.13
C ASN A 26 3.10 -3.95 4.98
N GLU A 27 4.01 -4.83 4.53
CA GLU A 27 5.29 -5.10 5.17
C GLU A 27 6.40 -4.41 4.38
N ALA A 28 7.56 -4.25 5.03
CA ALA A 28 8.75 -3.62 4.49
C ALA A 28 8.96 -3.96 3.01
N GLY A 29 9.02 -2.93 2.15
CA GLY A 29 9.25 -3.09 0.74
C GLY A 29 7.99 -3.36 -0.08
N GLN A 30 6.85 -3.73 0.53
CA GLN A 30 5.65 -3.95 -0.26
C GLN A 30 5.10 -2.57 -0.62
N SER A 31 4.64 -2.39 -1.86
CA SER A 31 4.12 -1.11 -2.31
C SER A 31 2.61 -1.14 -2.47
N ILE A 32 1.98 0.03 -2.32
CA ILE A 32 0.54 0.22 -2.42
C ILE A 32 0.29 1.63 -2.96
N VAL A 33 -0.91 1.91 -3.47
CA VAL A 33 -1.26 3.22 -4.00
C VAL A 33 -2.37 3.83 -3.15
N TYR A 34 -2.42 5.15 -3.08
CA TYR A 34 -3.44 5.90 -2.37
C TYR A 34 -3.47 7.28 -2.99
N LYS A 35 -4.64 7.65 -3.54
CA LYS A 35 -4.92 8.89 -4.24
C LYS A 35 -3.75 9.30 -5.14
N GLY A 36 -3.67 8.59 -6.26
CA GLY A 36 -2.66 8.75 -7.30
C GLY A 36 -1.26 8.29 -6.89
N ASN A 37 -0.78 8.69 -5.72
CA ASN A 37 0.56 8.41 -5.25
C ASN A 37 0.76 6.96 -4.83
N LEU A 38 1.95 6.46 -5.16
CA LEU A 38 2.52 5.15 -4.90
C LEU A 38 3.40 5.28 -3.66
N TYR A 39 3.23 4.41 -2.66
CA TYR A 39 4.01 4.40 -1.44
C TYR A 39 4.47 2.98 -1.13
N THR A 40 5.56 2.88 -0.37
CA THR A 40 6.14 1.63 0.09
C THR A 40 6.37 1.74 1.60
N ALA A 41 6.19 0.64 2.31
CA ALA A 41 6.41 0.61 3.75
C ALA A 41 7.86 0.32 4.06
N ASN A 42 8.27 0.88 5.20
CA ASN A 42 9.63 0.78 5.72
C ASN A 42 9.78 -0.46 6.59
N TRP A 43 8.71 -0.84 7.30
CA TRP A 43 8.75 -1.98 8.21
C TRP A 43 7.42 -2.76 8.20
N TYR A 44 6.38 -2.15 8.75
CA TYR A 44 5.05 -2.68 8.91
C TYR A 44 4.07 -1.53 9.06
N THR A 45 2.90 -1.60 8.41
CA THR A 45 1.86 -0.59 8.56
C THR A 45 0.60 -1.07 7.86
N ALA A 46 -0.55 -0.68 8.42
CA ALA A 46 -1.87 -0.98 7.90
C ALA A 46 -2.73 0.28 8.07
N SER A 47 -2.10 1.44 7.88
CA SER A 47 -2.71 2.74 8.03
C SER A 47 -2.50 3.56 6.76
N VAL A 48 -3.41 4.49 6.49
CA VAL A 48 -3.46 5.36 5.31
C VAL A 48 -2.05 5.78 4.82
N PRO A 49 -1.60 5.28 3.66
CA PRO A 49 -0.32 5.59 3.07
C PRO A 49 -0.03 7.08 2.96
N GLY A 50 1.20 7.48 3.28
CA GLY A 50 1.65 8.86 3.24
C GLY A 50 1.12 9.67 4.42
N SER A 51 -0.16 9.50 4.75
CA SER A 51 -0.82 10.24 5.81
C SER A 51 -0.38 9.75 7.19
N ASP A 52 -0.25 8.43 7.38
CA ASP A 52 0.12 7.86 8.67
C ASP A 52 1.64 7.95 8.92
N SER A 53 2.37 6.85 8.94
CA SER A 53 3.79 6.78 9.22
C SER A 53 4.33 5.45 8.69
N SER A 54 5.66 5.29 8.71
CA SER A 54 6.36 4.11 8.23
C SER A 54 6.17 3.91 6.73
N TRP A 55 5.76 4.97 6.03
CA TRP A 55 5.53 5.02 4.60
C TRP A 55 6.56 5.91 3.96
N THR A 56 6.76 5.68 2.66
CA THR A 56 7.73 6.39 1.87
C THR A 56 7.22 6.39 0.43
N GLN A 57 7.00 7.58 -0.13
CA GLN A 57 6.48 7.74 -1.48
C GLN A 57 7.54 7.27 -2.49
N VAL A 58 7.08 6.62 -3.56
CA VAL A 58 7.94 6.09 -4.62
C VAL A 58 7.50 6.58 -6.01
N GLY A 59 6.37 7.27 -6.15
CA GLY A 59 5.90 7.76 -7.44
C GLY A 59 4.41 7.99 -7.40
N SER A 60 3.77 7.95 -8.56
CA SER A 60 2.33 8.09 -8.74
C SER A 60 1.94 7.35 -10.01
N CYS A 61 0.70 6.83 -10.06
CA CYS A 61 0.18 6.14 -11.23
C CYS A 61 -0.43 7.15 -12.19
N ASN A 62 -1.22 8.02 -11.58
CA ASN A 62 -2.04 9.06 -12.14
C ASN A 62 -2.13 10.12 -11.06
N MET A 1 -7.08 10.40 -8.59
CA MET A 1 -8.49 10.38 -8.94
C MET A 1 -9.05 8.98 -8.72
N GLY A 2 -8.44 7.98 -9.36
CA GLY A 2 -8.85 6.58 -9.27
C GLY A 2 -7.65 5.68 -9.03
N ASP A 3 -6.86 6.01 -8.00
CA ASP A 3 -5.66 5.29 -7.59
C ASP A 3 -4.87 4.82 -8.82
N CYS A 4 -4.55 3.52 -8.94
CA CYS A 4 -3.86 2.99 -10.12
C CYS A 4 -4.88 2.34 -11.06
N ALA A 5 -6.03 1.92 -10.53
CA ALA A 5 -7.08 1.25 -11.27
C ALA A 5 -6.63 -0.11 -11.83
N ASN A 6 -5.57 -0.70 -11.25
CA ASN A 6 -5.03 -1.98 -11.64
C ASN A 6 -4.13 -2.53 -10.53
N ALA A 7 -3.26 -1.68 -9.96
CA ALA A 7 -2.38 -2.10 -8.88
C ALA A 7 -3.18 -2.21 -7.58
N ASN A 8 -2.56 -2.71 -6.51
CA ASN A 8 -3.25 -2.90 -5.24
C ASN A 8 -3.57 -1.55 -4.56
N VAL A 9 -4.86 -1.34 -4.29
CA VAL A 9 -5.41 -0.14 -3.67
C VAL A 9 -5.69 -0.40 -2.19
N TYR A 10 -5.36 0.50 -1.28
CA TYR A 10 -5.66 0.35 0.14
C TYR A 10 -7.12 -0.11 0.37
N PRO A 11 -7.41 -1.12 1.23
CA PRO A 11 -6.52 -1.94 2.05
C PRO A 11 -6.13 -3.27 1.40
N ASN A 12 -5.94 -3.33 0.07
CA ASN A 12 -5.47 -4.53 -0.62
C ASN A 12 -3.98 -4.65 -0.30
N TRP A 13 -3.66 -4.90 0.97
CA TRP A 13 -2.31 -5.01 1.42
C TRP A 13 -1.59 -6.14 0.69
N VAL A 14 -0.30 -5.96 0.49
CA VAL A 14 0.50 -6.95 -0.20
C VAL A 14 0.62 -8.21 0.66
N SER A 15 0.85 -8.07 1.97
CA SER A 15 0.97 -9.22 2.85
C SER A 15 -0.39 -9.56 3.43
N LYS A 16 -0.57 -10.86 3.63
CA LYS A 16 -1.77 -11.52 4.08
C LYS A 16 -1.62 -12.21 5.43
N ASP A 17 -2.77 -12.59 6.00
CA ASP A 17 -2.85 -13.32 7.26
C ASP A 17 -2.06 -14.63 7.13
N TRP A 18 -2.09 -15.24 5.94
CA TRP A 18 -1.40 -16.46 5.58
C TRP A 18 -1.29 -16.45 4.05
N ALA A 19 -0.51 -17.38 3.48
CA ALA A 19 -0.23 -17.51 2.05
C ALA A 19 -1.43 -17.17 1.16
N GLY A 20 -2.54 -17.88 1.30
CA GLY A 20 -3.76 -17.66 0.53
C GLY A 20 -4.85 -16.97 1.35
N GLY A 21 -4.46 -16.23 2.39
CA GLY A 21 -5.38 -15.52 3.26
C GLY A 21 -5.73 -14.13 2.75
N GLN A 22 -6.48 -13.40 3.56
CA GLN A 22 -6.88 -12.03 3.27
C GLN A 22 -5.70 -11.10 3.59
N PRO A 23 -5.62 -9.92 2.94
CA PRO A 23 -4.58 -8.95 3.25
C PRO A 23 -4.63 -8.58 4.73
N THR A 24 -3.51 -8.15 5.28
CA THR A 24 -3.48 -7.76 6.68
C THR A 24 -2.42 -6.68 6.96
N HIS A 25 -1.61 -6.31 5.96
CA HIS A 25 -0.52 -5.29 6.10
C HIS A 25 0.48 -5.29 4.94
N ASN A 26 1.31 -4.24 4.89
CA ASN A 26 2.38 -4.07 3.92
C ASN A 26 3.70 -4.09 4.70
N GLU A 27 4.72 -4.79 4.17
CA GLU A 27 6.03 -4.90 4.79
C GLU A 27 7.04 -4.11 3.97
N ALA A 28 8.24 -3.91 4.51
CA ALA A 28 9.32 -3.16 3.88
C ALA A 28 9.44 -3.49 2.39
N GLY A 29 9.37 -2.47 1.54
CA GLY A 29 9.48 -2.58 0.09
C GLY A 29 8.14 -2.88 -0.59
N GLN A 30 7.11 -3.28 0.15
CA GLN A 30 5.80 -3.57 -0.43
C GLN A 30 5.06 -2.26 -0.69
N SER A 31 4.61 -2.09 -1.94
CA SER A 31 3.89 -0.93 -2.43
C SER A 31 2.37 -1.07 -2.28
N ILE A 32 1.67 0.06 -2.41
CA ILE A 32 0.21 0.13 -2.35
C ILE A 32 -0.20 1.51 -2.89
N VAL A 33 -1.40 1.64 -3.43
CA VAL A 33 -1.91 2.92 -3.92
C VAL A 33 -3.06 3.39 -3.03
N TYR A 34 -3.25 4.71 -2.97
CA TYR A 34 -4.34 5.34 -2.27
C TYR A 34 -4.47 6.75 -2.83
N LYS A 35 -5.69 7.12 -3.23
CA LYS A 35 -6.05 8.40 -3.83
C LYS A 35 -4.93 8.96 -4.70
N GLY A 36 -4.81 8.32 -5.85
CA GLY A 36 -3.85 8.61 -6.91
C GLY A 36 -2.39 8.28 -6.56
N ASN A 37 -1.96 8.58 -5.33
CA ASN A 37 -0.57 8.39 -4.94
C ASN A 37 -0.25 6.94 -4.62
N LEU A 38 0.99 6.59 -4.95
CA LEU A 38 1.66 5.33 -4.80
C LEU A 38 2.59 5.47 -3.60
N TYR A 39 2.50 4.56 -2.63
CA TYR A 39 3.33 4.59 -1.43
C TYR A 39 3.93 3.21 -1.21
N THR A 40 5.10 3.18 -0.55
CA THR A 40 5.80 1.95 -0.20
C THR A 40 6.14 1.97 1.28
N ALA A 41 6.00 0.81 1.91
CA ALA A 41 6.29 0.60 3.31
C ALA A 41 7.78 0.50 3.51
N ASN A 42 8.22 1.09 4.62
CA ASN A 42 9.62 1.13 5.02
C ASN A 42 10.01 -0.08 5.86
N TRP A 43 9.10 -0.49 6.75
CA TRP A 43 9.33 -1.60 7.69
C TRP A 43 8.13 -2.54 7.71
N TYR A 44 7.03 -2.09 8.30
CA TYR A 44 5.79 -2.77 8.49
C TYR A 44 4.73 -1.71 8.70
N THR A 45 3.56 -1.82 8.08
CA THR A 45 2.52 -0.82 8.28
C THR A 45 1.19 -1.31 7.70
N ALA A 46 0.11 -0.74 8.23
CA ALA A 46 -1.27 -0.98 7.83
C ALA A 46 -2.09 0.30 8.05
N SER A 47 -1.45 1.46 8.12
CA SER A 47 -2.13 2.74 8.32
C SER A 47 -2.43 3.33 6.94
N VAL A 48 -3.32 4.33 6.88
CA VAL A 48 -3.69 4.99 5.64
C VAL A 48 -2.42 5.47 4.92
N PRO A 49 -2.07 4.89 3.75
CA PRO A 49 -0.88 5.24 2.98
C PRO A 49 -0.65 6.75 2.87
N GLY A 50 0.53 7.19 3.32
CA GLY A 50 0.94 8.59 3.33
C GLY A 50 0.83 9.19 4.73
N SER A 51 0.00 8.63 5.61
CA SER A 51 -0.21 9.12 6.96
C SER A 51 0.98 8.75 7.86
N ASP A 52 2.15 9.33 7.57
CA ASP A 52 3.40 9.09 8.31
C ASP A 52 3.58 7.58 8.50
N SER A 53 3.79 7.11 9.73
CA SER A 53 3.95 5.72 10.13
C SER A 53 5.19 4.99 9.58
N SER A 54 5.53 5.22 8.31
CA SER A 54 6.59 4.60 7.55
C SER A 54 6.52 5.23 6.15
N TRP A 55 5.45 4.86 5.46
CA TRP A 55 5.05 5.20 4.12
C TRP A 55 5.86 6.29 3.44
N THR A 56 6.56 5.84 2.41
CA THR A 56 7.41 6.61 1.55
C THR A 56 6.70 6.69 0.21
N GLN A 57 6.26 7.90 -0.18
CA GLN A 57 5.58 8.10 -1.45
C GLN A 57 6.58 7.84 -2.57
N VAL A 58 6.17 7.08 -3.59
CA VAL A 58 7.01 6.75 -4.74
C VAL A 58 6.50 7.44 -6.01
N GLY A 59 5.32 8.07 -5.99
CA GLY A 59 4.81 8.80 -7.14
C GLY A 59 3.29 8.88 -7.12
N SER A 60 2.73 9.31 -8.25
CA SER A 60 1.30 9.42 -8.51
C SER A 60 1.03 8.55 -9.74
N CYS A 61 0.13 7.59 -9.61
CA CYS A 61 -0.17 6.66 -10.69
C CYS A 61 -0.92 7.32 -11.83
N ASN A 62 -1.73 8.30 -11.46
CA ASN A 62 -2.63 9.04 -12.31
C ASN A 62 -2.52 10.51 -11.91
N MET A 1 -13.07 3.61 -10.14
CA MET A 1 -12.45 2.29 -10.06
C MET A 1 -11.47 2.28 -8.88
N GLY A 2 -10.33 2.94 -9.01
CA GLY A 2 -9.33 3.02 -7.95
C GLY A 2 -8.41 4.20 -8.21
N ASP A 3 -8.04 4.92 -7.15
CA ASP A 3 -7.19 6.12 -7.12
C ASP A 3 -6.09 6.11 -8.19
N CYS A 4 -5.36 5.00 -8.33
CA CYS A 4 -4.29 4.88 -9.33
C CYS A 4 -4.83 4.94 -10.76
N ALA A 5 -5.89 4.16 -10.97
CA ALA A 5 -6.66 3.90 -12.17
C ALA A 5 -7.30 2.53 -11.93
N ASN A 6 -6.46 1.52 -11.75
CA ASN A 6 -6.88 0.14 -11.51
C ASN A 6 -5.88 -0.66 -10.67
N ALA A 7 -4.77 -0.06 -10.24
CA ALA A 7 -3.75 -0.79 -9.47
C ALA A 7 -4.14 -0.91 -7.99
N ASN A 8 -3.23 -1.48 -7.17
CA ASN A 8 -3.43 -1.68 -5.74
C ASN A 8 -3.62 -0.34 -5.02
N VAL A 9 -4.88 0.04 -4.87
CA VAL A 9 -5.31 1.24 -4.19
C VAL A 9 -5.66 0.85 -2.76
N TYR A 10 -5.17 1.59 -1.77
CA TYR A 10 -5.47 1.30 -0.36
C TYR A 10 -6.99 1.10 -0.16
N PRO A 11 -7.46 0.09 0.59
CA PRO A 11 -6.70 -0.93 1.33
C PRO A 11 -6.47 -2.23 0.55
N ASN A 12 -6.32 -2.21 -0.77
CA ASN A 12 -6.02 -3.41 -1.54
C ASN A 12 -4.57 -3.79 -1.31
N TRP A 13 -4.26 -4.20 -0.07
CA TRP A 13 -2.93 -4.60 0.36
C TRP A 13 -2.29 -5.63 -0.56
N VAL A 14 -0.97 -5.72 -0.42
CA VAL A 14 -0.13 -6.66 -1.14
C VAL A 14 0.21 -7.85 -0.24
N SER A 15 0.27 -7.65 1.09
CA SER A 15 0.70 -8.70 2.01
C SER A 15 -0.41 -9.25 2.92
N LYS A 16 -0.27 -10.55 3.22
CA LYS A 16 -1.10 -11.38 4.06
C LYS A 16 -0.24 -11.89 5.20
N ASP A 17 -0.84 -12.16 6.37
CA ASP A 17 -0.08 -12.71 7.49
C ASP A 17 0.41 -14.12 7.14
N TRP A 18 -0.35 -14.84 6.30
CA TRP A 18 0.00 -16.17 5.84
C TRP A 18 -0.64 -16.38 4.45
N ALA A 19 -0.09 -17.32 3.68
CA ALA A 19 -0.48 -17.65 2.32
C ALA A 19 -1.99 -17.59 2.05
N GLY A 20 -2.77 -18.40 2.76
CA GLY A 20 -4.22 -18.47 2.57
C GLY A 20 -5.00 -17.45 3.40
N GLY A 21 -4.33 -16.54 4.10
CA GLY A 21 -5.00 -15.54 4.91
C GLY A 21 -5.41 -14.34 4.05
N GLN A 22 -6.49 -13.65 4.42
CA GLN A 22 -6.88 -12.46 3.68
C GLN A 22 -5.82 -11.39 3.97
N PRO A 23 -5.57 -10.44 3.06
CA PRO A 23 -4.60 -9.39 3.31
C PRO A 23 -4.89 -8.60 4.57
N THR A 24 -3.85 -7.99 5.11
CA THR A 24 -4.01 -7.15 6.27
C THR A 24 -2.86 -6.14 6.37
N HIS A 25 -2.00 -6.00 5.34
CA HIS A 25 -0.88 -5.07 5.44
C HIS A 25 -0.03 -5.00 4.16
N ASN A 26 0.86 -4.01 4.16
CA ASN A 26 1.85 -3.75 3.13
C ASN A 26 3.20 -3.97 3.79
N GLU A 27 3.81 -5.14 3.58
CA GLU A 27 5.10 -5.47 4.15
C GLU A 27 6.23 -4.60 3.57
N ALA A 28 7.39 -4.61 4.23
CA ALA A 28 8.56 -3.86 3.84
C ALA A 28 8.84 -4.01 2.34
N GLY A 29 9.08 -2.90 1.66
CA GLY A 29 9.37 -2.87 0.24
C GLY A 29 8.14 -3.02 -0.64
N GLN A 30 6.96 -3.35 -0.09
CA GLN A 30 5.77 -3.45 -0.92
C GLN A 30 5.28 -2.02 -1.16
N SER A 31 4.54 -1.83 -2.23
CA SER A 31 4.02 -0.53 -2.62
C SER A 31 2.49 -0.54 -2.63
N ILE A 32 1.88 0.64 -2.69
CA ILE A 32 0.43 0.81 -2.75
C ILE A 32 0.14 2.22 -3.24
N VAL A 33 -1.07 2.49 -3.76
CA VAL A 33 -1.45 3.81 -4.24
C VAL A 33 -2.60 4.36 -3.38
N TYR A 34 -2.67 5.69 -3.28
CA TYR A 34 -3.71 6.39 -2.55
C TYR A 34 -3.71 7.85 -3.01
N LYS A 35 -4.89 8.42 -3.30
CA LYS A 35 -5.07 9.79 -3.77
C LYS A 35 -4.17 10.13 -4.96
N GLY A 36 -3.91 9.10 -5.77
CA GLY A 36 -3.10 9.14 -6.96
C GLY A 36 -1.61 8.98 -6.68
N ASN A 37 -1.16 9.21 -5.45
CA ASN A 37 0.25 9.07 -5.09
C ASN A 37 0.55 7.62 -4.74
N LEU A 38 1.75 7.20 -5.12
CA LEU A 38 2.35 5.92 -4.91
C LEU A 38 3.16 5.99 -3.62
N TYR A 39 2.96 5.04 -2.70
CA TYR A 39 3.67 4.95 -1.44
C TYR A 39 4.23 3.55 -1.32
N THR A 40 5.17 3.37 -0.39
CA THR A 40 5.80 2.08 -0.12
C THR A 40 6.11 2.02 1.36
N ALA A 41 5.99 0.80 1.88
CA ALA A 41 6.19 0.46 3.29
C ALA A 41 7.65 0.14 3.58
N ASN A 42 8.06 0.55 4.77
CA ASN A 42 9.41 0.38 5.28
C ASN A 42 9.55 -0.90 6.09
N TRP A 43 8.51 -1.28 6.85
CA TRP A 43 8.54 -2.46 7.72
C TRP A 43 7.29 -3.32 7.56
N TYR A 44 6.20 -2.89 8.18
CA TYR A 44 4.93 -3.57 8.21
C TYR A 44 3.92 -2.48 8.52
N THR A 45 2.80 -2.40 7.80
CA THR A 45 1.84 -1.34 8.06
C THR A 45 0.53 -1.62 7.36
N ALA A 46 -0.55 -1.16 8.01
CA ALA A 46 -1.90 -1.20 7.49
C ALA A 46 -2.52 0.19 7.72
N SER A 47 -1.70 1.20 8.01
CA SER A 47 -2.16 2.56 8.22
C SER A 47 -2.47 3.16 6.85
N VAL A 48 -3.22 4.26 6.82
CA VAL A 48 -3.53 4.95 5.58
C VAL A 48 -2.19 5.44 4.98
N PRO A 49 -1.87 5.14 3.71
CA PRO A 49 -0.64 5.58 3.08
C PRO A 49 -0.32 7.06 3.35
N GLY A 50 0.85 7.33 3.93
CA GLY A 50 1.31 8.66 4.28
C GLY A 50 1.01 9.00 5.75
N SER A 51 0.01 8.35 6.35
CA SER A 51 -0.38 8.59 7.73
C SER A 51 0.62 7.89 8.67
N ASP A 52 1.80 8.50 8.78
CA ASP A 52 2.93 8.09 9.61
C ASP A 52 3.15 6.58 9.48
N SER A 53 3.30 5.84 10.60
CA SER A 53 3.48 4.40 10.68
C SER A 53 4.82 3.90 10.12
N SER A 54 5.12 4.25 8.87
CA SER A 54 6.25 3.74 8.13
C SER A 54 6.38 4.48 6.82
N TRP A 55 5.32 4.34 6.03
CA TRP A 55 5.10 4.84 4.68
C TRP A 55 5.99 5.98 4.23
N THR A 56 6.36 5.86 2.96
CA THR A 56 7.22 6.78 2.26
C THR A 56 6.70 6.87 0.82
N GLN A 57 6.52 8.09 0.32
CA GLN A 57 6.02 8.33 -1.03
C GLN A 57 7.13 8.01 -2.04
N VAL A 58 6.76 7.40 -3.18
CA VAL A 58 7.67 6.99 -4.23
C VAL A 58 7.29 7.55 -5.61
N GLY A 59 6.15 8.22 -5.76
CA GLY A 59 5.72 8.77 -7.04
C GLY A 59 4.22 8.95 -7.06
N SER A 60 3.65 8.86 -8.25
CA SER A 60 2.21 8.96 -8.48
C SER A 60 1.85 8.20 -9.75
N CYS A 61 0.61 7.73 -9.84
CA CYS A 61 0.08 7.00 -10.99
C CYS A 61 -0.47 7.98 -12.01
N ASN A 62 -1.36 8.82 -11.51
CA ASN A 62 -2.15 9.76 -12.27
C ASN A 62 -2.53 10.88 -11.31
N MET A 1 -9.25 8.05 -6.39
CA MET A 1 -9.21 9.04 -7.45
C MET A 1 -8.02 8.74 -8.37
N GLY A 2 -8.25 7.80 -9.30
CA GLY A 2 -7.24 7.34 -10.24
C GLY A 2 -6.08 6.67 -9.52
N ASP A 3 -6.38 6.05 -8.39
CA ASP A 3 -5.45 5.32 -7.55
C ASP A 3 -5.25 3.93 -8.16
N CYS A 4 -4.60 3.95 -9.33
CA CYS A 4 -4.25 2.86 -10.23
C CYS A 4 -4.44 1.44 -9.72
N ALA A 5 -5.68 0.99 -9.89
CA ALA A 5 -6.21 -0.33 -9.53
C ALA A 5 -5.39 -1.48 -10.11
N ASN A 6 -4.65 -1.23 -11.20
CA ASN A 6 -3.75 -2.20 -11.82
C ASN A 6 -2.79 -2.71 -10.74
N ALA A 7 -2.37 -1.80 -9.87
CA ALA A 7 -1.54 -2.04 -8.71
C ALA A 7 -2.48 -2.10 -7.52
N ASN A 8 -2.11 -2.83 -6.46
CA ASN A 8 -2.90 -2.97 -5.24
C ASN A 8 -3.39 -1.59 -4.78
N VAL A 9 -4.71 -1.39 -4.65
CA VAL A 9 -5.25 -0.11 -4.23
C VAL A 9 -5.80 -0.23 -2.82
N TYR A 10 -5.45 0.69 -1.92
CA TYR A 10 -5.91 0.67 -0.54
C TYR A 10 -7.43 0.44 -0.45
N PRO A 11 -7.94 -0.41 0.46
CA PRO A 11 -7.23 -1.22 1.45
C PRO A 11 -6.85 -2.62 0.95
N ASN A 12 -6.72 -2.85 -0.35
CA ASN A 12 -6.36 -4.15 -0.90
C ASN A 12 -4.87 -4.42 -0.65
N TRP A 13 -4.48 -4.63 0.61
CA TRP A 13 -3.11 -4.90 0.98
C TRP A 13 -2.51 -6.05 0.17
N VAL A 14 -1.18 -6.06 0.08
CA VAL A 14 -0.46 -7.10 -0.66
C VAL A 14 -0.31 -8.37 0.17
N SER A 15 -0.41 -8.27 1.50
CA SER A 15 -0.23 -9.42 2.37
C SER A 15 -1.14 -9.41 3.60
N LYS A 16 -1.20 -10.56 4.27
CA LYS A 16 -1.89 -10.85 5.47
C LYS A 16 -0.97 -10.73 6.67
N ASP A 17 0.24 -11.23 6.41
CA ASP A 17 1.43 -11.44 7.22
C ASP A 17 2.36 -12.17 6.27
N TRP A 18 1.76 -13.10 5.51
CA TRP A 18 2.36 -13.84 4.44
C TRP A 18 1.65 -13.38 3.16
N ALA A 19 2.22 -13.72 2.00
CA ALA A 19 1.71 -13.30 0.71
C ALA A 19 0.32 -13.87 0.40
N GLY A 20 0.21 -15.19 0.19
CA GLY A 20 -1.03 -15.85 -0.20
C GLY A 20 -2.14 -15.87 0.86
N GLY A 21 -2.02 -15.13 1.95
CA GLY A 21 -3.05 -15.07 2.98
C GLY A 21 -4.08 -13.99 2.63
N GLN A 22 -5.32 -14.10 3.14
CA GLN A 22 -6.32 -13.06 2.95
C GLN A 22 -5.71 -11.76 3.51
N PRO A 23 -5.55 -10.70 2.71
CA PRO A 23 -4.84 -9.50 3.13
C PRO A 23 -5.28 -8.89 4.46
N THR A 24 -4.33 -8.20 5.11
CA THR A 24 -4.54 -7.53 6.40
C THR A 24 -3.62 -6.30 6.58
N HIS A 25 -2.53 -6.17 5.80
CA HIS A 25 -1.58 -5.06 5.94
C HIS A 25 -0.45 -5.19 4.91
N ASN A 26 0.30 -4.11 4.69
CA ASN A 26 1.45 -4.11 3.80
C ASN A 26 2.71 -4.24 4.65
N GLU A 27 3.68 -5.00 4.16
CA GLU A 27 4.95 -5.24 4.80
C GLU A 27 6.06 -4.58 3.99
N ALA A 28 7.26 -4.54 4.57
CA ALA A 28 8.44 -3.95 3.98
C ALA A 28 8.58 -4.35 2.50
N GLY A 29 8.63 -3.36 1.61
CA GLY A 29 8.77 -3.55 0.18
C GLY A 29 7.43 -3.65 -0.55
N GLN A 30 6.33 -3.94 0.15
CA GLN A 30 5.02 -4.05 -0.48
C GLN A 30 4.46 -2.66 -0.78
N SER A 31 3.99 -2.50 -2.01
CA SER A 31 3.44 -1.27 -2.57
C SER A 31 1.92 -1.24 -2.50
N ILE A 32 1.33 -0.05 -2.66
CA ILE A 32 -0.12 0.13 -2.69
C ILE A 32 -0.43 1.54 -3.21
N VAL A 33 -1.56 1.75 -3.89
CA VAL A 33 -1.97 3.08 -4.34
C VAL A 33 -2.97 3.64 -3.34
N TYR A 34 -3.02 4.96 -3.27
CA TYR A 34 -3.96 5.72 -2.47
C TYR A 34 -4.04 7.11 -3.08
N LYS A 35 -5.21 7.47 -3.61
CA LYS A 35 -5.50 8.72 -4.28
C LYS A 35 -4.35 9.17 -5.19
N GLY A 36 -4.27 8.54 -6.36
CA GLY A 36 -3.28 8.80 -7.39
C GLY A 36 -1.85 8.37 -7.06
N ASN A 37 -1.38 8.62 -5.83
CA ASN A 37 -0.02 8.31 -5.44
C ASN A 37 0.14 6.84 -5.06
N LEU A 38 1.32 6.32 -5.38
CA LEU A 38 1.84 5.00 -5.14
C LEU A 38 2.73 5.11 -3.91
N TYR A 39 2.48 4.30 -2.88
CA TYR A 39 3.26 4.26 -1.67
C TYR A 39 3.77 2.84 -1.47
N THR A 40 4.71 2.68 -0.54
CA THR A 40 5.29 1.39 -0.19
C THR A 40 5.66 1.43 1.28
N ALA A 41 5.46 0.28 1.92
CA ALA A 41 5.75 0.10 3.32
C ALA A 41 7.23 -0.24 3.49
N ASN A 42 7.76 0.27 4.60
CA ASN A 42 9.17 0.15 4.98
C ASN A 42 9.37 -1.01 5.93
N TRP A 43 8.39 -1.25 6.81
CA TRP A 43 8.47 -2.33 7.79
C TRP A 43 7.18 -3.16 7.80
N TYR A 44 6.12 -2.62 8.40
CA TYR A 44 4.83 -3.24 8.59
C TYR A 44 3.81 -2.13 8.83
N THR A 45 2.71 -2.06 8.08
CA THR A 45 1.71 -1.04 8.32
C THR A 45 0.42 -1.33 7.56
N ALA A 46 -0.68 -0.84 8.17
CA ALA A 46 -2.04 -0.87 7.65
C ALA A 46 -2.61 0.54 7.79
N SER A 47 -1.77 1.56 8.07
CA SER A 47 -2.22 2.93 8.19
C SER A 47 -2.59 3.44 6.80
N VAL A 48 -3.35 4.54 6.70
CA VAL A 48 -3.70 5.09 5.41
C VAL A 48 -2.39 5.47 4.67
N PRO A 49 -2.10 4.90 3.50
CA PRO A 49 -0.89 5.19 2.74
C PRO A 49 -0.64 6.69 2.60
N GLY A 50 0.53 7.14 3.06
CA GLY A 50 0.93 8.54 3.03
C GLY A 50 0.70 9.22 4.37
N SER A 51 -0.31 8.79 5.14
CA SER A 51 -0.63 9.39 6.43
C SER A 51 0.38 8.94 7.49
N ASP A 52 1.60 9.48 7.40
CA ASP A 52 2.70 9.20 8.32
C ASP A 52 2.95 7.68 8.33
N SER A 53 3.10 7.07 9.51
CA SER A 53 3.38 5.66 9.65
C SER A 53 4.71 5.36 8.92
N SER A 54 4.89 4.13 8.44
CA SER A 54 6.11 3.78 7.73
C SER A 54 6.14 4.49 6.38
N TRP A 55 5.06 4.27 5.63
CA TRP A 55 4.81 4.67 4.26
C TRP A 55 5.75 5.70 3.63
N THR A 56 6.39 5.24 2.57
CA THR A 56 7.32 5.95 1.74
C THR A 56 6.70 6.00 0.34
N GLN A 57 6.59 7.20 -0.25
CA GLN A 57 6.02 7.35 -1.58
C GLN A 57 7.01 6.82 -2.62
N VAL A 58 6.49 6.15 -3.66
CA VAL A 58 7.27 5.56 -4.75
C VAL A 58 6.86 6.13 -6.11
N GLY A 59 5.71 6.80 -6.25
CA GLY A 59 5.35 7.36 -7.53
C GLY A 59 3.96 7.99 -7.50
N SER A 60 3.53 8.49 -8.66
CA SER A 60 2.24 9.12 -8.91
C SER A 60 1.72 8.59 -10.24
N CYS A 61 0.66 7.78 -10.22
CA CYS A 61 0.09 7.24 -11.45
C CYS A 61 -0.66 8.31 -12.21
N ASN A 62 -1.34 9.14 -11.43
CA ASN A 62 -2.27 10.13 -11.88
C ASN A 62 -2.31 11.13 -10.74
N MET A 1 -12.53 4.62 -6.63
CA MET A 1 -11.47 3.61 -6.60
C MET A 1 -10.51 3.81 -7.78
N GLY A 2 -9.54 2.91 -7.91
CA GLY A 2 -8.53 2.96 -8.96
C GLY A 2 -7.77 4.28 -8.94
N ASP A 3 -7.42 4.73 -7.73
CA ASP A 3 -6.73 5.98 -7.42
C ASP A 3 -5.54 6.27 -8.35
N CYS A 4 -4.81 5.23 -8.78
CA CYS A 4 -3.68 5.36 -9.70
C CYS A 4 -4.18 5.40 -11.14
N ALA A 5 -5.06 4.45 -11.43
CA ALA A 5 -5.74 4.15 -12.68
C ALA A 5 -6.37 2.78 -12.48
N ASN A 6 -5.52 1.81 -12.12
CA ASN A 6 -5.91 0.43 -11.88
C ASN A 6 -4.97 -0.28 -10.88
N ALA A 7 -3.91 0.38 -10.39
CA ALA A 7 -2.99 -0.29 -9.47
C ALA A 7 -3.57 -0.37 -8.06
N ASN A 8 -3.06 -1.31 -7.26
CA ASN A 8 -3.47 -1.60 -5.88
C ASN A 8 -3.74 -0.33 -5.07
N VAL A 9 -5.02 -0.05 -4.80
CA VAL A 9 -5.47 1.09 -4.03
C VAL A 9 -5.83 0.61 -2.62
N TYR A 10 -5.36 1.30 -1.59
CA TYR A 10 -5.67 0.96 -0.19
C TYR A 10 -7.17 0.67 0.00
N PRO A 11 -7.58 -0.41 0.71
CA PRO A 11 -6.80 -1.45 1.37
C PRO A 11 -6.52 -2.69 0.51
N ASN A 12 -6.34 -2.57 -0.81
CA ASN A 12 -6.00 -3.70 -1.66
C ASN A 12 -4.51 -4.02 -1.46
N TRP A 13 -4.15 -4.33 -0.22
CA TRP A 13 -2.87 -4.66 0.28
C TRP A 13 -2.27 -5.82 -0.47
N VAL A 14 -0.94 -5.91 -0.43
CA VAL A 14 -0.23 -6.95 -1.11
C VAL A 14 -0.26 -8.25 -0.28
N SER A 15 -0.38 -8.18 1.05
CA SER A 15 -0.35 -9.40 1.84
C SER A 15 -1.04 -9.34 3.21
N LYS A 16 -1.08 -10.53 3.81
CA LYS A 16 -1.48 -10.89 5.13
C LYS A 16 -0.21 -11.21 5.89
N ASP A 17 -0.39 -11.72 7.10
CA ASP A 17 0.70 -12.14 7.97
C ASP A 17 1.39 -13.37 7.37
N TRP A 18 0.62 -14.18 6.63
CA TRP A 18 1.06 -15.40 5.99
C TRP A 18 0.59 -15.42 4.53
N ALA A 19 1.37 -16.13 3.72
CA ALA A 19 1.21 -16.28 2.27
C ALA A 19 -0.24 -16.42 1.79
N GLY A 20 -0.93 -17.48 2.19
CA GLY A 20 -2.29 -17.75 1.73
C GLY A 20 -3.38 -16.94 2.44
N GLY A 21 -3.05 -16.02 3.35
CA GLY A 21 -4.09 -15.25 4.01
C GLY A 21 -4.66 -14.17 3.07
N GLN A 22 -5.95 -13.85 3.20
CA GLN A 22 -6.55 -12.76 2.45
C GLN A 22 -6.02 -11.49 3.12
N PRO A 23 -5.30 -10.61 2.42
CA PRO A 23 -4.59 -9.47 2.98
C PRO A 23 -5.17 -8.67 4.12
N THR A 24 -4.24 -7.98 4.79
CA THR A 24 -4.54 -7.08 5.88
C THR A 24 -3.46 -5.98 5.93
N HIS A 25 -2.48 -5.94 5.01
CA HIS A 25 -1.41 -4.95 5.11
C HIS A 25 -0.35 -5.06 4.01
N ASN A 26 0.54 -4.07 3.99
CA ASN A 26 1.69 -4.05 3.11
C ASN A 26 2.91 -4.24 4.00
N GLU A 27 3.86 -5.04 3.51
CA GLU A 27 5.11 -5.37 4.17
C GLU A 27 6.25 -4.63 3.49
N ALA A 28 7.42 -4.65 4.11
CA ALA A 28 8.63 -3.96 3.65
C ALA A 28 8.81 -4.09 2.14
N GLY A 29 8.92 -2.96 1.43
CA GLY A 29 9.13 -2.93 -0.01
C GLY A 29 7.85 -3.10 -0.82
N GLN A 30 6.76 -3.60 -0.22
CA GLN A 30 5.50 -3.79 -0.91
C GLN A 30 4.87 -2.41 -1.08
N SER A 31 4.49 -2.09 -2.31
CA SER A 31 3.91 -0.79 -2.66
C SER A 31 2.39 -0.84 -2.79
N ILE A 32 1.77 0.35 -2.80
CA ILE A 32 0.33 0.54 -2.92
C ILE A 32 0.07 1.98 -3.33
N VAL A 33 -1.18 2.32 -3.63
CA VAL A 33 -1.62 3.65 -4.03
C VAL A 33 -2.68 4.19 -3.08
N TYR A 34 -2.75 5.52 -2.99
CA TYR A 34 -3.77 6.24 -2.24
C TYR A 34 -3.82 7.64 -2.84
N LYS A 35 -4.95 7.97 -3.46
CA LYS A 35 -5.26 9.22 -4.14
C LYS A 35 -4.08 9.75 -4.95
N GLY A 36 -3.94 9.19 -6.15
CA GLY A 36 -2.91 9.53 -7.12
C GLY A 36 -1.51 9.08 -6.74
N ASN A 37 -1.11 9.28 -5.49
CA ASN A 37 0.23 8.96 -4.99
C ASN A 37 0.40 7.46 -4.77
N LEU A 38 1.64 7.04 -5.02
CA LEU A 38 2.21 5.71 -4.90
C LEU A 38 3.09 5.72 -3.65
N TYR A 39 2.92 4.75 -2.76
CA TYR A 39 3.69 4.62 -1.53
C TYR A 39 4.19 3.20 -1.36
N THR A 40 5.19 3.03 -0.49
CA THR A 40 5.81 1.76 -0.16
C THR A 40 5.96 1.67 1.36
N ALA A 41 5.79 0.45 1.89
CA ALA A 41 5.93 0.19 3.31
C ALA A 41 7.40 -0.07 3.65
N ASN A 42 7.76 0.37 4.85
CA ASN A 42 9.10 0.30 5.40
C ASN A 42 9.34 -1.03 6.10
N TRP A 43 8.30 -1.61 6.70
CA TRP A 43 8.39 -2.86 7.42
C TRP A 43 7.10 -3.65 7.34
N TYR A 44 6.05 -3.09 7.93
CA TYR A 44 4.72 -3.62 8.04
C TYR A 44 3.78 -2.46 8.33
N THR A 45 2.62 -2.38 7.66
CA THR A 45 1.64 -1.34 7.93
C THR A 45 0.36 -1.55 7.12
N ALA A 46 -0.76 -1.21 7.77
CA ALA A 46 -2.11 -1.20 7.23
C ALA A 46 -2.68 0.22 7.43
N SER A 47 -1.82 1.19 7.72
CA SER A 47 -2.23 2.57 7.95
C SER A 47 -2.49 3.23 6.60
N VAL A 48 -3.15 4.39 6.58
CA VAL A 48 -3.40 5.11 5.32
C VAL A 48 -2.07 5.38 4.62
N PRO A 49 -1.82 4.87 3.40
CA PRO A 49 -0.59 5.12 2.68
C PRO A 49 -0.31 6.62 2.58
N GLY A 50 0.82 7.07 3.13
CA GLY A 50 1.18 8.49 3.15
C GLY A 50 1.19 9.00 4.59
N SER A 51 0.41 8.38 5.47
CA SER A 51 0.39 8.71 6.89
C SER A 51 1.69 8.16 7.46
N ASP A 52 2.77 8.90 7.25
CA ASP A 52 4.12 8.58 7.67
C ASP A 52 4.15 7.98 9.06
N SER A 53 5.00 6.97 9.20
CA SER A 53 5.23 6.14 10.36
C SER A 53 5.97 4.89 9.88
N SER A 54 5.46 4.28 8.81
CA SER A 54 5.99 3.09 8.17
C SER A 54 5.71 3.15 6.66
N TRP A 55 5.27 4.30 6.15
CA TRP A 55 5.03 4.54 4.75
C TRP A 55 6.02 5.56 4.24
N THR A 56 6.25 5.50 2.93
CA THR A 56 7.19 6.34 2.23
C THR A 56 6.71 6.47 0.79
N GLN A 57 6.55 7.70 0.29
CA GLN A 57 6.07 7.93 -1.07
C GLN A 57 7.16 7.56 -2.08
N VAL A 58 6.76 6.94 -3.19
CA VAL A 58 7.64 6.53 -4.29
C VAL A 58 7.29 7.27 -5.58
N GLY A 59 6.11 7.88 -5.68
CA GLY A 59 5.73 8.61 -6.88
C GLY A 59 4.24 8.90 -6.85
N SER A 60 3.68 9.14 -8.04
CA SER A 60 2.27 9.39 -8.29
C SER A 60 1.99 8.97 -9.72
N CYS A 61 0.84 8.34 -9.99
CA CYS A 61 0.53 7.89 -11.35
C CYS A 61 -0.16 9.00 -12.14
N ASN A 62 -1.11 9.64 -11.47
CA ASN A 62 -2.00 10.62 -12.03
C ASN A 62 -2.41 11.56 -10.90
N MET A 1 -12.17 2.93 -10.99
CA MET A 1 -11.64 4.27 -10.87
C MET A 1 -10.90 4.42 -9.53
N GLY A 2 -9.88 3.58 -9.33
CA GLY A 2 -9.08 3.60 -8.12
C GLY A 2 -8.12 4.80 -8.13
N ASP A 3 -7.49 5.09 -6.99
CA ASP A 3 -6.54 6.20 -6.85
C ASP A 3 -5.51 6.17 -7.98
N CYS A 4 -5.00 5.00 -8.33
CA CYS A 4 -4.07 4.88 -9.46
C CYS A 4 -4.85 5.02 -10.76
N ALA A 5 -5.80 4.09 -10.88
CA ALA A 5 -6.74 3.86 -11.97
C ALA A 5 -7.34 2.49 -11.67
N ASN A 6 -6.48 1.47 -11.58
CA ASN A 6 -6.86 0.10 -11.32
C ASN A 6 -5.75 -0.68 -10.61
N ALA A 7 -4.94 -0.03 -9.75
CA ALA A 7 -3.89 -0.69 -8.99
C ALA A 7 -4.28 -0.63 -7.51
N ASN A 8 -3.76 -1.57 -6.69
CA ASN A 8 -4.04 -1.71 -5.25
C ASN A 8 -4.30 -0.40 -4.53
N VAL A 9 -5.58 -0.08 -4.35
CA VAL A 9 -6.03 1.13 -3.67
C VAL A 9 -6.14 0.79 -2.19
N TYR A 10 -5.47 1.49 -1.28
CA TYR A 10 -5.60 1.22 0.15
C TYR A 10 -7.10 1.14 0.52
N PRO A 11 -7.54 0.17 1.37
CA PRO A 11 -6.76 -0.86 2.05
C PRO A 11 -6.68 -2.19 1.29
N ASN A 12 -6.60 -2.20 -0.05
CA ASN A 12 -6.41 -3.41 -0.82
C ASN A 12 -4.95 -3.86 -0.65
N TRP A 13 -4.60 -4.26 0.57
CA TRP A 13 -3.28 -4.73 0.94
C TRP A 13 -2.75 -5.82 0.03
N VAL A 14 -1.45 -6.04 0.15
CA VAL A 14 -0.73 -7.04 -0.61
C VAL A 14 -0.69 -8.39 0.13
N SER A 15 -0.64 -8.39 1.47
CA SER A 15 -0.53 -9.63 2.24
C SER A 15 -1.29 -9.61 3.57
N LYS A 16 -1.35 -10.77 4.24
CA LYS A 16 -1.93 -11.07 5.51
C LYS A 16 -0.84 -11.08 6.59
N ASP A 17 0.08 -11.98 6.26
CA ASP A 17 1.30 -12.49 6.85
C ASP A 17 2.04 -13.04 5.64
N TRP A 18 1.31 -13.85 4.86
CA TRP A 18 1.72 -14.40 3.58
C TRP A 18 0.80 -13.75 2.53
N ALA A 19 1.05 -14.04 1.25
CA ALA A 19 0.32 -13.44 0.14
C ALA A 19 -1.10 -13.96 -0.03
N GLY A 20 -1.26 -15.27 -0.23
CA GLY A 20 -2.56 -15.88 -0.49
C GLY A 20 -3.57 -15.75 0.66
N GLY A 21 -3.11 -15.52 1.89
CA GLY A 21 -4.03 -15.36 3.02
C GLY A 21 -4.88 -14.11 2.80
N GLN A 22 -6.09 -14.04 3.38
CA GLN A 22 -6.91 -12.84 3.23
C GLN A 22 -6.06 -11.70 3.83
N PRO A 23 -5.89 -10.55 3.16
CA PRO A 23 -4.99 -9.53 3.65
C PRO A 23 -5.27 -8.93 5.01
N THR A 24 -4.19 -8.33 5.54
CA THR A 24 -4.14 -7.61 6.80
C THR A 24 -3.04 -6.53 6.75
N HIS A 25 -2.19 -6.46 5.71
CA HIS A 25 -1.08 -5.51 5.72
C HIS A 25 -0.25 -5.43 4.42
N ASN A 26 0.65 -4.45 4.43
CA ASN A 26 1.64 -4.16 3.42
C ASN A 26 3.01 -4.24 4.11
N GLU A 27 3.91 -5.09 3.61
CA GLU A 27 5.24 -5.29 4.16
C GLU A 27 6.25 -4.35 3.52
N ALA A 28 7.45 -4.30 4.11
CA ALA A 28 8.53 -3.44 3.64
C ALA A 28 8.74 -3.65 2.15
N GLY A 29 8.75 -2.56 1.39
CA GLY A 29 8.97 -2.61 -0.04
C GLY A 29 7.72 -2.96 -0.84
N GLN A 30 6.58 -3.31 -0.22
CA GLN A 30 5.38 -3.61 -0.98
C GLN A 30 4.69 -2.28 -1.23
N SER A 31 4.20 -2.05 -2.45
CA SER A 31 3.55 -0.78 -2.79
C SER A 31 2.03 -0.88 -2.71
N ILE A 32 1.40 0.29 -2.54
CA ILE A 32 -0.04 0.48 -2.46
C ILE A 32 -0.31 1.90 -2.98
N VAL A 33 -1.54 2.23 -3.35
CA VAL A 33 -1.89 3.55 -3.85
C VAL A 33 -2.97 4.17 -2.98
N TYR A 34 -2.90 5.49 -2.82
CA TYR A 34 -3.87 6.27 -2.07
C TYR A 34 -3.61 7.75 -2.40
N LYS A 35 -4.50 8.68 -2.05
CA LYS A 35 -4.37 10.11 -2.34
C LYS A 35 -3.82 10.38 -3.75
N GLY A 36 -4.29 9.58 -4.69
CA GLY A 36 -3.93 9.61 -6.09
C GLY A 36 -2.42 9.54 -6.31
N ASN A 37 -1.72 8.76 -5.49
CA ASN A 37 -0.27 8.61 -5.52
C ASN A 37 0.12 7.22 -5.02
N LEU A 38 1.31 6.78 -5.43
CA LEU A 38 1.96 5.53 -5.12
C LEU A 38 2.75 5.68 -3.83
N TYR A 39 2.59 4.73 -2.91
CA TYR A 39 3.31 4.67 -1.64
C TYR A 39 3.84 3.26 -1.45
N THR A 40 4.88 3.13 -0.64
CA THR A 40 5.50 1.86 -0.29
C THR A 40 5.78 1.91 1.20
N ALA A 41 5.67 0.76 1.87
CA ALA A 41 5.92 0.69 3.31
C ALA A 41 7.40 0.46 3.56
N ASN A 42 7.80 0.91 4.74
CA ASN A 42 9.16 0.82 5.26
C ASN A 42 9.31 -0.48 6.07
N TRP A 43 8.22 -0.90 6.72
CA TRP A 43 8.14 -2.11 7.52
C TRP A 43 6.79 -2.79 7.28
N TYR A 44 6.25 -3.42 8.31
CA TYR A 44 5.01 -4.18 8.33
C TYR A 44 3.94 -3.22 8.81
N THR A 45 2.95 -2.91 7.99
CA THR A 45 1.97 -1.92 8.41
C THR A 45 0.65 -2.06 7.66
N ALA A 46 -0.38 -1.55 8.31
CA ALA A 46 -1.74 -1.47 7.84
C ALA A 46 -2.26 -0.06 8.11
N SER A 47 -1.36 0.91 8.30
CA SER A 47 -1.76 2.29 8.57
C SER A 47 -2.14 2.99 7.27
N VAL A 48 -2.52 4.27 7.31
CA VAL A 48 -2.99 4.97 6.12
C VAL A 48 -1.80 5.55 5.33
N PRO A 49 -1.60 5.16 4.06
CA PRO A 49 -0.49 5.63 3.24
C PRO A 49 -0.35 7.13 3.11
N GLY A 50 0.85 7.64 3.40
CA GLY A 50 1.16 9.06 3.31
C GLY A 50 0.56 9.88 4.44
N SER A 51 -0.66 9.55 4.85
CA SER A 51 -1.34 10.27 5.91
C SER A 51 -0.63 10.10 7.24
N ASP A 52 0.02 8.95 7.46
CA ASP A 52 0.77 8.70 8.68
C ASP A 52 2.03 7.89 8.41
N SER A 53 2.76 7.62 9.48
CA SER A 53 4.02 6.89 9.60
C SER A 53 4.07 5.55 8.87
N SER A 54 5.28 5.03 8.71
CA SER A 54 5.65 3.75 8.11
C SER A 54 5.50 3.69 6.59
N TRP A 55 5.14 4.81 5.98
CA TRP A 55 4.96 4.95 4.55
C TRP A 55 5.94 5.92 3.96
N THR A 56 6.29 5.66 2.71
CA THR A 56 7.25 6.40 1.93
C THR A 56 6.62 6.54 0.54
N GLN A 57 6.39 7.78 0.10
CA GLN A 57 5.78 8.07 -1.20
C GLN A 57 6.82 7.77 -2.29
N VAL A 58 6.37 7.17 -3.40
CA VAL A 58 7.24 6.79 -4.52
C VAL A 58 6.81 7.46 -5.84
N GLY A 59 5.90 8.44 -5.78
CA GLY A 59 5.43 9.20 -6.94
C GLY A 59 3.99 8.84 -7.22
N SER A 60 3.61 8.93 -8.50
CA SER A 60 2.31 8.50 -8.96
C SER A 60 2.44 7.03 -9.35
N CYS A 61 1.34 6.39 -9.75
CA CYS A 61 1.50 5.03 -10.23
C CYS A 61 2.14 5.13 -11.60
N ASN A 62 3.46 4.97 -11.58
CA ASN A 62 4.21 4.93 -12.82
C ASN A 62 4.10 6.27 -13.55
N MET A 1 -7.69 11.02 -6.19
CA MET A 1 -8.68 10.58 -7.16
C MET A 1 -7.95 9.87 -8.31
N GLY A 2 -7.56 8.62 -8.09
CA GLY A 2 -6.86 7.81 -9.09
C GLY A 2 -6.18 6.64 -8.41
N ASP A 3 -6.93 5.96 -7.55
CA ASP A 3 -6.50 4.83 -6.74
C ASP A 3 -6.42 3.59 -7.64
N CYS A 4 -5.43 3.61 -8.55
CA CYS A 4 -5.13 2.64 -9.60
C CYS A 4 -5.35 1.18 -9.26
N ALA A 5 -6.56 0.76 -9.61
CA ALA A 5 -7.11 -0.59 -9.52
C ALA A 5 -6.18 -1.62 -10.18
N ASN A 6 -5.40 -1.15 -11.16
CA ASN A 6 -4.41 -1.96 -11.88
C ASN A 6 -3.44 -2.62 -10.89
N ALA A 7 -3.15 -1.94 -9.78
CA ALA A 7 -2.25 -2.39 -8.72
C ALA A 7 -3.03 -2.46 -7.41
N ASN A 8 -2.37 -2.92 -6.35
CA ASN A 8 -2.99 -3.02 -5.03
C ASN A 8 -3.42 -1.62 -4.57
N VAL A 9 -4.72 -1.43 -4.35
CA VAL A 9 -5.29 -0.16 -3.92
C VAL A 9 -5.51 -0.25 -2.42
N TYR A 10 -5.20 0.78 -1.63
CA TYR A 10 -5.48 0.72 -0.20
C TYR A 10 -6.97 0.43 0.05
N PRO A 11 -7.37 -0.48 0.98
CA PRO A 11 -6.55 -1.34 1.86
C PRO A 11 -6.40 -2.77 1.34
N ASN A 12 -6.40 -2.97 0.03
CA ASN A 12 -6.20 -4.26 -0.60
C ASN A 12 -4.71 -4.57 -0.47
N TRP A 13 -4.23 -4.76 0.76
CA TRP A 13 -2.83 -5.00 1.05
C TRP A 13 -2.24 -6.10 0.18
N VAL A 14 -0.93 -6.00 -0.05
CA VAL A 14 -0.23 -6.97 -0.87
C VAL A 14 -0.09 -8.29 -0.13
N SER A 15 -0.11 -8.30 1.21
CA SER A 15 0.06 -9.53 1.96
C SER A 15 -0.59 -9.55 3.34
N LYS A 16 -0.59 -10.76 3.89
CA LYS A 16 -0.98 -11.16 5.21
C LYS A 16 0.28 -11.58 5.96
N ASP A 17 0.00 -12.22 7.09
CA ASP A 17 0.95 -12.90 7.94
C ASP A 17 1.74 -13.90 7.07
N TRP A 18 1.00 -14.62 6.23
CA TRP A 18 1.49 -15.61 5.29
C TRP A 18 0.93 -15.31 3.89
N ALA A 19 1.70 -15.76 2.89
CA ALA A 19 1.45 -15.56 1.47
C ALA A 19 -0.02 -15.61 1.05
N GLY A 20 -0.67 -16.77 1.21
CA GLY A 20 -2.04 -16.97 0.77
C GLY A 20 -3.13 -16.47 1.72
N GLY A 21 -2.80 -15.81 2.83
CA GLY A 21 -3.86 -15.34 3.72
C GLY A 21 -4.56 -14.11 3.12
N GLN A 22 -5.83 -13.87 3.49
CA GLN A 22 -6.56 -12.68 3.05
C GLN A 22 -5.81 -11.48 3.65
N PRO A 23 -5.18 -10.61 2.83
CA PRO A 23 -4.30 -9.52 3.25
C PRO A 23 -4.70 -8.74 4.50
N THR A 24 -3.69 -8.25 5.24
CA THR A 24 -3.90 -7.49 6.48
C THR A 24 -2.95 -6.31 6.63
N HIS A 25 -1.95 -6.16 5.74
CA HIS A 25 -0.96 -5.10 5.88
C HIS A 25 0.05 -5.12 4.74
N ASN A 26 0.70 -3.97 4.54
CA ASN A 26 1.74 -3.79 3.55
C ASN A 26 3.07 -3.89 4.29
N GLU A 27 3.81 -4.94 3.97
CA GLU A 27 5.12 -5.27 4.50
C GLU A 27 6.22 -4.46 3.79
N ALA A 28 7.42 -4.40 4.36
CA ALA A 28 8.51 -3.63 3.79
C ALA A 28 8.70 -3.91 2.29
N GLY A 29 8.73 -2.84 1.49
CA GLY A 29 8.97 -2.91 0.07
C GLY A 29 7.74 -3.19 -0.80
N GLN A 30 6.59 -3.64 -0.27
CA GLN A 30 5.45 -3.85 -1.18
C GLN A 30 4.79 -2.49 -1.42
N SER A 31 4.37 -2.22 -2.65
CA SER A 31 3.77 -0.94 -3.01
C SER A 31 2.25 -0.98 -2.93
N ILE A 32 1.60 0.19 -2.92
CA ILE A 32 0.15 0.31 -2.90
C ILE A 32 -0.26 1.67 -3.47
N VAL A 33 -1.46 1.80 -4.06
CA VAL A 33 -1.94 3.08 -4.55
C VAL A 33 -2.90 3.65 -3.50
N TYR A 34 -2.95 4.97 -3.44
CA TYR A 34 -3.85 5.71 -2.59
C TYR A 34 -3.95 7.11 -3.15
N LYS A 35 -5.16 7.48 -3.60
CA LYS A 35 -5.53 8.75 -4.20
C LYS A 35 -4.44 9.28 -5.13
N GLY A 36 -4.39 8.68 -6.32
CA GLY A 36 -3.46 9.01 -7.39
C GLY A 36 -2.01 8.58 -7.10
N ASN A 37 -1.53 8.81 -5.88
CA ASN A 37 -0.16 8.54 -5.49
C ASN A 37 0.07 7.06 -5.22
N LEU A 38 1.33 6.65 -5.46
CA LEU A 38 1.90 5.35 -5.27
C LEU A 38 2.78 5.44 -4.03
N TYR A 39 2.54 4.58 -3.04
CA TYR A 39 3.30 4.53 -1.82
C TYR A 39 3.87 3.13 -1.63
N THR A 40 4.78 2.97 -0.67
CA THR A 40 5.41 1.72 -0.33
C THR A 40 5.78 1.78 1.15
N ALA A 41 5.75 0.63 1.80
CA ALA A 41 6.06 0.53 3.23
C ALA A 41 7.54 0.35 3.49
N ASN A 42 7.96 0.92 4.61
CA ASN A 42 9.34 0.90 5.08
C ASN A 42 9.60 -0.35 5.92
N TRP A 43 8.60 -0.78 6.70
CA TRP A 43 8.74 -1.95 7.56
C TRP A 43 7.48 -2.81 7.54
N TYR A 44 6.42 -2.32 8.18
CA TYR A 44 5.15 -3.00 8.33
C TYR A 44 4.09 -1.96 8.65
N THR A 45 2.97 -1.94 7.92
CA THR A 45 1.91 -1.00 8.23
C THR A 45 0.62 -1.35 7.51
N ALA A 46 -0.48 -0.97 8.15
CA ALA A 46 -1.84 -1.10 7.65
C ALA A 46 -2.56 0.24 7.87
N SER A 47 -1.81 1.32 8.14
CA SER A 47 -2.38 2.63 8.35
C SER A 47 -2.51 3.32 6.99
N VAL A 48 -3.16 4.48 6.91
CA VAL A 48 -3.41 5.16 5.64
C VAL A 48 -2.09 5.59 4.97
N PRO A 49 -1.83 5.18 3.71
CA PRO A 49 -0.64 5.54 2.97
C PRO A 49 -0.39 7.04 2.87
N GLY A 50 0.88 7.43 2.98
CA GLY A 50 1.32 8.81 2.92
C GLY A 50 1.02 9.57 4.20
N SER A 51 -0.20 9.40 4.70
CA SER A 51 -0.68 10.10 5.88
C SER A 51 -0.06 9.55 7.17
N ASP A 52 0.00 8.22 7.31
CA ASP A 52 0.42 7.60 8.55
C ASP A 52 1.80 6.91 8.48
N SER A 53 2.08 6.13 9.51
CA SER A 53 3.30 5.40 9.82
C SER A 53 3.81 4.40 8.78
N SER A 54 5.16 4.39 8.64
CA SER A 54 5.97 3.51 7.79
C SER A 54 5.67 3.67 6.32
N TRP A 55 5.14 4.81 5.87
CA TRP A 55 4.84 5.02 4.47
C TRP A 55 5.82 6.00 3.86
N THR A 56 6.01 5.83 2.56
CA THR A 56 6.93 6.60 1.76
C THR A 56 6.39 6.57 0.33
N GLN A 57 6.36 7.74 -0.33
CA GLN A 57 5.85 7.88 -1.68
C GLN A 57 6.92 7.44 -2.68
N VAL A 58 6.50 6.71 -3.72
CA VAL A 58 7.37 6.22 -4.79
C VAL A 58 6.98 6.83 -6.14
N GLY A 59 5.89 7.61 -6.21
CA GLY A 59 5.43 8.25 -7.43
C GLY A 59 3.92 8.38 -7.39
N SER A 60 3.31 8.37 -8.56
CA SER A 60 1.87 8.41 -8.76
C SER A 60 1.56 7.57 -10.00
N CYS A 61 0.33 7.07 -10.09
CA CYS A 61 -0.08 6.26 -11.23
C CYS A 61 -0.14 7.10 -12.50
N ASN A 62 -0.52 8.37 -12.29
CA ASN A 62 -0.78 9.36 -13.28
C ASN A 62 -0.32 10.70 -12.70
N MET A 1 -7.43 8.72 -13.63
CA MET A 1 -8.75 9.20 -13.26
C MET A 1 -9.01 9.13 -11.75
N GLY A 2 -8.11 8.52 -10.95
CA GLY A 2 -8.31 8.43 -9.51
C GLY A 2 -7.18 7.66 -8.82
N ASP A 3 -7.54 7.05 -7.68
CA ASP A 3 -6.64 6.28 -6.83
C ASP A 3 -6.19 5.00 -7.55
N CYS A 4 -5.18 5.17 -8.43
CA CYS A 4 -4.49 4.19 -9.27
C CYS A 4 -4.84 2.72 -9.00
N ALA A 5 -5.91 2.32 -9.68
CA ALA A 5 -6.49 0.99 -9.67
C ALA A 5 -5.57 -0.03 -10.34
N ASN A 6 -4.62 0.45 -11.15
CA ASN A 6 -3.65 -0.38 -11.85
C ASN A 6 -2.84 -1.21 -10.86
N ALA A 7 -2.60 -0.66 -9.67
CA ALA A 7 -1.86 -1.31 -8.59
C ALA A 7 -2.84 -1.63 -7.46
N ASN A 8 -2.38 -2.38 -6.45
CA ASN A 8 -3.23 -2.74 -5.32
C ASN A 8 -3.61 -1.46 -4.55
N VAL A 9 -4.89 -1.26 -4.28
CA VAL A 9 -5.43 -0.08 -3.62
C VAL A 9 -5.77 -0.38 -2.16
N TYR A 10 -5.35 0.42 -1.20
CA TYR A 10 -5.69 0.27 0.22
C TYR A 10 -7.18 -0.08 0.39
N PRO A 11 -7.57 -1.07 1.22
CA PRO A 11 -6.74 -1.93 2.05
C PRO A 11 -6.30 -3.23 1.36
N ASN A 12 -6.12 -3.27 0.04
CA ASN A 12 -5.64 -4.47 -0.64
C ASN A 12 -4.15 -4.62 -0.34
N TRP A 13 -3.81 -4.92 0.91
CA TRP A 13 -2.42 -5.10 1.31
C TRP A 13 -1.73 -6.15 0.45
N VAL A 14 -0.42 -6.02 0.30
CA VAL A 14 0.36 -6.95 -0.50
C VAL A 14 0.47 -8.29 0.26
N SER A 15 0.75 -8.25 1.57
CA SER A 15 0.94 -9.46 2.38
C SER A 15 -0.26 -9.75 3.29
N LYS A 16 -0.32 -11.00 3.70
CA LYS A 16 -1.30 -11.62 4.57
C LYS A 16 -0.60 -12.08 5.84
N ASP A 17 -1.37 -12.33 6.90
CA ASP A 17 -0.84 -12.90 8.12
C ASP A 17 -0.23 -14.28 7.82
N TRP A 18 -0.78 -15.00 6.83
CA TRP A 18 -0.32 -16.29 6.42
C TRP A 18 -0.74 -16.55 4.98
N ALA A 19 -0.03 -17.44 4.29
CA ALA A 19 -0.23 -17.82 2.89
C ALA A 19 -1.57 -18.53 2.69
N GLY A 20 -2.64 -17.74 2.74
CA GLY A 20 -4.03 -18.19 2.56
C GLY A 20 -5.01 -17.29 3.29
N GLY A 21 -4.55 -16.52 4.28
CA GLY A 21 -5.41 -15.60 5.02
C GLY A 21 -5.75 -14.38 4.18
N GLN A 22 -6.62 -13.51 4.70
CA GLN A 22 -6.96 -12.28 3.99
C GLN A 22 -5.77 -11.32 4.11
N PRO A 23 -5.55 -10.41 3.14
CA PRO A 23 -4.49 -9.43 3.23
C PRO A 23 -4.53 -8.74 4.59
N THR A 24 -3.37 -8.50 5.20
CA THR A 24 -3.33 -7.93 6.53
C THR A 24 -2.25 -6.86 6.69
N HIS A 25 -1.38 -6.65 5.69
CA HIS A 25 -0.30 -5.65 5.82
C HIS A 25 0.66 -5.60 4.63
N ASN A 26 1.43 -4.51 4.56
CA ASN A 26 2.49 -4.28 3.59
C ASN A 26 3.81 -4.34 4.37
N GLU A 27 4.82 -4.95 3.77
CA GLU A 27 6.16 -5.07 4.32
C GLU A 27 7.11 -4.16 3.55
N ALA A 28 8.35 -4.05 4.01
CA ALA A 28 9.34 -3.18 3.38
C ALA A 28 9.42 -3.47 1.87
N GLY A 29 9.33 -2.41 1.06
CA GLY A 29 9.40 -2.50 -0.38
C GLY A 29 8.07 -2.87 -1.05
N GLN A 30 7.03 -3.22 -0.28
CA GLN A 30 5.74 -3.57 -0.86
C GLN A 30 4.93 -2.30 -1.11
N SER A 31 4.43 -2.13 -2.34
CA SER A 31 3.67 -0.97 -2.77
C SER A 31 2.16 -1.10 -2.56
N ILE A 32 1.47 0.04 -2.67
CA ILE A 32 0.02 0.17 -2.55
C ILE A 32 -0.38 1.58 -2.98
N VAL A 33 -1.61 1.77 -3.44
CA VAL A 33 -2.18 3.07 -3.78
C VAL A 33 -3.21 3.41 -2.69
N TYR A 34 -3.55 4.68 -2.54
CA TYR A 34 -4.57 5.10 -1.60
C TYR A 34 -5.15 6.44 -2.05
N LYS A 35 -4.36 7.51 -2.02
CA LYS A 35 -4.72 8.85 -2.43
C LYS A 35 -3.86 9.28 -3.61
N GLY A 36 -4.44 9.10 -4.80
CA GLY A 36 -3.98 9.44 -6.15
C GLY A 36 -2.50 9.22 -6.47
N ASN A 37 -1.77 8.49 -5.64
CA ASN A 37 -0.34 8.28 -5.79
C ASN A 37 0.00 6.86 -5.39
N LEU A 38 1.16 6.40 -5.84
CA LEU A 38 1.76 5.12 -5.56
C LEU A 38 2.61 5.30 -4.30
N TYR A 39 2.38 4.51 -3.26
CA TYR A 39 3.13 4.54 -2.01
C TYR A 39 3.74 3.17 -1.78
N THR A 40 4.88 3.12 -1.08
CA THR A 40 5.55 1.89 -0.72
C THR A 40 5.94 1.96 0.74
N ALA A 41 5.88 0.79 1.39
CA ALA A 41 6.19 0.68 2.79
C ALA A 41 7.69 0.55 3.00
N ASN A 42 8.13 1.11 4.12
CA ASN A 42 9.52 1.16 4.55
C ASN A 42 9.85 -0.06 5.40
N TRP A 43 8.84 -0.54 6.14
CA TRP A 43 8.88 -1.69 7.00
C TRP A 43 7.48 -2.31 6.99
N TYR A 44 7.02 -2.77 8.15
CA TYR A 44 5.76 -3.42 8.41
C TYR A 44 4.72 -2.36 8.70
N THR A 45 3.61 -2.37 7.98
CA THR A 45 2.57 -1.38 8.22
C THR A 45 1.27 -1.85 7.59
N ALA A 46 0.16 -1.55 8.26
CA ALA A 46 -1.18 -1.90 7.86
C ALA A 46 -2.11 -0.74 8.20
N SER A 47 -1.68 0.49 7.92
CA SER A 47 -2.48 1.68 8.16
C SER A 47 -2.30 2.64 6.98
N VAL A 48 -3.26 3.57 6.89
CA VAL A 48 -3.46 4.57 5.85
C VAL A 48 -2.15 5.07 5.20
N PRO A 49 -1.85 4.64 3.97
CA PRO A 49 -0.67 5.02 3.22
C PRO A 49 -0.47 6.53 3.14
N GLY A 50 0.79 6.96 3.30
CA GLY A 50 1.22 8.35 3.25
C GLY A 50 0.79 9.16 4.48
N SER A 51 -0.41 8.89 5.00
CA SER A 51 -1.02 9.61 6.10
C SER A 51 -0.41 9.21 7.45
N ASP A 52 -0.22 7.91 7.70
CA ASP A 52 0.31 7.46 8.98
C ASP A 52 1.84 7.60 9.04
N SER A 53 2.58 6.51 8.77
CA SER A 53 4.03 6.49 8.82
C SER A 53 4.49 5.18 8.18
N SER A 54 5.79 4.99 8.04
CA SER A 54 6.40 3.84 7.38
C SER A 54 6.01 3.81 5.91
N TRP A 55 5.60 4.95 5.34
CA TRP A 55 5.21 5.06 3.96
C TRP A 55 6.05 6.11 3.27
N THR A 56 6.41 5.80 2.03
CA THR A 56 7.26 6.58 1.16
C THR A 56 6.61 6.58 -0.22
N GLN A 57 6.27 7.75 -0.75
CA GLN A 57 5.64 7.85 -2.05
C GLN A 57 6.67 7.50 -3.13
N VAL A 58 6.27 6.65 -4.09
CA VAL A 58 7.12 6.17 -5.19
C VAL A 58 6.68 6.76 -6.54
N GLY A 59 5.49 7.33 -6.64
CA GLY A 59 5.04 7.94 -7.87
C GLY A 59 3.69 8.61 -7.65
N SER A 60 3.31 9.53 -8.53
CA SER A 60 2.03 10.23 -8.48
C SER A 60 1.23 9.76 -9.69
N CYS A 61 -0.10 9.65 -9.54
CA CYS A 61 -0.98 9.16 -10.60
C CYS A 61 -1.98 10.21 -11.02
N ASN A 62 -2.64 10.81 -10.02
CA ASN A 62 -3.75 11.73 -10.21
C ASN A 62 -3.76 12.72 -9.05
N MET A 1 -10.03 10.15 -5.33
CA MET A 1 -10.85 9.10 -5.91
C MET A 1 -10.25 8.70 -7.27
N GLY A 2 -9.03 8.18 -7.25
CA GLY A 2 -8.31 7.73 -8.42
C GLY A 2 -7.05 7.03 -7.94
N ASP A 3 -6.55 6.04 -8.70
CA ASP A 3 -5.39 5.26 -8.34
C ASP A 3 -5.12 4.25 -9.47
N CYS A 4 -3.86 3.88 -9.69
CA CYS A 4 -3.46 2.89 -10.68
C CYS A 4 -3.86 1.49 -10.24
N ALA A 5 -5.13 1.21 -10.51
CA ALA A 5 -5.90 -0.01 -10.27
C ALA A 5 -5.11 -1.30 -10.51
N ASN A 6 -4.30 -1.30 -11.57
CA ASN A 6 -3.45 -2.44 -11.94
C ASN A 6 -2.56 -2.87 -10.77
N ALA A 7 -2.09 -1.92 -9.97
CA ALA A 7 -1.28 -2.16 -8.80
C ALA A 7 -2.20 -2.13 -7.57
N ASN A 8 -1.80 -2.83 -6.51
CA ASN A 8 -2.55 -2.92 -5.25
C ASN A 8 -3.09 -1.55 -4.82
N VAL A 9 -4.41 -1.41 -4.71
CA VAL A 9 -5.04 -0.17 -4.30
C VAL A 9 -5.38 -0.30 -2.83
N TYR A 10 -4.98 0.63 -1.97
CA TYR A 10 -5.34 0.57 -0.56
C TYR A 10 -6.86 0.35 -0.40
N PRO A 11 -7.35 -0.56 0.49
CA PRO A 11 -6.63 -1.43 1.43
C PRO A 11 -6.30 -2.84 0.90
N ASN A 12 -6.20 -3.04 -0.42
CA ASN A 12 -5.84 -4.34 -1.00
C ASN A 12 -4.35 -4.57 -0.75
N TRP A 13 -3.95 -4.76 0.50
CA TRP A 13 -2.56 -4.93 0.86
C TRP A 13 -1.87 -6.04 0.09
N VAL A 14 -0.55 -5.93 -0.03
CA VAL A 14 0.28 -6.91 -0.72
C VAL A 14 0.45 -8.14 0.17
N SER A 15 0.76 -7.96 1.46
CA SER A 15 0.97 -9.08 2.35
C SER A 15 -0.32 -9.42 3.08
N LYS A 16 -0.41 -10.68 3.47
CA LYS A 16 -1.49 -11.32 4.18
C LYS A 16 -1.01 -11.72 5.56
N ASP A 17 -1.95 -12.06 6.44
CA ASP A 17 -1.63 -12.58 7.76
C ASP A 17 -0.89 -13.91 7.59
N TRP A 18 -1.21 -14.67 6.55
CA TRP A 18 -0.61 -15.95 6.23
C TRP A 18 -0.82 -16.22 4.74
N ALA A 19 0.01 -17.09 4.16
CA ALA A 19 0.04 -17.45 2.75
C ALA A 19 -1.34 -17.57 2.10
N GLY A 20 -2.19 -18.47 2.59
CA GLY A 20 -3.52 -18.69 2.04
C GLY A 20 -4.61 -17.80 2.66
N GLY A 21 -4.22 -16.78 3.43
CA GLY A 21 -5.16 -15.88 4.08
C GLY A 21 -5.57 -14.74 3.14
N GLN A 22 -6.20 -13.72 3.73
CA GLN A 22 -6.63 -12.50 3.05
C GLN A 22 -5.59 -11.41 3.34
N PRO A 23 -5.52 -10.33 2.54
CA PRO A 23 -4.61 -9.23 2.79
C PRO A 23 -4.70 -8.74 4.22
N THR A 24 -3.59 -8.24 4.77
CA THR A 24 -3.55 -7.77 6.15
C THR A 24 -2.61 -6.58 6.33
N HIS A 25 -1.67 -6.34 5.40
CA HIS A 25 -0.69 -5.25 5.56
C HIS A 25 0.33 -5.18 4.43
N ASN A 26 1.05 -4.06 4.37
CA ASN A 26 2.12 -3.84 3.40
C ASN A 26 3.42 -3.85 4.19
N GLU A 27 4.25 -4.85 3.94
CA GLU A 27 5.54 -5.02 4.57
C GLU A 27 6.59 -4.17 3.85
N ALA A 28 7.76 -4.03 4.47
CA ALA A 28 8.88 -3.25 3.96
C ALA A 28 9.10 -3.48 2.46
N GLY A 29 9.14 -2.40 1.68
CA GLY A 29 9.37 -2.45 0.25
C GLY A 29 8.13 -2.77 -0.57
N GLN A 30 7.00 -3.14 0.05
CA GLN A 30 5.78 -3.47 -0.68
C GLN A 30 5.04 -2.17 -0.99
N SER A 31 4.73 -1.96 -2.27
CA SER A 31 4.05 -0.79 -2.81
C SER A 31 2.52 -0.90 -2.74
N ILE A 32 1.83 0.23 -2.87
CA ILE A 32 0.37 0.33 -2.87
C ILE A 32 -0.01 1.70 -3.44
N VAL A 33 -1.17 1.83 -4.10
CA VAL A 33 -1.63 3.12 -4.58
C VAL A 33 -2.72 3.63 -3.64
N TYR A 34 -2.89 4.95 -3.62
CA TYR A 34 -3.91 5.64 -2.87
C TYR A 34 -3.99 7.09 -3.35
N LYS A 35 -5.18 7.55 -3.77
CA LYS A 35 -5.44 8.90 -4.26
C LYS A 35 -4.34 9.37 -5.21
N GLY A 36 -4.17 8.55 -6.22
CA GLY A 36 -3.25 8.70 -7.34
C GLY A 36 -1.79 8.42 -7.00
N ASN A 37 -1.38 8.79 -5.79
CA ASN A 37 -0.02 8.61 -5.33
C ASN A 37 0.26 7.13 -5.08
N LEU A 38 1.51 6.76 -5.38
CA LEU A 38 2.12 5.48 -5.24
C LEU A 38 2.98 5.54 -3.97
N TYR A 39 2.70 4.70 -2.99
CA TYR A 39 3.45 4.66 -1.74
C TYR A 39 4.01 3.26 -1.50
N THR A 40 5.08 3.18 -0.71
CA THR A 40 5.72 1.94 -0.32
C THR A 40 5.95 1.97 1.18
N ALA A 41 5.79 0.80 1.81
CA ALA A 41 5.96 0.64 3.25
C ALA A 41 7.43 0.54 3.61
N ASN A 42 7.75 1.10 4.78
CA ASN A 42 9.10 1.17 5.30
C ASN A 42 9.46 -0.09 6.07
N TRP A 43 8.50 -0.63 6.81
CA TRP A 43 8.72 -1.81 7.65
C TRP A 43 7.47 -2.68 7.66
N TYR A 44 6.40 -2.16 8.25
CA TYR A 44 5.12 -2.74 8.43
C TYR A 44 4.11 -1.61 8.59
N THR A 45 2.92 -1.77 8.02
CA THR A 45 1.84 -0.80 8.13
C THR A 45 0.61 -1.37 7.42
N ALA A 46 -0.55 -1.04 7.99
CA ALA A 46 -1.87 -1.42 7.52
C ALA A 46 -2.82 -0.29 7.94
N SER A 47 -2.39 0.95 7.70
CA SER A 47 -3.09 2.15 8.13
C SER A 47 -3.76 2.90 6.98
N VAL A 48 -3.17 4.03 6.57
CA VAL A 48 -3.59 4.90 5.50
C VAL A 48 -2.28 5.43 4.90
N PRO A 49 -1.98 5.13 3.61
CA PRO A 49 -0.75 5.55 2.98
C PRO A 49 -0.38 7.02 3.14
N GLY A 50 0.88 7.23 3.53
CA GLY A 50 1.48 8.53 3.75
C GLY A 50 1.01 9.19 5.05
N SER A 51 -0.29 9.11 5.35
CA SER A 51 -0.88 9.79 6.49
C SER A 51 -0.29 9.39 7.84
N ASP A 52 -0.32 8.10 8.16
CA ASP A 52 0.13 7.59 9.46
C ASP A 52 1.64 7.45 9.57
N SER A 53 2.29 7.29 8.41
CA SER A 53 3.71 7.12 8.20
C SER A 53 4.07 5.62 8.24
N SER A 54 5.36 5.32 8.03
CA SER A 54 5.94 3.99 7.81
C SER A 54 5.63 3.69 6.35
N TRP A 55 5.52 4.78 5.60
CA TRP A 55 5.16 4.92 4.23
C TRP A 55 6.13 5.91 3.62
N THR A 56 6.27 5.81 2.32
CA THR A 56 7.18 6.62 1.56
C THR A 56 6.65 6.70 0.14
N GLN A 57 6.35 7.90 -0.35
CA GLN A 57 5.82 8.08 -1.70
C GLN A 57 6.94 7.81 -2.71
N VAL A 58 6.64 6.95 -3.69
CA VAL A 58 7.57 6.58 -4.76
C VAL A 58 7.16 7.29 -6.07
N GLY A 59 5.96 7.87 -6.14
CA GLY A 59 5.51 8.58 -7.33
C GLY A 59 4.00 8.75 -7.28
N SER A 60 3.41 8.93 -8.46
CA SER A 60 1.99 9.07 -8.69
C SER A 60 1.75 8.57 -10.11
N CYS A 61 0.72 7.74 -10.33
CA CYS A 61 0.46 7.21 -11.66
C CYS A 61 -0.48 8.09 -12.46
N ASN A 62 -1.52 8.55 -11.77
CA ASN A 62 -2.63 9.26 -12.35
C ASN A 62 -3.14 10.21 -11.27
N MET A 1 -13.31 1.16 -8.48
CA MET A 1 -12.84 2.51 -8.75
C MET A 1 -11.59 2.78 -7.89
N GLY A 2 -10.65 1.83 -7.87
CA GLY A 2 -9.42 1.94 -7.12
C GLY A 2 -8.57 3.09 -7.68
N ASP A 3 -8.41 4.16 -6.89
CA ASP A 3 -7.68 5.40 -7.17
C ASP A 3 -6.55 5.26 -8.21
N CYS A 4 -5.65 4.28 -8.06
CA CYS A 4 -4.55 4.09 -9.03
C CYS A 4 -5.09 3.98 -10.46
N ALA A 5 -6.03 3.05 -10.62
CA ALA A 5 -6.72 2.61 -11.82
C ALA A 5 -7.12 1.15 -11.58
N ASN A 6 -6.11 0.29 -11.39
CA ASN A 6 -6.30 -1.14 -11.17
C ASN A 6 -5.18 -1.78 -10.33
N ALA A 7 -4.21 -1.00 -9.83
CA ALA A 7 -3.12 -1.59 -9.05
C ALA A 7 -3.53 -1.81 -7.59
N ASN A 8 -2.60 -2.17 -6.71
CA ASN A 8 -2.89 -2.33 -5.29
C ASN A 8 -3.16 -0.97 -4.68
N VAL A 9 -4.44 -0.62 -4.55
CA VAL A 9 -4.88 0.64 -3.97
C VAL A 9 -5.35 0.36 -2.56
N TYR A 10 -4.82 1.05 -1.54
CA TYR A 10 -5.27 0.90 -0.15
C TYR A 10 -6.80 0.81 -0.07
N PRO A 11 -7.39 -0.15 0.68
CA PRO A 11 -6.77 -1.18 1.51
C PRO A 11 -6.44 -2.49 0.79
N ASN A 12 -6.20 -2.50 -0.52
CA ASN A 12 -5.79 -3.71 -1.22
C ASN A 12 -4.33 -3.99 -0.88
N TRP A 13 -4.05 -4.31 0.39
CA TRP A 13 -2.70 -4.57 0.87
C TRP A 13 -2.02 -5.71 0.10
N VAL A 14 -0.75 -5.96 0.44
CA VAL A 14 0.09 -6.94 -0.23
C VAL A 14 0.53 -8.09 0.69
N SER A 15 0.74 -7.84 1.99
CA SER A 15 1.33 -8.87 2.85
C SER A 15 0.40 -9.95 3.39
N LYS A 16 -0.56 -9.59 4.25
CA LYS A 16 -1.38 -10.51 4.98
C LYS A 16 -0.57 -11.55 5.75
N ASP A 17 -1.34 -12.54 6.19
CA ASP A 17 -0.94 -13.74 6.90
C ASP A 17 -0.43 -14.79 5.91
N TRP A 18 -1.14 -14.86 4.79
CA TRP A 18 -0.97 -15.81 3.72
C TRP A 18 0.16 -15.48 2.74
N ALA A 19 0.38 -16.42 1.83
CA ALA A 19 1.30 -16.36 0.70
C ALA A 19 0.46 -16.58 -0.57
N GLY A 20 -0.73 -15.98 -0.60
CA GLY A 20 -1.71 -16.09 -1.69
C GLY A 20 -3.14 -16.10 -1.13
N GLY A 21 -3.44 -15.17 -0.23
CA GLY A 21 -4.73 -15.02 0.42
C GLY A 21 -5.26 -13.61 0.19
N GLN A 22 -6.16 -13.15 1.06
CA GLN A 22 -6.72 -11.81 1.02
C GLN A 22 -5.67 -10.86 1.62
N PRO A 23 -5.96 -9.56 1.82
CA PRO A 23 -4.99 -8.64 2.41
C PRO A 23 -5.39 -8.18 3.82
N THR A 24 -4.40 -7.72 4.60
CA THR A 24 -4.60 -7.20 5.95
C THR A 24 -3.55 -6.15 6.32
N HIS A 25 -2.45 -6.00 5.55
CA HIS A 25 -1.38 -5.06 5.87
C HIS A 25 -0.26 -5.14 4.83
N ASN A 26 0.62 -4.13 4.80
CA ASN A 26 1.78 -4.05 3.93
C ASN A 26 3.04 -4.16 4.80
N GLU A 27 4.11 -4.72 4.25
CA GLU A 27 5.39 -4.88 4.94
C GLU A 27 6.51 -4.21 4.15
N ALA A 28 7.69 -4.17 4.77
CA ALA A 28 8.90 -3.57 4.24
C ALA A 28 9.08 -3.88 2.74
N GLY A 29 9.20 -2.84 1.92
CA GLY A 29 9.40 -2.94 0.49
C GLY A 29 8.11 -3.15 -0.31
N GLN A 30 6.99 -3.50 0.35
CA GLN A 30 5.73 -3.70 -0.35
C GLN A 30 5.08 -2.35 -0.64
N SER A 31 4.89 -2.03 -1.92
CA SER A 31 4.27 -0.81 -2.35
C SER A 31 2.75 -0.86 -2.28
N ILE A 32 2.10 0.30 -2.40
CA ILE A 32 0.65 0.44 -2.40
C ILE A 32 0.32 1.85 -2.91
N VAL A 33 -0.83 2.05 -3.54
CA VAL A 33 -1.26 3.35 -4.04
C VAL A 33 -2.41 3.85 -3.17
N TYR A 34 -2.64 5.16 -3.13
CA TYR A 34 -3.79 5.71 -2.42
C TYR A 34 -4.33 6.82 -3.32
N LYS A 35 -4.51 8.05 -2.83
CA LYS A 35 -5.01 9.12 -3.65
C LYS A 35 -3.93 9.57 -4.63
N GLY A 36 -3.87 8.83 -5.73
CA GLY A 36 -2.95 8.97 -6.84
C GLY A 36 -1.53 8.55 -6.50
N ASN A 37 -1.00 8.98 -5.35
CA ASN A 37 0.36 8.70 -4.93
C ASN A 37 0.57 7.23 -4.59
N LEU A 38 1.77 6.78 -4.95
CA LEU A 38 2.35 5.47 -4.77
C LEU A 38 3.30 5.58 -3.58
N TYR A 39 3.07 4.76 -2.56
CA TYR A 39 3.89 4.70 -1.35
C TYR A 39 4.41 3.29 -1.17
N THR A 40 5.32 3.12 -0.22
CA THR A 40 5.90 1.85 0.14
C THR A 40 6.22 1.91 1.62
N ALA A 41 6.05 0.76 2.28
CA ALA A 41 6.29 0.56 3.69
C ALA A 41 7.75 0.22 3.90
N ASN A 42 8.25 0.68 5.04
CA ASN A 42 9.64 0.49 5.43
C ASN A 42 9.80 -0.71 6.34
N TRP A 43 8.78 -1.01 7.15
CA TRP A 43 8.81 -2.14 8.09
C TRP A 43 7.50 -2.94 8.02
N TYR A 44 6.43 -2.38 8.58
CA TYR A 44 5.12 -2.96 8.71
C TYR A 44 4.12 -1.82 8.90
N THR A 45 2.97 -1.84 8.23
CA THR A 45 1.95 -0.81 8.42
C THR A 45 0.65 -1.23 7.73
N ALA A 46 -0.47 -0.78 8.30
CA ALA A 46 -1.82 -1.01 7.84
C ALA A 46 -2.66 0.23 8.20
N SER A 47 -2.05 1.41 8.09
CA SER A 47 -2.67 2.68 8.47
C SER A 47 -3.33 3.37 7.27
N VAL A 48 -2.67 4.41 6.76
CA VAL A 48 -3.09 5.23 5.63
C VAL A 48 -1.81 5.62 4.89
N PRO A 49 -1.59 5.14 3.66
CA PRO A 49 -0.39 5.46 2.88
C PRO A 49 -0.06 6.96 2.87
N GLY A 50 1.15 7.29 3.35
CA GLY A 50 1.64 8.67 3.41
C GLY A 50 1.35 9.34 4.74
N SER A 51 0.42 8.82 5.55
CA SER A 51 0.08 9.42 6.84
C SER A 51 1.17 9.09 7.87
N ASP A 52 2.32 9.75 7.73
CA ASP A 52 3.47 9.56 8.60
C ASP A 52 3.80 8.06 8.68
N SER A 53 4.01 7.49 9.88
CA SER A 53 4.33 6.09 10.05
C SER A 53 5.61 5.76 9.26
N SER A 54 5.72 4.52 8.81
CA SER A 54 6.84 4.03 8.03
C SER A 54 6.85 4.70 6.66
N TRP A 55 5.68 4.62 6.00
CA TRP A 55 5.39 5.05 4.65
C TRP A 55 6.32 6.09 4.06
N THR A 56 6.77 5.78 2.85
CA THR A 56 7.69 6.56 2.08
C THR A 56 7.13 6.57 0.65
N GLN A 57 7.00 7.76 0.05
CA GLN A 57 6.45 7.90 -1.29
C GLN A 57 7.48 7.47 -2.33
N VAL A 58 7.02 6.78 -3.39
CA VAL A 58 7.84 6.30 -4.49
C VAL A 58 7.36 6.85 -5.84
N GLY A 59 6.16 7.46 -5.92
CA GLY A 59 5.66 8.01 -7.17
C GLY A 59 4.19 8.30 -7.08
N SER A 60 3.51 8.17 -8.22
CA SER A 60 2.07 8.36 -8.37
C SER A 60 1.60 7.61 -9.62
N CYS A 61 0.48 6.89 -9.52
CA CYS A 61 -0.09 6.17 -10.66
C CYS A 61 -0.58 7.16 -11.68
N ASN A 62 -1.36 8.12 -11.17
CA ASN A 62 -2.06 9.13 -11.91
C ASN A 62 -2.28 10.27 -10.91
N MET A 1 -13.89 2.89 -6.59
CA MET A 1 -12.88 3.93 -6.77
C MET A 1 -11.48 3.34 -6.56
N GLY A 2 -11.02 2.50 -7.49
CA GLY A 2 -9.71 1.88 -7.41
C GLY A 2 -8.62 2.89 -7.82
N ASP A 3 -8.44 3.94 -7.00
CA ASP A 3 -7.54 5.08 -7.16
C ASP A 3 -6.41 4.91 -8.19
N CYS A 4 -5.56 3.90 -8.06
CA CYS A 4 -4.45 3.68 -8.99
C CYS A 4 -4.91 3.61 -10.45
N ALA A 5 -5.93 2.79 -10.68
CA ALA A 5 -6.55 2.43 -11.95
C ALA A 5 -6.11 1.02 -12.32
N ASN A 6 -4.83 0.70 -12.12
CA ASN A 6 -4.27 -0.57 -12.51
C ASN A 6 -3.15 -1.11 -11.59
N ALA A 7 -3.27 -0.98 -10.27
CA ALA A 7 -2.31 -1.57 -9.33
C ALA A 7 -2.93 -1.62 -7.94
N ASN A 8 -2.24 -2.26 -6.98
CA ASN A 8 -2.68 -2.42 -5.59
C ASN A 8 -3.17 -1.12 -4.97
N VAL A 9 -4.48 -0.99 -4.79
CA VAL A 9 -5.12 0.18 -4.19
C VAL A 9 -5.42 -0.15 -2.74
N TYR A 10 -5.07 0.72 -1.78
CA TYR A 10 -5.41 0.53 -0.38
C TYR A 10 -6.89 0.08 -0.24
N PRO A 11 -7.23 -0.96 0.56
CA PRO A 11 -6.38 -1.81 1.39
C PRO A 11 -5.98 -3.13 0.72
N ASN A 12 -5.75 -3.17 -0.59
CA ASN A 12 -5.30 -4.36 -1.28
C ASN A 12 -3.82 -4.58 -0.97
N TRP A 13 -3.50 -4.78 0.32
CA TRP A 13 -2.14 -4.97 0.78
C TRP A 13 -1.42 -6.11 0.07
N VAL A 14 -0.09 -6.04 0.07
CA VAL A 14 0.75 -7.06 -0.52
C VAL A 14 0.81 -8.26 0.42
N SER A 15 1.15 -8.06 1.70
CA SER A 15 1.18 -9.16 2.65
C SER A 15 -0.25 -9.43 3.13
N LYS A 16 -0.55 -10.71 3.33
CA LYS A 16 -1.87 -11.15 3.71
C LYS A 16 -1.86 -11.96 4.98
N ASP A 17 -3.07 -12.12 5.51
CA ASP A 17 -3.38 -12.92 6.70
C ASP A 17 -2.99 -14.38 6.47
N TRP A 18 -3.40 -14.79 5.28
CA TRP A 18 -3.37 -16.02 4.53
C TRP A 18 -3.21 -17.41 5.15
N ALA A 19 -3.53 -18.29 4.19
CA ALA A 19 -3.72 -19.73 4.10
C ALA A 19 -5.17 -19.81 3.63
N GLY A 20 -5.40 -19.14 2.49
CA GLY A 20 -6.66 -18.91 1.84
C GLY A 20 -7.37 -17.80 2.62
N GLY A 21 -6.74 -16.61 2.70
CA GLY A 21 -7.27 -15.47 3.44
C GLY A 21 -7.39 -14.22 2.56
N GLN A 22 -7.21 -13.06 3.19
CA GLN A 22 -7.27 -11.76 2.53
C GLN A 22 -6.05 -10.90 2.92
N PRO A 23 -5.75 -9.82 2.18
CA PRO A 23 -4.66 -8.90 2.50
C PRO A 23 -4.80 -8.39 3.94
N THR A 24 -3.66 -8.07 4.58
CA THR A 24 -3.70 -7.61 5.95
C THR A 24 -2.64 -6.51 6.21
N HIS A 25 -1.62 -6.35 5.35
CA HIS A 25 -0.58 -5.32 5.60
C HIS A 25 0.52 -5.26 4.53
N ASN A 26 1.32 -4.20 4.59
CA ASN A 26 2.45 -3.91 3.72
C ASN A 26 3.72 -3.95 4.58
N GLU A 27 4.76 -4.68 4.13
CA GLU A 27 6.02 -4.80 4.84
C GLU A 27 7.08 -3.94 4.16
N ALA A 28 8.20 -3.69 4.84
CA ALA A 28 9.30 -2.89 4.36
C ALA A 28 9.60 -3.17 2.89
N GLY A 29 9.58 -2.13 2.05
CA GLY A 29 9.86 -2.25 0.63
C GLY A 29 8.66 -2.68 -0.22
N GLN A 30 7.54 -3.14 0.37
CA GLN A 30 6.38 -3.50 -0.40
C GLN A 30 5.70 -2.18 -0.76
N SER A 31 5.21 -2.06 -2.00
CA SER A 31 4.57 -0.84 -2.48
C SER A 31 3.05 -1.02 -2.57
N ILE A 32 2.32 0.09 -2.52
CA ILE A 32 0.86 0.13 -2.62
C ILE A 32 0.47 1.53 -3.09
N VAL A 33 -0.79 1.75 -3.48
CA VAL A 33 -1.28 3.04 -3.95
C VAL A 33 -2.48 3.49 -3.12
N TYR A 34 -2.63 4.80 -2.96
CA TYR A 34 -3.77 5.43 -2.30
C TYR A 34 -3.93 6.81 -2.97
N LYS A 35 -5.16 7.20 -3.33
CA LYS A 35 -5.49 8.46 -4.01
C LYS A 35 -4.65 8.73 -5.25
N GLY A 36 -4.19 7.65 -5.88
CA GLY A 36 -3.40 7.63 -7.08
C GLY A 36 -1.90 7.67 -6.78
N ASN A 37 -1.50 8.16 -5.60
CA ASN A 37 -0.09 8.24 -5.22
C ASN A 37 0.38 6.87 -4.74
N LEU A 38 1.58 6.51 -5.17
CA LEU A 38 2.29 5.29 -4.90
C LEU A 38 3.16 5.50 -3.66
N TYR A 39 3.10 4.58 -2.70
CA TYR A 39 3.89 4.63 -1.48
C TYR A 39 4.48 3.25 -1.19
N THR A 40 5.53 3.23 -0.37
CA THR A 40 6.23 2.03 0.07
C THR A 40 6.43 2.13 1.57
N ALA A 41 6.30 1.01 2.28
CA ALA A 41 6.49 1.00 3.72
C ALA A 41 7.96 0.94 4.09
N ASN A 42 8.24 1.54 5.24
CA ASN A 42 9.55 1.63 5.85
C ASN A 42 9.84 0.38 6.70
N TRP A 43 8.81 -0.18 7.34
CA TRP A 43 8.98 -1.32 8.22
C TRP A 43 7.86 -2.37 8.09
N TYR A 44 6.68 -2.09 8.64
CA TYR A 44 5.53 -2.94 8.69
C TYR A 44 4.34 -2.04 8.98
N THR A 45 3.27 -2.07 8.17
CA THR A 45 2.15 -1.18 8.42
C THR A 45 0.94 -1.56 7.58
N ALA A 46 -0.23 -1.20 8.10
CA ALA A 46 -1.53 -1.32 7.47
C ALA A 46 -2.23 0.04 7.62
N SER A 47 -1.44 1.10 7.86
CA SER A 47 -1.95 2.45 8.03
C SER A 47 -2.17 3.04 6.64
N VAL A 48 -3.18 3.89 6.47
CA VAL A 48 -3.49 4.54 5.19
C VAL A 48 -2.19 5.10 4.58
N PRO A 49 -1.81 4.69 3.37
CA PRO A 49 -0.60 5.14 2.71
C PRO A 49 -0.42 6.66 2.72
N GLY A 50 0.73 7.13 3.19
CA GLY A 50 1.07 8.54 3.23
C GLY A 50 0.23 9.34 4.23
N SER A 51 -0.35 8.68 5.24
CA SER A 51 -1.15 9.35 6.24
C SER A 51 -0.27 10.28 7.08
N ASP A 52 0.55 9.67 7.94
CA ASP A 52 1.40 10.38 8.88
C ASP A 52 2.75 9.70 9.13
N SER A 53 2.82 8.37 9.08
CA SER A 53 4.03 7.65 9.41
C SER A 53 4.08 6.28 8.76
N SER A 54 5.25 5.64 8.79
CA SER A 54 5.62 4.32 8.32
C SER A 54 5.65 4.17 6.80
N TRP A 55 5.36 5.25 6.08
CA TRP A 55 5.32 5.30 4.63
C TRP A 55 6.38 6.22 4.04
N THR A 56 6.50 6.15 2.72
CA THR A 56 7.43 6.91 1.91
C THR A 56 6.83 6.90 0.49
N GLN A 57 6.61 8.08 -0.09
CA GLN A 57 6.04 8.19 -1.44
C GLN A 57 7.11 7.84 -2.48
N VAL A 58 6.68 7.21 -3.57
CA VAL A 58 7.57 6.78 -4.66
C VAL A 58 7.07 7.20 -6.05
N GLY A 59 5.87 7.79 -6.17
CA GLY A 59 5.35 8.21 -7.46
C GLY A 59 3.83 8.25 -7.41
N SER A 60 3.20 8.05 -8.57
CA SER A 60 1.76 8.01 -8.73
C SER A 60 1.42 7.22 -9.99
N CYS A 61 0.25 6.58 -10.01
CA CYS A 61 -0.24 5.84 -11.16
C CYS A 61 -0.84 6.80 -12.15
N ASN A 62 -1.66 7.69 -11.58
CA ASN A 62 -2.49 8.69 -12.17
C ASN A 62 -2.56 9.79 -11.13
#